data_5AVA
#
_entry.id   5AVA
#
_cell.length_a   95.210
_cell.length_b   122.838
_cell.length_c   97.664
_cell.angle_alpha   90.00
_cell.angle_beta   90.66
_cell.angle_gamma   90.00
#
_symmetry.space_group_name_H-M   'P 1 21 1'
#
loop_
_entity.id
_entity.type
_entity.pdbx_description
1 polymer Erythroagglutinin
2 branched beta-D-galactopyranose-(1-4)-2-acetamido-2-deoxy-beta-D-glucopyranose-(1-2)-alpha-D-mannopyranose-(1-6)-[2-acetamido-2-deoxy-beta-D-glucopyranose-(1-2)-alpha-D-mannopyranose-(1-3)][2-acetamido-2-deoxy-beta-D-glucopyranose-(1-4)]beta-D-mannopyranose-(1-4)-2-acetamido-2-deoxy-beta-D-glucopyranose
3 non-polymer 'MANGANESE (II) ION'
4 non-polymer 'CALCIUM ION'
5 water water
#
_entity_poly.entity_id   1
_entity_poly.type   'polypeptide(L)'
_entity_poly.pdbx_seq_one_letter_code
;MASSNLLSLALFLVLLTHANSASQTSFSFQRFNETNLILQRDATVSSKGQLRLTNVNDNGEPTLSSLGRAFYSAPIQIWD
NTTGAVASFATSFTFNIDVPNNSGPADGLAFVLLPVGSQPKDKGGLLGLFNNYKYDSNAHTVAVEFDTLYNVHWDPKPRH
IGIDVNSIKSIKTTTWDFVKGENAEVLITYDSSTKLLVASLVYPSLKTSFIVSDTVDLKSVLPEWVIVGFTATTGITKGN
VETNDILSWSFASKLSDGTTSEALNLANFALNQIL
;
_entity_poly.pdbx_strand_id   A,B,C,D,E,F,G,H
#
# COMPACT_ATOMS: atom_id res chain seq x y z
N ALA A 22 -32.49 -8.99 28.62
CA ALA A 22 -33.91 -9.20 28.22
C ALA A 22 -34.15 -8.89 26.73
N SER A 23 -33.66 -7.73 26.28
CA SER A 23 -33.62 -7.42 24.85
C SER A 23 -32.18 -7.19 24.41
N GLN A 24 -31.61 -8.15 23.70
CA GLN A 24 -30.21 -8.12 23.30
C GLN A 24 -30.07 -8.22 21.78
N THR A 25 -29.13 -7.44 21.23
CA THR A 25 -28.78 -7.51 19.82
C THR A 25 -27.27 -7.33 19.66
N SER A 26 -26.62 -8.26 18.97
CA SER A 26 -25.23 -8.08 18.56
C SER A 26 -24.99 -8.62 17.17
N PHE A 27 -24.10 -7.94 16.44
CA PHE A 27 -23.69 -8.36 15.11
C PHE A 27 -22.23 -8.03 14.86
N SER A 28 -21.63 -8.72 13.90
CA SER A 28 -20.19 -8.64 13.65
C SER A 28 -19.85 -8.99 12.20
N PHE A 29 -19.22 -8.06 11.48
CA PHE A 29 -18.87 -8.27 10.08
C PHE A 29 -17.43 -7.93 9.78
N GLN A 30 -16.74 -8.84 9.09
CA GLN A 30 -15.39 -8.60 8.60
C GLN A 30 -15.41 -8.10 7.15
N ARG A 31 -16.38 -8.58 6.38
CA ARG A 31 -16.70 -8.03 5.06
C ARG A 31 -18.09 -7.42 5.13
N PHE A 32 -18.37 -6.47 4.23
CA PHE A 32 -19.68 -5.88 4.13
C PHE A 32 -20.43 -6.34 2.88
N ASN A 33 -21.74 -6.14 2.91
CA ASN A 33 -22.62 -6.33 1.76
C ASN A 33 -23.77 -5.37 1.99
N GLU A 34 -24.26 -4.78 0.90
CA GLU A 34 -25.35 -3.80 0.97
C GLU A 34 -26.66 -4.40 1.50
N THR A 35 -26.86 -5.70 1.29
CA THR A 35 -28.09 -6.44 1.64
C THR A 35 -28.66 -6.11 3.03
N ASN A 36 -27.78 -5.93 4.02
CA ASN A 36 -28.25 -5.69 5.39
C ASN A 36 -27.96 -4.29 5.93
N LEU A 37 -27.74 -3.35 5.01
CA LEU A 37 -27.47 -1.98 5.38
C LEU A 37 -28.36 -1.00 4.63
N ILE A 38 -28.66 0.12 5.27
CA ILE A 38 -29.35 1.23 4.63
C ILE A 38 -28.28 2.25 4.22
N LEU A 39 -28.08 2.42 2.93
CA LEU A 39 -27.07 3.35 2.43
C LEU A 39 -27.71 4.64 1.96
N GLN A 40 -27.11 5.76 2.35
CA GLN A 40 -27.60 7.08 1.98
C GLN A 40 -26.54 7.88 1.25
N ARG A 41 -26.96 8.52 0.15
CA ARG A 41 -26.10 9.40 -0.66
C ARG A 41 -24.92 8.70 -1.35
N ASP A 42 -23.69 9.03 -0.94
CA ASP A 42 -22.49 8.52 -1.62
C ASP A 42 -21.93 7.22 -1.04
N ALA A 43 -22.51 6.77 0.07
CA ALA A 43 -22.09 5.56 0.75
C ALA A 43 -22.25 4.35 -0.16
N THR A 44 -21.15 3.63 -0.35
CA THR A 44 -21.10 2.48 -1.25
C THR A 44 -20.34 1.33 -0.63
N VAL A 45 -20.73 0.10 -0.97
CA VAL A 45 -20.03 -1.10 -0.53
C VAL A 45 -19.26 -1.64 -1.71
N SER A 46 -17.93 -1.63 -1.63
CA SER A 46 -17.08 -1.99 -2.75
C SER A 46 -17.01 -3.50 -2.98
N SER A 47 -16.46 -3.90 -4.13
CA SER A 47 -16.29 -5.31 -4.48
C SER A 47 -15.41 -6.07 -3.49
N LYS A 48 -14.45 -5.38 -2.88
CA LYS A 48 -13.56 -5.95 -1.86
C LYS A 48 -14.29 -6.19 -0.53
N GLY A 49 -15.47 -5.59 -0.41
CA GLY A 49 -16.30 -5.71 0.80
C GLY A 49 -16.06 -4.61 1.81
N GLN A 50 -15.60 -3.46 1.32
CA GLN A 50 -15.34 -2.31 2.16
C GLN A 50 -16.47 -1.28 2.09
N LEU A 51 -16.91 -0.80 3.25
CA LEU A 51 -17.95 0.22 3.32
C LEU A 51 -17.34 1.58 3.07
N ARG A 52 -17.52 2.08 1.85
CA ARG A 52 -16.92 3.34 1.44
C ARG A 52 -17.93 4.44 1.58
N LEU A 53 -17.85 5.14 2.72
CA LEU A 53 -18.86 6.13 3.10
C LEU A 53 -18.92 7.34 2.16
N THR A 54 -17.77 7.88 1.79
CA THR A 54 -17.70 8.97 0.83
C THR A 54 -17.18 8.52 -0.53
N ASN A 55 -17.54 9.28 -1.56
CA ASN A 55 -17.28 8.95 -2.95
C ASN A 55 -15.79 8.84 -3.33
N VAL A 56 -15.48 7.80 -4.10
CA VAL A 56 -14.15 7.58 -4.65
C VAL A 56 -14.26 7.35 -6.16
N ASN A 57 -13.56 8.16 -6.95
CA ASN A 57 -13.56 8.01 -8.41
C ASN A 57 -12.76 6.79 -8.88
N ASP A 58 -12.68 6.61 -10.19
CA ASP A 58 -12.12 5.40 -10.78
C ASP A 58 -10.63 5.18 -10.56
N ASN A 59 -9.90 6.25 -10.25
CA ASN A 59 -8.45 6.16 -10.01
C ASN A 59 -8.11 5.74 -8.60
N GLY A 60 -9.06 5.94 -7.69
CA GLY A 60 -8.82 5.72 -6.27
C GLY A 60 -8.90 7.05 -5.53
N GLU A 61 -9.01 8.13 -6.30
CA GLU A 61 -9.06 9.49 -5.74
C GLU A 61 -10.40 9.80 -5.10
N PRO A 62 -10.40 10.19 -3.81
CA PRO A 62 -11.61 10.75 -3.20
C PRO A 62 -11.97 12.12 -3.80
N THR A 63 -13.27 12.36 -3.98
CA THR A 63 -13.77 13.58 -4.62
C THR A 63 -14.24 14.61 -3.60
N LEU A 64 -14.33 15.87 -4.00
CA LEU A 64 -14.75 16.96 -3.11
C LEU A 64 -16.26 16.94 -2.83
N SER A 65 -16.66 17.68 -1.80
CA SER A 65 -18.07 17.86 -1.41
C SER A 65 -18.94 16.59 -1.33
N SER A 66 -18.35 15.48 -0.91
CA SER A 66 -19.08 14.22 -0.76
C SER A 66 -19.71 14.05 0.62
N LEU A 67 -20.82 13.31 0.67
CA LEU A 67 -21.46 12.93 1.92
C LEU A 67 -22.05 11.53 1.77
N GLY A 68 -21.79 10.68 2.76
CA GLY A 68 -22.35 9.33 2.81
C GLY A 68 -22.63 8.88 4.23
N ARG A 69 -23.73 8.16 4.39
CA ARG A 69 -24.09 7.59 5.68
C ARG A 69 -24.55 6.16 5.45
N ALA A 70 -24.19 5.25 6.36
CA ALA A 70 -24.62 3.86 6.29
C ALA A 70 -25.13 3.41 7.65
N PHE A 71 -26.15 2.56 7.64
CA PHE A 71 -26.79 2.09 8.87
C PHE A 71 -27.14 0.61 8.79
N TYR A 72 -27.21 -0.04 9.96
CA TYR A 72 -27.67 -1.42 10.04
C TYR A 72 -29.19 -1.46 9.84
N SER A 73 -29.65 -2.37 8.98
CA SER A 73 -31.06 -2.38 8.55
C SER A 73 -32.08 -2.49 9.69
N ALA A 74 -31.76 -3.27 10.71
CA ALA A 74 -32.62 -3.38 11.89
C ALA A 74 -32.41 -2.19 12.83
N PRO A 75 -33.52 -1.59 13.30
CA PRO A 75 -33.42 -0.52 14.30
C PRO A 75 -33.15 -1.10 15.69
N ILE A 76 -32.42 -0.35 16.51
CA ILE A 76 -32.04 -0.78 17.86
C ILE A 76 -32.78 0.03 18.90
N GLN A 77 -33.38 -0.66 19.87
CA GLN A 77 -34.09 0.02 20.96
C GLN A 77 -33.11 0.43 22.05
N ILE A 78 -33.03 1.75 22.29
CA ILE A 78 -32.09 2.33 23.26
C ILE A 78 -32.70 2.51 24.66
N TRP A 79 -34.02 2.71 24.73
CA TRP A 79 -34.72 2.78 26.01
C TRP A 79 -36.22 2.48 25.89
N ASP A 80 -36.85 2.23 27.02
CA ASP A 80 -38.28 1.94 27.09
C ASP A 80 -38.94 2.94 28.04
N ASN A 81 -40.03 3.57 27.59
CA ASN A 81 -40.70 4.62 28.37
C ASN A 81 -41.54 4.07 29.52
N THR A 82 -42.01 2.84 29.37
CA THR A 82 -42.78 2.17 30.42
C THR A 82 -41.87 1.80 31.60
N THR A 83 -40.88 0.93 31.34
CA THR A 83 -39.94 0.50 32.39
C THR A 83 -38.94 1.58 32.80
N GLY A 84 -38.65 2.51 31.89
CA GLY A 84 -37.68 3.57 32.13
C GLY A 84 -36.23 3.13 31.99
N ALA A 85 -36.03 1.88 31.59
CA ALA A 85 -34.70 1.26 31.48
C ALA A 85 -33.94 1.77 30.26
N VAL A 86 -32.63 1.97 30.44
CA VAL A 86 -31.75 2.43 29.37
C VAL A 86 -30.79 1.31 29.00
N ALA A 87 -30.52 1.18 27.70
CA ALA A 87 -29.64 0.15 27.17
C ALA A 87 -28.17 0.52 27.30
N SER A 88 -27.35 -0.51 27.53
CA SER A 88 -25.90 -0.40 27.47
C SER A 88 -25.44 -1.01 26.15
N PHE A 89 -24.65 -0.26 25.39
CA PHE A 89 -24.18 -0.74 24.10
C PHE A 89 -22.67 -0.59 23.95
N ALA A 90 -22.11 -1.45 23.09
CA ALA A 90 -20.71 -1.35 22.72
C ALA A 90 -20.58 -1.56 21.22
N THR A 91 -19.59 -0.88 20.62
CA THR A 91 -19.30 -1.07 19.20
C THR A 91 -17.82 -0.93 18.89
N SER A 92 -17.32 -1.84 18.07
CA SER A 92 -15.94 -1.74 17.59
C SER A 92 -15.88 -1.81 16.07
N PHE A 93 -15.13 -0.88 15.48
CA PHE A 93 -14.89 -0.88 14.05
C PHE A 93 -13.43 -0.58 13.71
N THR A 94 -13.03 -0.94 12.49
CA THR A 94 -11.71 -0.65 11.98
C THR A 94 -11.90 0.21 10.73
N PHE A 95 -11.48 1.48 10.81
CA PHE A 95 -11.62 2.38 9.67
C PHE A 95 -10.29 2.73 9.01
N ASN A 96 -10.38 3.19 7.76
CA ASN A 96 -9.22 3.72 7.05
C ASN A 96 -9.52 5.08 6.45
N ILE A 97 -8.76 6.09 6.84
CA ILE A 97 -8.82 7.40 6.22
C ILE A 97 -7.48 7.68 5.56
N ASP A 98 -7.50 7.93 4.26
CA ASP A 98 -6.29 8.17 3.49
C ASP A 98 -6.41 9.48 2.72
N VAL A 99 -5.29 10.16 2.51
CA VAL A 99 -5.26 11.44 1.81
C VAL A 99 -4.39 11.32 0.56
N PRO A 100 -4.89 11.81 -0.59
CA PRO A 100 -4.07 11.88 -1.81
C PRO A 100 -3.00 12.96 -1.71
N ASN A 101 -1.87 12.72 -2.36
CA ASN A 101 -0.77 13.69 -2.40
C ASN A 101 -1.24 15.05 -2.91
N ASN A 102 -0.68 16.12 -2.34
CA ASN A 102 -1.06 17.51 -2.64
C ASN A 102 -2.31 18.00 -1.93
N SER A 103 -2.76 17.24 -0.93
CA SER A 103 -3.96 17.59 -0.18
C SER A 103 -3.83 17.34 1.32
N GLY A 104 -4.69 17.99 2.09
CA GLY A 104 -4.87 17.68 3.50
C GLY A 104 -6.17 16.91 3.69
N PRO A 105 -6.36 16.32 4.88
CA PRO A 105 -7.60 15.60 5.17
C PRO A 105 -8.80 16.52 5.36
N ALA A 106 -10.00 15.94 5.26
CA ALA A 106 -11.28 16.63 5.50
C ALA A 106 -12.43 15.70 5.05
N ASP A 107 -13.52 15.66 5.80
CA ASP A 107 -13.71 16.40 7.05
C ASP A 107 -13.70 15.46 8.26
N GLY A 108 -13.99 14.18 8.02
CA GLY A 108 -13.94 13.19 9.08
C GLY A 108 -15.00 12.12 8.91
N LEU A 109 -15.06 11.17 9.84
CA LEU A 109 -16.15 10.21 9.90
C LEU A 109 -16.66 10.10 11.33
N ALA A 110 -17.88 9.58 11.49
CA ALA A 110 -18.48 9.45 12.82
C ALA A 110 -19.38 8.22 12.97
N PHE A 111 -19.28 7.55 14.12
CA PHE A 111 -20.28 6.56 14.50
C PHE A 111 -21.45 7.28 15.14
N VAL A 112 -22.66 6.97 14.67
CA VAL A 112 -23.86 7.71 15.07
C VAL A 112 -25.03 6.84 15.52
N LEU A 113 -25.86 7.41 16.40
CA LEU A 113 -27.17 6.88 16.73
C LEU A 113 -28.21 7.96 16.38
N LEU A 114 -29.15 7.62 15.50
CA LEU A 114 -30.08 8.60 14.95
C LEU A 114 -31.49 8.02 14.94
N PRO A 115 -32.53 8.88 14.89
CA PRO A 115 -33.90 8.37 14.89
C PRO A 115 -34.20 7.60 13.61
N VAL A 116 -35.04 6.56 13.70
CA VAL A 116 -35.38 5.75 12.54
C VAL A 116 -35.87 6.66 11.41
N GLY A 117 -35.28 6.48 10.22
CA GLY A 117 -35.68 7.21 9.03
C GLY A 117 -35.05 8.58 8.90
N SER A 118 -34.01 8.84 9.69
CA SER A 118 -33.30 10.13 9.65
C SER A 118 -32.63 10.34 8.31
N GLN A 119 -32.68 11.58 7.82
CA GLN A 119 -32.14 11.90 6.49
C GLN A 119 -30.92 12.83 6.60
N PRO A 120 -29.93 12.66 5.70
CA PRO A 120 -28.67 13.42 5.73
C PRO A 120 -28.90 14.92 5.77
N LYS A 121 -28.08 15.62 6.56
CA LYS A 121 -28.16 17.07 6.70
C LYS A 121 -27.02 17.72 5.89
N ASP A 122 -26.55 18.88 6.33
CA ASP A 122 -25.54 19.65 5.59
C ASP A 122 -24.16 19.01 5.62
N LYS A 123 -23.47 19.08 4.47
CA LYS A 123 -22.15 18.46 4.26
C LYS A 123 -21.00 19.25 4.93
N GLY A 124 -19.77 18.95 4.52
CA GLY A 124 -18.59 19.62 5.04
C GLY A 124 -18.30 19.31 6.51
N GLY A 125 -17.96 20.33 7.27
CA GLY A 125 -17.57 20.18 8.67
C GLY A 125 -18.69 19.76 9.60
N LEU A 126 -19.93 19.78 9.12
CA LEU A 126 -21.07 19.38 9.94
C LEU A 126 -21.37 17.87 9.85
N LEU A 127 -20.56 17.17 9.05
CA LEU A 127 -20.55 15.71 8.94
C LEU A 127 -21.88 15.05 8.57
N GLY A 128 -22.77 15.81 7.92
CA GLY A 128 -24.07 15.30 7.50
C GLY A 128 -25.07 15.04 8.63
N LEU A 129 -24.91 15.78 9.73
CA LEU A 129 -25.77 15.61 10.90
C LEU A 129 -26.44 16.91 11.34
N PHE A 130 -25.80 18.05 11.06
CA PHE A 130 -26.28 19.38 11.48
C PHE A 130 -26.35 20.39 10.32
N ASN A 131 -27.18 21.42 10.50
CA ASN A 131 -27.39 22.47 9.47
C ASN A 131 -26.60 23.75 9.73
N ASN A 132 -26.30 23.99 11.00
CA ASN A 132 -25.39 25.04 11.43
C ASN A 132 -24.55 24.48 12.58
N TYR A 133 -23.77 25.32 13.23
CA TYR A 133 -22.94 24.85 14.32
C TYR A 133 -23.52 25.16 15.70
N LYS A 134 -24.84 25.32 15.76
CA LYS A 134 -25.52 25.64 17.02
C LYS A 134 -26.13 24.39 17.64
N TYR A 135 -26.34 24.42 18.95
CA TYR A 135 -27.06 23.36 19.65
C TYR A 135 -28.50 23.30 19.15
N ASP A 136 -28.97 22.09 18.88
CA ASP A 136 -30.35 21.86 18.47
C ASP A 136 -30.90 20.67 19.24
N SER A 137 -31.71 20.94 20.27
CA SER A 137 -32.28 19.88 21.11
C SER A 137 -33.14 18.90 20.30
N ASN A 138 -33.73 19.38 19.21
CA ASN A 138 -34.52 18.53 18.30
C ASN A 138 -33.67 17.72 17.31
N ALA A 139 -32.35 17.81 17.43
CA ALA A 139 -31.43 17.05 16.57
C ALA A 139 -31.48 15.55 16.85
N HIS A 140 -31.75 15.19 18.10
CA HIS A 140 -31.80 13.80 18.54
C HIS A 140 -30.60 13.02 18.01
N THR A 141 -29.40 13.54 18.26
CA THR A 141 -28.18 13.01 17.65
C THR A 141 -27.06 12.80 18.69
N VAL A 142 -26.72 11.53 18.91
CA VAL A 142 -25.52 11.15 19.66
C VAL A 142 -24.53 10.55 18.66
N ALA A 143 -23.30 11.05 18.69
CA ALA A 143 -22.30 10.65 17.73
C ALA A 143 -20.90 10.80 18.30
N VAL A 144 -20.04 9.82 18.01
CA VAL A 144 -18.62 9.95 18.31
C VAL A 144 -17.92 10.30 17.01
N GLU A 145 -17.31 11.48 16.96
CA GLU A 145 -16.69 11.96 15.73
C GLU A 145 -15.20 11.68 15.71
N PHE A 146 -14.64 11.64 14.51
CA PHE A 146 -13.21 11.54 14.31
C PHE A 146 -12.82 12.63 13.33
N ASP A 147 -12.60 13.82 13.88
CA ASP A 147 -12.49 15.06 13.11
C ASP A 147 -11.08 15.27 12.56
N THR A 148 -10.97 15.33 11.23
CA THR A 148 -9.67 15.52 10.59
C THR A 148 -9.43 16.96 10.13
N LEU A 149 -10.41 17.83 10.33
CA LEU A 149 -10.30 19.23 9.90
C LEU A 149 -10.73 20.24 10.94
N TYR A 150 -9.83 21.18 11.22
CA TYR A 150 -10.05 22.23 12.21
C TYR A 150 -11.03 23.29 11.70
N ASN A 151 -12.16 23.42 12.36
CA ASN A 151 -13.12 24.48 12.05
C ASN A 151 -13.04 25.61 13.08
N VAL A 152 -12.66 26.79 12.63
CA VAL A 152 -12.41 27.96 13.50
C VAL A 152 -13.57 28.23 14.48
N HIS A 153 -14.81 28.03 14.04
CA HIS A 153 -15.96 28.44 14.84
C HIS A 153 -16.32 27.51 16.02
N TRP A 154 -15.76 26.30 16.04
CA TRP A 154 -16.10 25.34 17.11
C TRP A 154 -15.06 24.29 17.48
N ASP A 155 -14.20 23.91 16.55
CA ASP A 155 -13.22 22.84 16.80
C ASP A 155 -12.04 23.31 17.65
N PRO A 156 -11.47 22.38 18.44
CA PRO A 156 -10.13 22.58 18.98
C PRO A 156 -9.13 22.46 17.84
N LYS A 157 -8.02 23.18 17.96
CA LYS A 157 -7.03 23.26 16.88
C LYS A 157 -6.53 21.90 16.34
N PRO A 158 -5.98 21.04 17.22
CA PRO A 158 -5.48 19.76 16.69
C PRO A 158 -6.60 18.78 16.30
N ARG A 159 -6.24 17.81 15.46
CA ARG A 159 -7.19 16.79 15.01
C ARG A 159 -7.63 15.93 16.18
N HIS A 160 -8.93 15.74 16.32
CA HIS A 160 -9.51 15.23 17.56
C HIS A 160 -10.55 14.12 17.40
N ILE A 161 -10.77 13.38 18.48
CA ILE A 161 -11.92 12.51 18.65
C ILE A 161 -12.88 13.27 19.55
N GLY A 162 -14.16 13.34 19.18
CA GLY A 162 -15.11 14.11 19.95
C GLY A 162 -16.42 13.40 20.26
N ILE A 163 -17.01 13.73 21.40
CA ILE A 163 -18.33 13.23 21.75
C ILE A 163 -19.39 14.30 21.48
N ASP A 164 -20.23 14.04 20.49
CA ASP A 164 -21.21 15.00 20.01
C ASP A 164 -22.60 14.66 20.56
N VAL A 165 -23.25 15.66 21.15
CA VAL A 165 -24.61 15.52 21.68
C VAL A 165 -25.45 16.70 21.20
N ASN A 166 -26.29 16.45 20.20
CA ASN A 166 -27.17 17.46 19.59
C ASN A 166 -26.47 18.72 19.06
N SER A 167 -25.16 18.61 18.78
CA SER A 167 -24.37 19.75 18.32
C SER A 167 -23.01 19.28 17.80
N ILE A 168 -22.54 19.92 16.74
CA ILE A 168 -21.22 19.63 16.17
C ILE A 168 -20.11 20.10 17.10
N LYS A 169 -20.44 21.02 18.01
CA LYS A 169 -19.51 21.45 19.04
C LYS A 169 -19.49 20.38 20.14
N SER A 170 -18.48 19.52 20.09
CA SER A 170 -18.42 18.36 20.99
C SER A 170 -18.35 18.75 22.46
N ILE A 171 -19.02 17.96 23.31
CA ILE A 171 -19.04 18.21 24.76
C ILE A 171 -17.70 17.90 25.44
N LYS A 172 -16.93 17.01 24.82
CA LYS A 172 -15.56 16.69 25.25
C LYS A 172 -14.76 16.17 24.06
N THR A 173 -13.47 16.50 24.01
CA THR A 173 -12.55 15.97 22.97
C THR A 173 -11.20 15.56 23.55
N THR A 174 -10.40 14.92 22.72
CA THR A 174 -9.00 14.62 23.03
C THR A 174 -8.19 14.64 21.74
N THR A 175 -6.93 15.06 21.84
CA THR A 175 -6.06 15.13 20.66
C THR A 175 -5.87 13.74 20.05
N TRP A 176 -5.98 13.68 18.73
CA TRP A 176 -5.82 12.45 17.98
C TRP A 176 -4.79 12.67 16.89
N ASP A 177 -3.63 12.02 17.04
CA ASP A 177 -2.54 12.18 16.08
C ASP A 177 -2.87 11.41 14.82
N PHE A 178 -3.55 12.08 13.90
CA PHE A 178 -4.02 11.46 12.68
C PHE A 178 -2.88 11.16 11.71
N VAL A 179 -2.77 9.90 11.33
CA VAL A 179 -1.83 9.47 10.31
C VAL A 179 -2.61 8.83 9.16
N LYS A 180 -2.49 9.41 7.96
CA LYS A 180 -3.17 8.91 6.77
C LYS A 180 -2.72 7.49 6.37
N GLY A 181 -3.62 6.75 5.74
CA GLY A 181 -3.31 5.43 5.20
C GLY A 181 -3.29 4.27 6.18
N GLU A 182 -3.33 4.58 7.48
CA GLU A 182 -3.21 3.56 8.52
C GLU A 182 -4.56 3.13 9.09
N ASN A 183 -4.77 1.81 9.16
CA ASN A 183 -5.93 1.24 9.85
C ASN A 183 -6.00 1.68 11.29
N ALA A 184 -7.19 2.11 11.71
CA ALA A 184 -7.42 2.53 13.08
C ALA A 184 -8.55 1.71 13.66
N GLU A 185 -8.32 1.14 14.85
CA GLU A 185 -9.32 0.31 15.52
C GLU A 185 -10.01 1.09 16.63
N VAL A 186 -11.33 1.19 16.54
CA VAL A 186 -12.12 2.00 17.45
C VAL A 186 -13.03 1.16 18.34
N LEU A 187 -12.95 1.41 19.65
CA LEU A 187 -13.89 0.82 20.60
C LEU A 187 -14.71 1.94 21.23
N ILE A 188 -16.03 1.80 21.19
CA ILE A 188 -16.94 2.73 21.86
C ILE A 188 -17.86 1.96 22.81
N THR A 189 -17.77 2.26 24.10
CA THR A 189 -18.65 1.64 25.11
C THR A 189 -19.56 2.67 25.77
N TYR A 190 -20.77 2.24 26.12
CA TYR A 190 -21.68 3.05 26.91
C TYR A 190 -22.32 2.24 28.03
N ASP A 191 -22.11 2.70 29.26
CA ASP A 191 -22.65 2.05 30.46
C ASP A 191 -23.85 2.85 30.98
N SER A 192 -25.06 2.32 30.79
CA SER A 192 -26.29 3.04 31.11
C SER A 192 -26.51 3.31 32.61
N SER A 193 -25.75 2.62 33.46
CA SER A 193 -25.82 2.85 34.92
C SER A 193 -25.07 4.13 35.30
N THR A 194 -23.86 4.29 34.75
CA THR A 194 -23.04 5.47 35.02
C THR A 194 -23.30 6.58 34.00
N LYS A 195 -24.08 6.25 32.96
CA LYS A 195 -24.31 7.13 31.80
C LYS A 195 -23.01 7.54 31.08
N LEU A 196 -21.94 6.78 31.33
CA LEU A 196 -20.62 7.09 30.80
C LEU A 196 -20.39 6.49 29.42
N LEU A 197 -19.98 7.35 28.48
CA LEU A 197 -19.59 6.92 27.15
C LEU A 197 -18.08 7.03 27.04
N VAL A 198 -17.44 5.94 26.61
CA VAL A 198 -15.99 5.93 26.42
C VAL A 198 -15.67 5.56 24.98
N ALA A 199 -14.73 6.28 24.37
CA ALA A 199 -14.34 6.01 22.99
C ALA A 199 -12.82 6.00 22.87
N SER A 200 -12.29 4.96 22.21
CA SER A 200 -10.85 4.77 22.10
C SER A 200 -10.43 4.40 20.67
N LEU A 201 -9.24 4.84 20.28
CA LEU A 201 -8.68 4.53 18.96
C LEU A 201 -7.25 4.03 19.13
N VAL A 202 -6.94 2.90 18.51
CA VAL A 202 -5.58 2.39 18.48
C VAL A 202 -5.06 2.20 17.06
N TYR A 203 -3.80 2.55 16.84
CA TYR A 203 -3.12 2.27 15.57
C TYR A 203 -2.18 1.07 15.79
N PRO A 204 -2.64 -0.14 15.43
CA PRO A 204 -1.89 -1.37 15.74
C PRO A 204 -0.43 -1.34 15.26
N SER A 205 -0.22 -0.78 14.06
CA SER A 205 1.11 -0.74 13.45
C SER A 205 2.01 0.34 14.04
N LEU A 206 1.39 1.41 14.59
CA LEU A 206 2.14 2.50 15.22
C LEU A 206 2.24 2.33 16.74
N LYS A 207 1.46 1.40 17.28
CA LYS A 207 1.35 1.16 18.73
C LYS A 207 0.83 2.37 19.53
N THR A 208 0.29 3.37 18.83
CA THR A 208 -0.29 4.55 19.48
C THR A 208 -1.75 4.30 19.88
N SER A 209 -2.26 5.11 20.81
CA SER A 209 -3.62 4.93 21.32
C SER A 209 -4.16 6.17 22.02
N PHE A 210 -5.44 6.43 21.84
CA PHE A 210 -6.09 7.64 22.33
C PHE A 210 -7.46 7.32 22.95
N ILE A 211 -7.87 8.10 23.95
CA ILE A 211 -9.13 7.83 24.63
C ILE A 211 -9.80 9.11 25.14
N VAL A 212 -11.13 9.10 25.18
CA VAL A 212 -11.94 10.19 25.73
C VAL A 212 -13.28 9.68 26.24
N SER A 213 -13.77 10.28 27.31
CA SER A 213 -15.04 9.85 27.90
C SER A 213 -15.82 11.00 28.53
N ASP A 214 -17.14 10.93 28.44
CA ASP A 214 -18.04 11.88 29.09
C ASP A 214 -19.40 11.24 29.37
N THR A 215 -20.21 11.90 30.18
CA THR A 215 -21.57 11.45 30.45
C THR A 215 -22.51 11.94 29.37
N VAL A 216 -23.43 11.07 28.97
CA VAL A 216 -24.46 11.36 27.99
C VAL A 216 -25.76 10.74 28.50
N ASP A 217 -26.82 11.54 28.54
CA ASP A 217 -28.11 11.04 29.01
C ASP A 217 -28.99 10.63 27.82
N LEU A 218 -28.87 9.38 27.40
CA LEU A 218 -29.60 8.90 26.24
C LEU A 218 -31.11 9.15 26.28
N LYS A 219 -31.71 8.91 27.45
CA LYS A 219 -33.17 8.98 27.60
C LYS A 219 -33.75 10.32 27.17
N SER A 220 -33.01 11.40 27.45
CA SER A 220 -33.49 12.76 27.16
C SER A 220 -33.11 13.26 25.77
N VAL A 221 -32.17 12.58 25.11
CA VAL A 221 -31.64 13.02 23.81
C VAL A 221 -32.17 12.18 22.64
N LEU A 222 -32.05 10.87 22.76
CA LEU A 222 -32.45 9.96 21.69
C LEU A 222 -33.85 9.39 21.89
N PRO A 223 -34.53 9.07 20.78
CA PRO A 223 -35.83 8.37 20.82
C PRO A 223 -35.69 6.91 21.26
N GLU A 224 -36.83 6.29 21.58
CA GLU A 224 -36.86 4.89 22.00
C GLU A 224 -36.10 3.96 21.06
N TRP A 225 -36.34 4.10 19.76
CA TRP A 225 -35.68 3.29 18.74
C TRP A 225 -34.82 4.17 17.86
N VAL A 226 -33.62 3.69 17.55
CA VAL A 226 -32.66 4.41 16.73
C VAL A 226 -32.02 3.50 15.70
N ILE A 227 -31.49 4.10 14.63
CA ILE A 227 -30.65 3.37 13.70
C ILE A 227 -29.19 3.67 14.02
N VAL A 228 -28.39 2.63 14.12
CA VAL A 228 -26.97 2.78 14.43
C VAL A 228 -26.10 2.64 13.18
N GLY A 229 -25.02 3.41 13.11
CA GLY A 229 -24.15 3.35 11.95
C GLY A 229 -23.21 4.53 11.81
N PHE A 230 -22.88 4.85 10.56
CA PHE A 230 -21.79 5.78 10.27
C PHE A 230 -22.21 6.93 9.38
N THR A 231 -21.47 8.03 9.49
CA THR A 231 -21.59 9.18 8.60
C THR A 231 -20.22 9.76 8.33
N ALA A 232 -20.03 10.32 7.14
CA ALA A 232 -18.74 10.88 6.74
C ALA A 232 -18.89 11.89 5.61
N THR A 233 -17.96 12.84 5.57
CA THR A 233 -17.95 13.89 4.55
C THR A 233 -16.53 14.22 4.10
N THR A 234 -16.41 14.72 2.87
CA THR A 234 -15.17 15.28 2.34
C THR A 234 -15.29 16.80 2.25
N GLY A 235 -14.14 17.48 2.24
CA GLY A 235 -14.08 18.93 2.21
C GLY A 235 -14.68 19.56 0.97
N ILE A 236 -15.11 20.82 1.13
CA ILE A 236 -15.74 21.57 0.05
C ILE A 236 -14.76 22.45 -0.71
N THR A 237 -13.52 22.53 -0.21
CA THR A 237 -12.48 23.35 -0.82
C THR A 237 -11.36 22.46 -1.35
N LYS A 238 -10.92 22.73 -2.58
CA LYS A 238 -9.77 22.03 -3.16
C LYS A 238 -8.61 22.01 -2.17
N GLY A 239 -7.96 20.86 -2.03
CA GLY A 239 -6.82 20.71 -1.13
C GLY A 239 -7.19 20.14 0.23
N ASN A 240 -8.48 19.83 0.40
CA ASN A 240 -9.01 19.24 1.63
C ASN A 240 -9.96 18.07 1.35
N VAL A 241 -9.43 16.85 1.35
CA VAL A 241 -10.20 15.67 0.96
C VAL A 241 -9.63 14.38 1.56
N GLU A 242 -10.47 13.32 1.62
CA GLU A 242 -10.04 12.04 2.17
C GLU A 242 -10.98 10.88 1.80
N THR A 243 -10.48 9.65 1.90
CA THR A 243 -11.31 8.45 1.83
C THR A 243 -11.83 8.15 3.23
N ASN A 244 -13.06 7.66 3.31
CA ASN A 244 -13.66 7.33 4.60
C ASN A 244 -14.16 5.89 4.65
N ASP A 245 -13.25 4.95 4.88
CA ASP A 245 -13.54 3.52 4.72
C ASP A 245 -13.73 2.77 6.03
N ILE A 246 -14.80 2.00 6.11
CA ILE A 246 -15.01 1.08 7.23
C ILE A 246 -14.70 -0.34 6.74
N LEU A 247 -13.80 -1.03 7.43
CA LEU A 247 -13.30 -2.34 6.98
C LEU A 247 -13.92 -3.51 7.75
N SER A 248 -14.47 -3.24 8.92
CA SER A 248 -15.12 -4.25 9.75
C SER A 248 -15.94 -3.55 10.84
N TRP A 249 -16.99 -4.21 11.30
CA TRP A 249 -17.89 -3.60 12.28
C TRP A 249 -18.51 -4.64 13.21
N SER A 250 -18.58 -4.27 14.49
CA SER A 250 -19.25 -5.08 15.52
C SER A 250 -20.07 -4.16 16.41
N PHE A 251 -21.29 -4.58 16.70
CA PHE A 251 -22.15 -3.81 17.59
C PHE A 251 -22.96 -4.71 18.52
N ALA A 252 -23.00 -4.34 19.79
CA ALA A 252 -23.73 -5.08 20.82
C ALA A 252 -24.50 -4.13 21.73
N SER A 253 -25.78 -4.44 21.96
CA SER A 253 -26.59 -3.71 22.94
C SER A 253 -27.49 -4.65 23.72
N LYS A 254 -27.88 -4.19 24.90
CA LYS A 254 -28.56 -4.98 25.91
C LYS A 254 -29.48 -4.05 26.69
N LEU A 255 -30.78 -4.37 26.70
CA LEU A 255 -31.78 -3.59 27.41
C LEU A 255 -32.66 -4.50 28.26
N SER A 256 -32.73 -4.21 29.56
CA SER A 256 -33.48 -5.06 30.50
C SER A 256 -34.92 -4.59 30.72
N ASP A 257 -35.87 -5.46 30.42
CA ASP A 257 -37.27 -5.19 30.74
C ASP A 257 -37.62 -5.52 32.20
N GLY A 258 -36.89 -6.50 32.75
CA GLY A 258 -37.12 -6.97 34.12
C GLY A 258 -37.65 -8.39 34.16
N THR A 259 -36.94 -9.29 33.46
CA THR A 259 -37.32 -10.71 33.28
C THR A 259 -38.63 -10.85 32.48
N ALA B 22 -12.77 -22.63 19.36
CA ALA B 22 -11.92 -23.86 19.38
C ALA B 22 -11.46 -24.24 20.80
N SER B 23 -11.11 -23.23 21.59
CA SER B 23 -10.99 -23.37 23.05
C SER B 23 -11.34 -22.03 23.69
N GLN B 24 -12.49 -21.97 24.33
CA GLN B 24 -13.01 -20.72 24.87
C GLN B 24 -13.19 -20.78 26.38
N THR B 25 -12.69 -19.75 27.07
CA THR B 25 -12.91 -19.56 28.49
C THR B 25 -13.40 -18.14 28.72
N SER B 26 -14.42 -17.98 29.56
CA SER B 26 -14.88 -16.67 30.01
C SER B 26 -15.56 -16.75 31.37
N PHE B 27 -15.19 -15.83 32.27
CA PHE B 27 -15.84 -15.69 33.57
C PHE B 27 -16.07 -14.24 33.98
N SER B 28 -17.16 -14.02 34.71
CA SER B 28 -17.62 -12.68 35.08
C SER B 28 -18.20 -12.65 36.50
N PHE B 29 -17.60 -11.87 37.38
CA PHE B 29 -18.01 -11.83 38.79
C PHE B 29 -18.35 -10.42 39.28
N GLN B 30 -19.54 -10.26 39.87
CA GLN B 30 -19.91 -9.01 40.54
C GLN B 30 -19.50 -9.03 42.01
N ARG B 31 -19.61 -10.22 42.63
CA ARG B 31 -19.15 -10.42 44.00
C ARG B 31 -18.21 -11.61 44.05
N PHE B 32 -17.16 -11.50 44.85
CA PHE B 32 -16.18 -12.55 45.00
C PHE B 32 -16.54 -13.52 46.12
N ASN B 33 -16.17 -14.78 45.93
CA ASN B 33 -16.14 -15.78 46.98
C ASN B 33 -14.83 -16.55 46.84
N GLU B 34 -14.28 -17.03 47.96
CA GLU B 34 -12.97 -17.67 47.93
C GLU B 34 -12.97 -19.08 47.32
N THR B 35 -14.16 -19.62 47.08
CA THR B 35 -14.35 -21.00 46.59
C THR B 35 -13.68 -21.28 45.24
N ASN B 36 -13.76 -20.31 44.32
CA ASN B 36 -13.16 -20.48 42.99
C ASN B 36 -11.90 -19.66 42.77
N LEU B 37 -11.29 -19.23 43.87
CA LEU B 37 -10.09 -18.41 43.81
C LEU B 37 -8.90 -19.05 44.54
N ILE B 38 -7.70 -18.81 44.03
CA ILE B 38 -6.48 -19.24 44.71
C ILE B 38 -5.88 -18.02 45.40
N LEU B 39 -6.13 -17.88 46.70
CA LEU B 39 -5.59 -16.75 47.46
C LEU B 39 -4.20 -17.02 48.02
N GLN B 40 -3.35 -16.00 47.93
CA GLN B 40 -2.00 -16.08 48.44
C GLN B 40 -1.77 -14.93 49.40
N ARG B 41 -0.92 -15.16 50.40
CA ARG B 41 -0.52 -14.17 51.42
C ARG B 41 -1.71 -13.46 52.09
N ASP B 42 -1.77 -12.14 51.95
CA ASP B 42 -2.75 -11.33 52.68
C ASP B 42 -4.10 -11.18 51.97
N ALA B 43 -4.18 -11.69 50.73
CA ALA B 43 -5.37 -11.56 49.90
C ALA B 43 -6.57 -12.29 50.48
N THR B 44 -7.62 -11.54 50.81
CA THR B 44 -8.83 -12.12 51.40
C THR B 44 -10.08 -11.73 50.63
N VAL B 45 -11.20 -12.34 51.01
CA VAL B 45 -12.50 -11.98 50.49
C VAL B 45 -13.39 -11.51 51.65
N SER B 46 -13.67 -10.21 51.70
CA SER B 46 -14.48 -9.61 52.77
C SER B 46 -15.93 -10.06 52.68
N SER B 47 -16.65 -9.93 53.80
CA SER B 47 -18.07 -10.30 53.88
C SER B 47 -18.95 -9.54 52.87
N LYS B 48 -18.43 -8.44 52.33
CA LYS B 48 -19.12 -7.65 51.32
C LYS B 48 -19.00 -8.26 49.92
N GLY B 49 -18.11 -9.23 49.78
CA GLY B 49 -17.82 -9.85 48.49
C GLY B 49 -16.72 -9.14 47.71
N GLN B 50 -15.83 -8.45 48.44
CA GLN B 50 -14.79 -7.66 47.82
C GLN B 50 -13.43 -8.35 47.89
N LEU B 51 -12.70 -8.37 46.78
CA LEU B 51 -11.37 -8.97 46.75
C LEU B 51 -10.33 -7.98 47.27
N ARG B 52 -10.04 -8.08 48.56
CA ARG B 52 -9.11 -7.18 49.23
C ARG B 52 -7.72 -7.83 49.19
N LEU B 53 -6.89 -7.36 48.26
CA LEU B 53 -5.60 -7.98 47.98
C LEU B 53 -4.56 -7.77 49.06
N THR B 54 -4.46 -6.54 49.58
CA THR B 54 -3.56 -6.27 50.70
C THR B 54 -4.30 -6.18 52.04
N ASN B 55 -3.57 -6.34 53.13
CA ASN B 55 -4.12 -6.32 54.48
C ASN B 55 -4.79 -5.00 54.87
N VAL B 56 -5.94 -5.13 55.55
CA VAL B 56 -6.64 -4.01 56.17
C VAL B 56 -7.09 -4.45 57.57
N ASN B 57 -6.66 -3.73 58.60
CA ASN B 57 -7.00 -4.08 60.00
C ASN B 57 -8.45 -3.79 60.42
N ASP B 58 -8.73 -4.01 61.70
CA ASP B 58 -10.10 -3.92 62.26
C ASP B 58 -10.76 -2.54 62.15
N ASN B 59 -9.95 -1.50 62.09
CA ASN B 59 -10.46 -0.12 62.04
C ASN B 59 -10.63 0.40 60.61
N GLY B 60 -10.56 -0.51 59.63
CA GLY B 60 -10.67 -0.15 58.22
C GLY B 60 -9.45 0.59 57.69
N GLU B 61 -8.27 0.25 58.22
CA GLU B 61 -7.04 0.94 57.88
C GLU B 61 -6.02 -0.01 57.25
N PRO B 62 -5.49 0.35 56.06
CA PRO B 62 -4.44 -0.44 55.40
C PRO B 62 -3.13 -0.46 56.19
N THR B 63 -2.46 -1.60 56.18
CA THR B 63 -1.21 -1.77 56.93
C THR B 63 -0.01 -1.84 56.00
N LEU B 64 1.15 -1.45 56.51
CA LEU B 64 2.38 -1.38 55.73
C LEU B 64 2.94 -2.77 55.48
N SER B 65 3.90 -2.86 54.55
CA SER B 65 4.63 -4.11 54.26
C SER B 65 3.76 -5.28 53.81
N SER B 66 2.59 -4.99 53.25
CA SER B 66 1.63 -6.04 52.87
C SER B 66 1.89 -6.56 51.46
N LEU B 67 1.41 -7.80 51.21
CA LEU B 67 1.45 -8.42 49.88
C LEU B 67 0.36 -9.50 49.78
N GLY B 68 -0.36 -9.47 48.67
CA GLY B 68 -1.41 -10.46 48.41
C GLY B 68 -1.62 -10.67 46.92
N ARG B 69 -1.80 -11.92 46.52
CA ARG B 69 -2.12 -12.27 45.13
C ARG B 69 -3.33 -13.18 45.10
N ALA B 70 -4.13 -13.04 44.05
CA ALA B 70 -5.33 -13.86 43.87
C ALA B 70 -5.43 -14.31 42.42
N PHE B 71 -6.00 -15.49 42.21
CA PHE B 71 -6.10 -16.08 40.88
C PHE B 71 -7.39 -16.85 40.72
N TYR B 72 -7.87 -16.94 39.48
CA TYR B 72 -8.95 -17.83 39.14
C TYR B 72 -8.43 -19.25 39.22
N SER B 73 -9.16 -20.14 39.88
CA SER B 73 -8.68 -21.49 40.18
C SER B 73 -8.45 -22.41 38.97
N ALA B 74 -9.02 -22.09 37.82
CA ALA B 74 -8.74 -22.85 36.60
C ALA B 74 -7.67 -22.16 35.75
N PRO B 75 -6.54 -22.86 35.50
CA PRO B 75 -5.52 -22.35 34.56
C PRO B 75 -6.09 -22.14 33.17
N ILE B 76 -5.55 -21.18 32.43
CA ILE B 76 -6.01 -20.88 31.08
C ILE B 76 -4.89 -21.17 30.09
N GLN B 77 -5.24 -21.80 28.97
CA GLN B 77 -4.27 -22.04 27.91
C GLN B 77 -4.08 -20.78 27.07
N ILE B 78 -2.86 -20.27 27.06
CA ILE B 78 -2.52 -19.04 26.37
C ILE B 78 -2.01 -19.29 24.96
N TRP B 79 -1.39 -20.45 24.75
CA TRP B 79 -0.92 -20.87 23.43
C TRP B 79 -0.67 -22.37 23.31
N ASP B 80 -0.46 -22.83 22.08
CA ASP B 80 -0.23 -24.24 21.76
C ASP B 80 0.98 -24.38 20.83
N ASN B 81 1.95 -25.18 21.27
CA ASN B 81 3.21 -25.39 20.53
C ASN B 81 3.05 -26.25 19.27
N THR B 82 2.06 -27.14 19.28
CA THR B 82 1.79 -28.00 18.12
C THR B 82 1.22 -27.18 16.96
N THR B 83 0.17 -26.41 17.24
CA THR B 83 -0.53 -25.64 16.21
C THR B 83 0.18 -24.32 15.90
N GLY B 84 0.90 -23.79 16.90
CA GLY B 84 1.57 -22.50 16.77
C GLY B 84 0.65 -21.32 17.07
N ALA B 85 -0.53 -21.62 17.61
CA ALA B 85 -1.59 -20.63 17.81
C ALA B 85 -1.55 -19.97 19.18
N VAL B 86 -1.84 -18.67 19.19
CA VAL B 86 -1.76 -17.86 20.41
C VAL B 86 -3.14 -17.30 20.70
N ALA B 87 -3.53 -17.31 21.97
CA ALA B 87 -4.86 -16.84 22.35
C ALA B 87 -4.94 -15.33 22.40
N SER B 88 -6.09 -14.81 21.97
CA SER B 88 -6.47 -13.44 22.24
C SER B 88 -7.32 -13.43 23.51
N PHE B 89 -7.09 -12.44 24.37
CA PHE B 89 -7.84 -12.36 25.62
C PHE B 89 -8.23 -10.92 25.93
N ALA B 90 -9.33 -10.78 26.65
CA ALA B 90 -9.75 -9.48 27.19
C ALA B 90 -10.15 -9.65 28.65
N THR B 91 -9.80 -8.67 29.47
CA THR B 91 -10.22 -8.63 30.88
C THR B 91 -10.65 -7.23 31.28
N SER B 92 -11.65 -7.17 32.16
CA SER B 92 -12.14 -5.92 32.70
C SER B 92 -12.42 -6.07 34.18
N PHE B 93 -11.94 -5.10 34.97
CA PHE B 93 -12.14 -5.12 36.42
C PHE B 93 -12.31 -3.71 37.01
N THR B 94 -13.13 -3.63 38.07
CA THR B 94 -13.28 -2.39 38.82
C THR B 94 -12.50 -2.46 40.13
N PHE B 95 -11.55 -1.54 40.31
CA PHE B 95 -10.81 -1.49 41.56
C PHE B 95 -10.96 -0.18 42.30
N ASN B 96 -10.81 -0.26 43.62
CA ASN B 96 -10.77 0.91 44.49
C ASN B 96 -9.44 0.93 45.25
N ILE B 97 -8.64 1.97 45.02
CA ILE B 97 -7.46 2.22 45.83
C ILE B 97 -7.70 3.49 46.64
N ASP B 98 -7.74 3.35 47.95
CA ASP B 98 -7.96 4.49 48.84
C ASP B 98 -6.74 4.70 49.71
N VAL B 99 -6.54 5.93 50.17
CA VAL B 99 -5.41 6.25 51.04
C VAL B 99 -5.91 6.92 52.32
N PRO B 100 -5.41 6.49 53.49
CA PRO B 100 -5.78 7.17 54.72
C PRO B 100 -5.11 8.54 54.83
N ASN B 101 -5.64 9.38 55.72
CA ASN B 101 -5.19 10.75 55.87
C ASN B 101 -3.73 10.91 56.33
N ASN B 102 -3.10 11.98 55.86
CA ASN B 102 -1.69 12.28 56.12
C ASN B 102 -0.71 11.27 55.53
N SER B 103 -1.23 10.41 54.66
CA SER B 103 -0.42 9.42 53.93
C SER B 103 -0.47 9.61 52.43
N GLY B 104 0.62 9.20 51.77
CA GLY B 104 0.63 9.03 50.32
C GLY B 104 0.27 7.59 49.97
N PRO B 105 0.24 7.24 48.68
CA PRO B 105 -0.13 5.90 48.27
C PRO B 105 1.09 5.01 48.02
N ALA B 106 0.89 3.69 48.10
CA ALA B 106 1.93 2.69 47.80
C ALA B 106 1.36 1.28 47.94
N ASP B 107 1.82 0.33 47.12
CA ASP B 107 2.69 0.58 45.97
C ASP B 107 1.90 0.45 44.67
N GLY B 108 0.68 -0.08 44.76
CA GLY B 108 -0.20 -0.23 43.61
C GLY B 108 -0.75 -1.65 43.46
N LEU B 109 -1.26 -1.95 42.26
CA LEU B 109 -1.74 -3.30 41.93
C LEU B 109 -1.55 -3.58 40.44
N ALA B 110 -1.49 -4.87 40.08
CA ALA B 110 -1.30 -5.26 38.69
C ALA B 110 -2.15 -6.46 38.29
N PHE B 111 -2.65 -6.46 37.05
CA PHE B 111 -3.24 -7.68 36.49
C PHE B 111 -2.14 -8.51 35.86
N VAL B 112 -2.14 -9.81 36.17
CA VAL B 112 -1.01 -10.67 35.79
C VAL B 112 -1.42 -11.95 35.04
N LEU B 113 -0.46 -12.47 34.28
CA LEU B 113 -0.51 -13.82 33.73
C LEU B 113 0.79 -14.51 34.11
N LEU B 114 0.70 -15.55 34.93
CA LEU B 114 1.88 -16.22 35.50
C LEU B 114 1.83 -17.73 35.27
N PRO B 115 2.98 -18.43 35.41
CA PRO B 115 3.00 -19.89 35.33
C PRO B 115 2.19 -20.54 36.45
N VAL B 116 1.66 -21.73 36.17
CA VAL B 116 0.83 -22.46 37.14
C VAL B 116 1.64 -22.71 38.43
N GLY B 117 1.00 -22.47 39.57
CA GLY B 117 1.63 -22.65 40.87
C GLY B 117 2.70 -21.61 41.24
N SER B 118 2.76 -20.52 40.47
CA SER B 118 3.66 -19.41 40.76
C SER B 118 3.51 -18.90 42.19
N GLN B 119 4.64 -18.72 42.87
CA GLN B 119 4.63 -18.28 44.27
C GLN B 119 5.04 -16.80 44.39
N PRO B 120 4.47 -16.08 45.39
CA PRO B 120 4.76 -14.65 45.57
C PRO B 120 6.25 -14.34 45.67
N LYS B 121 6.63 -13.21 45.09
CA LYS B 121 8.01 -12.75 45.11
C LYS B 121 8.17 -11.62 46.13
N ASP B 122 9.03 -10.64 45.81
CA ASP B 122 9.39 -9.60 46.76
C ASP B 122 8.35 -8.46 46.85
N LYS B 123 8.09 -8.02 48.07
CA LYS B 123 7.04 -7.03 48.36
C LYS B 123 7.41 -5.59 47.99
N GLY B 124 6.51 -4.65 48.33
CA GLY B 124 6.71 -3.24 48.06
C GLY B 124 6.63 -2.91 46.59
N GLY B 125 7.69 -2.28 46.07
CA GLY B 125 7.70 -1.77 44.70
C GLY B 125 7.79 -2.83 43.60
N LEU B 126 8.32 -4.00 43.97
CA LEU B 126 8.41 -5.13 43.05
C LEU B 126 7.08 -5.91 42.96
N LEU B 127 6.05 -5.37 43.61
CA LEU B 127 4.66 -5.80 43.43
C LEU B 127 4.34 -7.29 43.60
N GLY B 128 5.28 -8.04 44.17
CA GLY B 128 5.12 -9.49 44.34
C GLY B 128 5.29 -10.25 43.04
N LEU B 129 6.16 -9.72 42.17
CA LEU B 129 6.37 -10.29 40.84
C LEU B 129 7.84 -10.53 40.51
N PHE B 130 8.71 -9.71 41.10
CA PHE B 130 10.16 -9.82 40.89
C PHE B 130 10.93 -9.72 42.20
N ASN B 131 12.21 -10.10 42.16
CA ASN B 131 13.11 -10.07 43.33
C ASN B 131 14.14 -8.94 43.24
N ASN B 132 14.15 -8.27 42.09
CA ASN B 132 15.04 -7.14 41.81
C ASN B 132 14.42 -6.28 40.71
N TYR B 133 15.16 -5.27 40.25
CA TYR B 133 14.69 -4.45 39.13
C TYR B 133 15.44 -4.73 37.83
N LYS B 134 16.02 -5.93 37.73
CA LYS B 134 16.65 -6.39 36.50
C LYS B 134 15.69 -7.25 35.67
N TYR B 135 15.91 -7.26 34.36
CA TYR B 135 15.14 -8.07 33.43
C TYR B 135 15.45 -9.55 33.68
N ASP B 136 14.42 -10.39 33.60
CA ASP B 136 14.61 -11.80 33.84
C ASP B 136 13.89 -12.63 32.78
N SER B 137 14.64 -13.06 31.79
CA SER B 137 14.11 -13.86 30.67
C SER B 137 13.37 -15.11 31.18
N ASN B 138 13.72 -15.56 32.38
CA ASN B 138 13.07 -16.72 32.97
C ASN B 138 12.04 -16.36 34.04
N ALA B 139 11.48 -15.15 33.96
CA ALA B 139 10.47 -14.71 34.92
C ALA B 139 9.08 -15.12 34.50
N HIS B 140 8.90 -15.34 33.19
CA HIS B 140 7.61 -15.71 32.59
C HIS B 140 6.46 -14.92 33.18
N THR B 141 6.52 -13.60 33.01
CA THR B 141 5.54 -12.70 33.62
C THR B 141 5.07 -11.60 32.67
N VAL B 142 3.77 -11.60 32.42
CA VAL B 142 3.11 -10.48 31.75
C VAL B 142 2.14 -9.83 32.75
N ALA B 143 2.29 -8.52 32.93
CA ALA B 143 1.47 -7.78 33.90
C ALA B 143 1.16 -6.38 33.40
N VAL B 144 -0.05 -5.91 33.73
CA VAL B 144 -0.42 -4.51 33.48
C VAL B 144 -0.53 -3.79 34.82
N GLU B 145 0.45 -2.94 35.12
CA GLU B 145 0.58 -2.34 36.45
C GLU B 145 -0.15 -1.01 36.62
N PHE B 146 -0.66 -0.80 37.83
CA PHE B 146 -1.23 0.50 38.22
C PHE B 146 -0.42 1.08 39.37
N ASP B 147 0.68 1.74 39.01
CA ASP B 147 1.70 2.18 39.95
C ASP B 147 1.30 3.46 40.68
N THR B 148 1.42 3.45 42.01
CA THR B 148 1.09 4.64 42.80
C THR B 148 2.30 5.27 43.49
N LEU B 149 3.49 4.78 43.17
CA LEU B 149 4.69 5.24 43.83
C LEU B 149 5.90 5.27 42.90
N TYR B 150 6.59 6.40 42.92
CA TYR B 150 7.79 6.60 42.11
C TYR B 150 9.01 5.91 42.74
N ASN B 151 9.50 4.87 42.07
CA ASN B 151 10.74 4.21 42.47
C ASN B 151 11.88 4.71 41.60
N VAL B 152 12.81 5.43 42.24
CA VAL B 152 13.88 6.19 41.60
C VAL B 152 14.74 5.40 40.59
N HIS B 153 14.81 4.08 40.76
CA HIS B 153 15.69 3.25 39.94
C HIS B 153 15.08 2.74 38.61
N TRP B 154 13.78 2.91 38.42
CA TRP B 154 13.13 2.38 37.22
C TRP B 154 11.87 3.14 36.72
N ASP B 155 11.03 3.62 37.64
CA ASP B 155 9.75 4.24 37.30
C ASP B 155 9.91 5.62 36.66
N PRO B 156 8.93 6.02 35.82
CA PRO B 156 8.79 7.44 35.48
C PRO B 156 8.25 8.19 36.69
N LYS B 157 8.53 9.49 36.77
CA LYS B 157 8.19 10.28 37.96
C LYS B 157 6.70 10.34 38.31
N PRO B 158 5.81 10.55 37.30
CA PRO B 158 4.38 10.57 37.66
C PRO B 158 3.81 9.16 37.85
N ARG B 159 2.68 9.07 38.54
CA ARG B 159 1.97 7.79 38.69
C ARG B 159 1.47 7.31 37.33
N HIS B 160 1.54 6.01 37.10
CA HIS B 160 1.37 5.48 35.75
C HIS B 160 0.63 4.14 35.63
N ILE B 161 0.25 3.84 34.38
CA ILE B 161 -0.18 2.51 33.97
C ILE B 161 0.93 1.96 33.08
N GLY B 162 1.48 0.80 33.42
CA GLY B 162 2.59 0.24 32.66
C GLY B 162 2.42 -1.21 32.26
N ILE B 163 2.93 -1.55 31.07
CA ILE B 163 2.92 -2.93 30.61
C ILE B 163 4.25 -3.55 30.99
N ASP B 164 4.19 -4.61 31.79
CA ASP B 164 5.39 -5.27 32.29
C ASP B 164 5.61 -6.61 31.60
N VAL B 165 6.78 -6.77 31.01
CA VAL B 165 7.17 -8.04 30.37
C VAL B 165 8.52 -8.48 30.95
N ASN B 166 8.46 -9.40 31.90
CA ASN B 166 9.66 -9.96 32.56
C ASN B 166 10.54 -8.95 33.34
N SER B 167 10.00 -7.78 33.61
CA SER B 167 10.72 -6.75 34.36
C SER B 167 9.75 -5.81 35.06
N ILE B 168 10.13 -5.31 36.24
CA ILE B 168 9.37 -4.26 36.90
C ILE B 168 9.53 -2.93 36.16
N LYS B 169 10.58 -2.83 35.35
CA LYS B 169 10.78 -1.67 34.50
C LYS B 169 9.97 -1.84 33.21
N SER B 170 8.72 -1.37 33.24
CA SER B 170 7.78 -1.46 32.12
C SER B 170 8.42 -1.13 30.76
N ILE B 171 7.89 -1.78 29.72
CA ILE B 171 8.33 -1.54 28.35
C ILE B 171 7.71 -0.25 27.80
N LYS B 172 6.55 0.11 28.35
CA LYS B 172 5.83 1.33 27.99
C LYS B 172 4.88 1.74 29.11
N THR B 173 4.82 3.04 29.39
CA THR B 173 3.90 3.59 30.40
C THR B 173 3.05 4.73 29.87
N THR B 174 2.04 5.12 30.65
CA THR B 174 1.20 6.27 30.35
C THR B 174 0.86 6.98 31.65
N THR B 175 0.83 8.31 31.64
CA THR B 175 0.52 9.08 32.83
C THR B 175 -0.87 8.74 33.35
N TRP B 176 -0.92 8.35 34.62
CA TRP B 176 -2.19 8.06 35.29
C TRP B 176 -2.44 9.04 36.44
N ASP B 177 -3.47 9.86 36.30
CA ASP B 177 -3.84 10.82 37.34
C ASP B 177 -4.60 10.09 38.45
N PHE B 178 -3.85 9.43 39.32
CA PHE B 178 -4.43 8.62 40.41
C PHE B 178 -5.20 9.47 41.42
N VAL B 179 -6.41 9.01 41.73
CA VAL B 179 -7.26 9.66 42.73
C VAL B 179 -7.79 8.61 43.72
N LYS B 180 -7.50 8.83 45.00
CA LYS B 180 -7.87 7.90 46.07
C LYS B 180 -9.37 7.75 46.24
N GLY B 181 -9.80 6.57 46.67
CA GLY B 181 -11.21 6.32 46.99
C GLY B 181 -12.16 6.26 45.81
N GLU B 182 -11.64 6.48 44.61
CA GLU B 182 -12.47 6.45 43.42
C GLU B 182 -12.41 5.09 42.72
N ASN B 183 -13.58 4.52 42.43
CA ASN B 183 -13.70 3.29 41.65
C ASN B 183 -13.08 3.47 40.26
N ALA B 184 -12.20 2.55 39.87
CA ALA B 184 -11.56 2.60 38.57
C ALA B 184 -11.95 1.39 37.71
N GLU B 185 -12.43 1.66 36.51
CA GLU B 185 -12.86 0.61 35.58
C GLU B 185 -11.79 0.41 34.52
N VAL B 186 -11.24 -0.80 34.46
CA VAL B 186 -10.12 -1.10 33.59
C VAL B 186 -10.56 -2.06 32.49
N LEU B 187 -10.01 -1.85 31.29
CA LEU B 187 -10.11 -2.80 30.21
C LEU B 187 -8.73 -3.09 29.63
N ILE B 188 -8.40 -4.37 29.60
CA ILE B 188 -7.17 -4.87 29.01
C ILE B 188 -7.55 -5.84 27.91
N THR B 189 -7.03 -5.61 26.70
CA THR B 189 -7.30 -6.49 25.55
C THR B 189 -6.00 -6.96 24.91
N TYR B 190 -6.00 -8.20 24.45
CA TYR B 190 -4.89 -8.73 23.68
C TYR B 190 -5.36 -9.38 22.38
N ASP B 191 -4.85 -8.85 21.27
CA ASP B 191 -5.12 -9.38 19.94
C ASP B 191 -3.86 -10.13 19.53
N SER B 192 -3.95 -11.46 19.40
CA SER B 192 -2.78 -12.28 19.08
C SER B 192 -2.31 -12.12 17.63
N SER B 193 -3.22 -11.76 16.74
CA SER B 193 -2.88 -11.49 15.35
C SER B 193 -1.99 -10.26 15.18
N THR B 194 -2.19 -9.24 16.02
CA THR B 194 -1.35 -8.02 16.00
C THR B 194 -0.31 -7.97 17.12
N LYS B 195 -0.47 -8.83 18.12
CA LYS B 195 0.40 -8.86 19.31
C LYS B 195 0.26 -7.60 20.16
N LEU B 196 -0.85 -6.88 19.95
CA LEU B 196 -1.08 -5.62 20.64
C LEU B 196 -1.86 -5.78 21.94
N LEU B 197 -1.24 -5.32 23.03
CA LEU B 197 -1.86 -5.31 24.34
C LEU B 197 -2.28 -3.88 24.66
N VAL B 198 -3.58 -3.67 24.76
CA VAL B 198 -4.15 -2.36 25.03
C VAL B 198 -4.72 -2.38 26.44
N ALA B 199 -4.39 -1.35 27.22
CA ALA B 199 -4.91 -1.22 28.58
C ALA B 199 -5.44 0.19 28.85
N SER B 200 -6.69 0.27 29.31
CA SER B 200 -7.31 1.56 29.56
C SER B 200 -7.98 1.64 30.93
N LEU B 201 -7.93 2.82 31.55
CA LEU B 201 -8.63 3.05 32.81
C LEU B 201 -9.56 4.26 32.68
N VAL B 202 -10.75 4.15 33.24
CA VAL B 202 -11.67 5.29 33.35
C VAL B 202 -12.19 5.47 34.77
N TYR B 203 -12.29 6.73 35.20
CA TYR B 203 -12.95 7.07 36.45
C TYR B 203 -14.34 7.61 36.12
N PRO B 204 -15.41 6.85 36.44
CA PRO B 204 -16.78 7.25 36.07
C PRO B 204 -17.26 8.56 36.72
N SER B 205 -16.80 8.85 37.93
CA SER B 205 -17.19 10.09 38.61
C SER B 205 -16.36 11.30 38.14
N LEU B 206 -15.06 11.09 37.96
CA LEU B 206 -14.18 12.12 37.40
C LEU B 206 -14.35 12.30 35.88
N LYS B 207 -14.97 11.31 35.24
CA LYS B 207 -15.12 11.22 33.77
C LYS B 207 -13.78 11.18 33.01
N THR B 208 -12.68 10.94 33.72
CA THR B 208 -11.35 10.90 33.08
C THR B 208 -11.01 9.52 32.52
N SER B 209 -10.06 9.48 31.59
CA SER B 209 -9.69 8.25 30.89
C SER B 209 -8.22 8.25 30.47
N PHE B 210 -7.58 7.08 30.57
CA PHE B 210 -6.16 6.92 30.23
C PHE B 210 -5.96 5.63 29.47
N ILE B 211 -5.06 5.67 28.49
CA ILE B 211 -4.78 4.49 27.65
C ILE B 211 -3.29 4.32 27.36
N VAL B 212 -2.88 3.06 27.28
CA VAL B 212 -1.51 2.67 26.96
C VAL B 212 -1.54 1.43 26.08
N SER B 213 -0.62 1.34 25.13
CA SER B 213 -0.54 0.19 24.23
C SER B 213 0.86 -0.13 23.73
N ASP B 214 1.18 -1.42 23.67
CA ASP B 214 2.43 -1.89 23.10
C ASP B 214 2.28 -3.33 22.64
N THR B 215 3.23 -3.80 21.83
CA THR B 215 3.23 -5.19 21.38
C THR B 215 4.00 -6.10 22.33
N VAL B 216 3.39 -7.24 22.65
CA VAL B 216 3.96 -8.24 23.55
C VAL B 216 3.86 -9.61 22.88
N ASP B 217 4.99 -10.31 22.80
CA ASP B 217 5.07 -11.61 22.12
C ASP B 217 4.90 -12.77 23.12
N LEU B 218 3.65 -13.04 23.50
CA LEU B 218 3.33 -14.02 24.53
C LEU B 218 4.08 -15.34 24.39
N LYS B 219 4.07 -15.88 23.17
CA LYS B 219 4.66 -17.19 22.85
C LYS B 219 6.11 -17.37 23.35
N SER B 220 6.86 -16.28 23.39
CA SER B 220 8.27 -16.30 23.78
C SER B 220 8.48 -15.93 25.24
N VAL B 221 7.41 -15.53 25.92
CA VAL B 221 7.51 -15.02 27.29
C VAL B 221 6.77 -15.93 28.29
N LEU B 222 5.55 -16.32 27.97
CA LEU B 222 4.74 -17.16 28.85
C LEU B 222 4.81 -18.64 28.47
N PRO B 223 4.49 -19.53 29.43
CA PRO B 223 4.32 -20.95 29.09
C PRO B 223 2.94 -21.18 28.48
N GLU B 224 2.67 -22.38 27.98
CA GLU B 224 1.40 -22.71 27.32
C GLU B 224 0.19 -22.50 28.22
N TRP B 225 0.33 -22.90 29.48
CA TRP B 225 -0.73 -22.71 30.46
C TRP B 225 -0.33 -21.68 31.51
N VAL B 226 -1.26 -20.78 31.82
CA VAL B 226 -1.03 -19.70 32.77
C VAL B 226 -2.18 -19.57 33.76
N ILE B 227 -1.92 -18.95 34.90
CA ILE B 227 -2.97 -18.51 35.80
C ILE B 227 -3.19 -17.02 35.61
N VAL B 228 -4.45 -16.59 35.71
CA VAL B 228 -4.79 -15.18 35.57
C VAL B 228 -5.38 -14.63 36.85
N GLY B 229 -5.05 -13.38 37.16
CA GLY B 229 -5.54 -12.72 38.36
C GLY B 229 -4.73 -11.50 38.69
N PHE B 230 -4.68 -11.17 39.99
CA PHE B 230 -4.14 -9.90 40.46
C PHE B 230 -3.08 -10.05 41.54
N THR B 231 -2.32 -8.97 41.73
CA THR B 231 -1.34 -8.86 42.79
C THR B 231 -1.25 -7.41 43.26
N ALA B 232 -1.05 -7.22 44.57
CA ALA B 232 -0.91 -5.90 45.14
C ALA B 232 -0.01 -5.90 46.36
N THR B 233 0.70 -4.78 46.56
CA THR B 233 1.57 -4.60 47.71
C THR B 233 1.39 -3.19 48.27
N THR B 234 1.51 -3.04 49.59
CA THR B 234 1.59 -1.72 50.22
C THR B 234 3.05 -1.38 50.50
N GLY B 235 3.31 -0.10 50.74
CA GLY B 235 4.66 0.39 51.01
C GLY B 235 5.27 -0.09 52.31
N ILE B 236 6.59 -0.08 52.35
CA ILE B 236 7.34 -0.50 53.52
C ILE B 236 7.72 0.67 54.45
N THR B 237 7.94 1.85 53.87
CA THR B 237 8.16 3.08 54.65
C THR B 237 6.82 3.62 55.16
N LYS B 238 6.85 4.27 56.34
CA LYS B 238 5.64 4.84 56.94
C LYS B 238 5.18 6.10 56.19
N GLY B 239 3.86 6.25 56.04
CA GLY B 239 3.29 7.37 55.30
C GLY B 239 3.01 7.04 53.83
N ASN B 240 3.31 5.81 53.44
CA ASN B 240 3.06 5.32 52.09
C ASN B 240 2.32 3.98 52.15
N VAL B 241 0.99 4.03 52.07
CA VAL B 241 0.14 2.85 52.20
C VAL B 241 -1.20 3.09 51.50
N GLU B 242 -1.87 2.00 51.12
CA GLU B 242 -3.18 2.06 50.47
C GLU B 242 -3.96 0.75 50.56
N THR B 243 -5.28 0.84 50.40
CA THR B 243 -6.10 -0.33 50.15
C THR B 243 -5.89 -0.74 48.70
N ASN B 244 -6.16 -2.00 48.40
CA ASN B 244 -6.08 -2.52 47.03
C ASN B 244 -7.23 -3.49 46.70
N ASP B 245 -8.43 -2.95 46.60
CA ASP B 245 -9.64 -3.78 46.50
C ASP B 245 -10.14 -3.97 45.06
N ILE B 246 -10.44 -5.22 44.72
CA ILE B 246 -11.09 -5.53 43.44
C ILE B 246 -12.58 -5.76 43.70
N LEU B 247 -13.43 -5.06 42.96
CA LEU B 247 -14.87 -5.02 43.23
C LEU B 247 -15.66 -5.88 42.26
N SER B 248 -15.16 -5.98 41.03
CA SER B 248 -15.76 -6.85 39.99
C SER B 248 -14.69 -7.28 38.99
N TRP B 249 -14.91 -8.45 38.37
CA TRP B 249 -13.94 -9.00 37.43
C TRP B 249 -14.60 -9.74 36.29
N SER B 250 -14.13 -9.47 35.08
CA SER B 250 -14.52 -10.23 33.91
C SER B 250 -13.29 -10.59 33.11
N PHE B 251 -13.28 -11.82 32.59
CA PHE B 251 -12.19 -12.33 31.79
C PHE B 251 -12.74 -13.26 30.73
N ALA B 252 -12.14 -13.19 29.55
CA ALA B 252 -12.52 -14.02 28.41
C ALA B 252 -11.33 -14.20 27.49
N SER B 253 -10.99 -15.44 27.17
CA SER B 253 -9.97 -15.71 26.17
C SER B 253 -10.46 -16.74 25.16
N LYS B 254 -9.81 -16.76 24.00
CA LYS B 254 -10.21 -17.61 22.88
C LYS B 254 -8.94 -18.10 22.18
N LEU B 255 -8.81 -19.42 22.06
CA LEU B 255 -7.65 -20.02 21.40
C LEU B 255 -8.07 -20.93 20.25
N SER B 256 -7.54 -20.66 19.05
CA SER B 256 -7.90 -21.42 17.85
C SER B 256 -7.03 -22.67 17.63
N ASP B 257 -7.67 -23.83 17.61
CA ASP B 257 -6.99 -25.09 17.28
C ASP B 257 -7.25 -25.50 15.83
N GLY B 258 -8.37 -25.02 15.28
CA GLY B 258 -8.73 -25.27 13.87
C GLY B 258 -9.81 -26.32 13.67
N THR B 259 -11.04 -26.01 14.07
CA THR B 259 -12.20 -26.92 13.96
C THR B 259 -11.96 -28.27 14.64
N ALA C 22 -16.50 -14.17 12.74
CA ALA C 22 -16.14 -13.85 11.31
C ALA C 22 -17.29 -13.12 10.59
N SER C 23 -18.51 -13.63 10.79
CA SER C 23 -19.74 -12.89 10.52
C SER C 23 -20.82 -13.45 11.44
N GLN C 24 -21.04 -12.75 12.55
CA GLN C 24 -21.94 -13.23 13.61
C GLN C 24 -23.12 -12.30 13.80
N THR C 25 -24.30 -12.88 13.91
CA THR C 25 -25.53 -12.14 14.23
C THR C 25 -26.31 -12.90 15.27
N SER C 26 -26.69 -12.23 16.35
CA SER C 26 -27.63 -12.78 17.30
C SER C 26 -28.52 -11.72 17.93
N PHE C 27 -29.78 -12.08 18.13
CA PHE C 27 -30.72 -11.24 18.86
C PHE C 27 -31.55 -12.04 19.83
N SER C 28 -32.26 -11.34 20.70
CA SER C 28 -33.10 -11.94 21.71
C SER C 28 -34.15 -10.95 22.18
N PHE C 29 -35.42 -11.35 22.07
CA PHE C 29 -36.53 -10.52 22.50
C PHE C 29 -37.46 -11.27 23.44
N GLN C 30 -37.68 -10.69 24.62
CA GLN C 30 -38.68 -11.16 25.57
C GLN C 30 -40.03 -10.52 25.25
N ARG C 31 -40.01 -9.27 24.80
CA ARG C 31 -41.20 -8.55 24.33
C ARG C 31 -40.99 -8.02 22.92
N PHE C 32 -42.03 -8.13 22.09
CA PHE C 32 -41.97 -7.74 20.69
C PHE C 32 -42.50 -6.34 20.45
N ASN C 33 -42.02 -5.72 19.37
CA ASN C 33 -42.49 -4.42 18.89
C ASN C 33 -42.35 -4.40 17.36
N GLU C 34 -43.27 -3.73 16.68
CA GLU C 34 -43.26 -3.71 15.20
C GLU C 34 -42.07 -2.97 14.58
N THR C 35 -41.42 -2.10 15.35
CA THR C 35 -40.31 -1.25 14.85
C THR C 35 -39.16 -2.01 14.20
N ASN C 36 -38.84 -3.21 14.69
CA ASN C 36 -37.72 -3.98 14.12
C ASN C 36 -38.14 -5.29 13.45
N LEU C 37 -39.42 -5.36 13.05
CA LEU C 37 -39.94 -6.55 12.39
C LEU C 37 -40.58 -6.19 11.05
N ILE C 38 -40.65 -7.16 10.16
CA ILE C 38 -41.39 -7.01 8.91
C ILE C 38 -42.64 -7.86 9.03
N LEU C 39 -43.77 -7.19 9.22
CA LEU C 39 -45.05 -7.86 9.38
C LEU C 39 -45.72 -8.02 8.03
N GLN C 40 -46.42 -9.14 7.85
CA GLN C 40 -47.11 -9.42 6.59
C GLN C 40 -48.53 -9.94 6.85
N ARG C 41 -49.48 -9.38 6.10
CA ARG C 41 -50.91 -9.74 6.21
C ARG C 41 -51.42 -9.55 7.64
N ASP C 42 -51.95 -10.62 8.23
CA ASP C 42 -52.64 -10.53 9.54
C ASP C 42 -51.74 -10.49 10.77
N ALA C 43 -50.42 -10.54 10.57
CA ALA C 43 -49.48 -10.54 11.69
C ALA C 43 -49.46 -9.18 12.35
N THR C 44 -49.59 -9.18 13.68
CA THR C 44 -49.61 -7.95 14.48
C THR C 44 -48.86 -8.11 15.80
N VAL C 45 -48.41 -6.99 16.34
CA VAL C 45 -47.83 -6.96 17.68
C VAL C 45 -48.85 -6.34 18.64
N SER C 46 -49.44 -7.18 19.49
CA SER C 46 -50.43 -6.73 20.47
C SER C 46 -49.80 -5.77 21.48
N SER C 47 -50.65 -5.05 22.23
CA SER C 47 -50.18 -4.02 23.16
C SER C 47 -49.44 -4.58 24.36
N LYS C 48 -49.54 -5.90 24.57
CA LYS C 48 -48.76 -6.58 25.63
C LYS C 48 -47.30 -6.78 25.22
N GLY C 49 -47.07 -6.94 23.91
CA GLY C 49 -45.75 -7.20 23.37
C GLY C 49 -45.69 -8.60 22.78
N GLN C 50 -46.85 -9.10 22.37
CA GLN C 50 -46.98 -10.43 21.82
C GLN C 50 -47.06 -10.39 20.30
N LEU C 51 -46.33 -11.30 19.66
CA LEU C 51 -46.41 -11.45 18.22
C LEU C 51 -47.57 -12.38 17.88
N ARG C 52 -48.69 -11.78 17.47
CA ARG C 52 -49.89 -12.53 17.11
C ARG C 52 -49.92 -12.78 15.60
N LEU C 53 -49.46 -13.96 15.20
CA LEU C 53 -49.26 -14.29 13.79
C LEU C 53 -50.57 -14.39 12.99
N THR C 54 -51.58 -15.02 13.59
CA THR C 54 -52.91 -15.08 12.99
C THR C 54 -53.87 -14.11 13.68
N ASN C 55 -55.05 -13.92 13.07
CA ASN C 55 -56.00 -12.91 13.52
C ASN C 55 -56.85 -13.29 14.75
N VAL C 56 -57.04 -12.30 15.63
CA VAL C 56 -57.86 -12.45 16.83
C VAL C 56 -58.77 -11.22 17.01
N ASN C 57 -60.08 -11.45 17.01
CA ASN C 57 -61.06 -10.36 17.16
C ASN C 57 -61.05 -9.70 18.54
N ASP C 58 -62.02 -8.83 18.80
CA ASP C 58 -62.06 -8.07 20.04
C ASP C 58 -62.46 -8.92 21.26
N ASN C 59 -63.19 -10.01 21.01
CA ASN C 59 -63.61 -10.93 22.06
C ASN C 59 -62.48 -11.80 22.60
N GLY C 60 -61.36 -11.83 21.88
CA GLY C 60 -60.24 -12.73 22.18
C GLY C 60 -60.38 -14.06 21.47
N GLU C 61 -61.04 -14.04 20.30
CA GLU C 61 -61.30 -15.25 19.53
C GLU C 61 -60.51 -15.27 18.22
N PRO C 62 -59.92 -16.43 17.89
CA PRO C 62 -59.21 -16.59 16.62
C PRO C 62 -60.18 -16.75 15.44
N THR C 63 -59.87 -16.11 14.32
CA THR C 63 -60.73 -16.18 13.13
C THR C 63 -60.21 -17.17 12.13
N LEU C 64 -61.12 -17.79 11.37
CA LEU C 64 -60.78 -18.74 10.30
C LEU C 64 -60.16 -18.02 9.09
N SER C 65 -59.50 -18.78 8.23
CA SER C 65 -58.87 -18.28 6.99
C SER C 65 -57.87 -17.12 7.18
N SER C 66 -57.23 -17.09 8.33
CA SER C 66 -56.24 -16.08 8.67
C SER C 66 -54.83 -16.54 8.31
N LEU C 67 -53.99 -15.58 7.90
CA LEU C 67 -52.61 -15.85 7.51
C LEU C 67 -51.72 -14.66 7.88
N GLY C 68 -50.63 -14.95 8.57
CA GLY C 68 -49.67 -13.92 9.00
C GLY C 68 -48.24 -14.44 9.03
N ARG C 69 -47.29 -13.53 8.78
CA ARG C 69 -45.87 -13.87 8.76
C ARG C 69 -45.06 -12.68 9.27
N ALA C 70 -44.16 -12.96 10.20
CA ALA C 70 -43.30 -11.91 10.76
C ALA C 70 -41.84 -12.33 10.62
N PHE C 71 -41.01 -11.37 10.21
CA PHE C 71 -39.57 -11.62 10.05
C PHE C 71 -38.75 -10.59 10.81
N TYR C 72 -37.48 -10.91 11.06
CA TYR C 72 -36.54 -9.92 11.58
C TYR C 72 -36.17 -8.98 10.44
N SER C 73 -36.05 -7.68 10.73
CA SER C 73 -35.92 -6.66 9.69
C SER C 73 -34.55 -6.59 9.01
N ALA C 74 -33.57 -7.33 9.54
CA ALA C 74 -32.25 -7.44 8.90
C ALA C 74 -32.08 -8.83 8.32
N PRO C 75 -31.79 -8.90 7.00
CA PRO C 75 -31.52 -10.20 6.39
C PRO C 75 -30.24 -10.82 6.93
N ILE C 76 -30.14 -12.14 6.88
CA ILE C 76 -29.04 -12.87 7.48
C ILE C 76 -28.36 -13.70 6.39
N GLN C 77 -27.03 -13.67 6.37
CA GLN C 77 -26.29 -14.47 5.41
C GLN C 77 -26.16 -15.91 5.87
N ILE C 78 -26.59 -16.83 5.01
CA ILE C 78 -26.63 -18.25 5.31
C ILE C 78 -25.44 -19.00 4.69
N TRP C 79 -24.96 -18.52 3.55
CA TRP C 79 -23.79 -19.10 2.91
C TRP C 79 -23.07 -18.13 1.97
N ASP C 80 -21.81 -18.42 1.69
CA ASP C 80 -20.98 -17.59 0.83
C ASP C 80 -20.57 -18.39 -0.40
N ASN C 81 -20.87 -17.87 -1.59
CA ASN C 81 -20.52 -18.57 -2.84
C ASN C 81 -19.01 -18.55 -3.15
N THR C 82 -18.31 -17.55 -2.61
CA THR C 82 -16.87 -17.42 -2.85
C THR C 82 -16.07 -18.41 -2.02
N THR C 83 -16.33 -18.44 -0.71
CA THR C 83 -15.60 -19.36 0.18
C THR C 83 -16.24 -20.75 0.18
N GLY C 84 -17.54 -20.81 -0.07
CA GLY C 84 -18.27 -22.07 -0.03
C GLY C 84 -18.83 -22.36 1.34
N ALA C 85 -18.58 -21.45 2.29
CA ALA C 85 -18.91 -21.65 3.70
C ALA C 85 -20.39 -21.47 4.01
N VAL C 86 -20.91 -22.37 4.84
CA VAL C 86 -22.31 -22.32 5.26
C VAL C 86 -22.40 -21.98 6.74
N ALA C 87 -23.39 -21.17 7.09
CA ALA C 87 -23.59 -20.73 8.46
C ALA C 87 -24.14 -21.85 9.32
N SER C 88 -23.77 -21.84 10.59
CA SER C 88 -24.43 -22.65 11.60
C SER C 88 -25.31 -21.71 12.39
N PHE C 89 -26.56 -22.09 12.58
CA PHE C 89 -27.50 -21.23 13.30
C PHE C 89 -28.29 -21.99 14.35
N ALA C 90 -28.87 -21.25 15.28
CA ALA C 90 -29.80 -21.79 16.25
C ALA C 90 -30.84 -20.74 16.59
N THR C 91 -32.08 -21.18 16.75
CA THR C 91 -33.17 -20.32 17.16
C THR C 91 -33.95 -20.99 18.28
N SER C 92 -34.37 -20.19 19.25
CA SER C 92 -35.20 -20.67 20.36
C SER C 92 -36.29 -19.65 20.64
N PHE C 93 -37.53 -20.14 20.76
CA PHE C 93 -38.68 -19.27 20.97
C PHE C 93 -39.76 -19.95 21.79
N THR C 94 -40.67 -19.16 22.36
CA THR C 94 -41.81 -19.71 23.09
C THR C 94 -43.12 -19.32 22.41
N PHE C 95 -43.86 -20.33 21.96
CA PHE C 95 -45.16 -20.08 21.32
C PHE C 95 -46.36 -20.59 22.14
N ASN C 96 -47.48 -19.89 21.99
CA ASN C 96 -48.74 -20.32 22.59
C ASN C 96 -49.79 -20.56 21.50
N ILE C 97 -50.26 -21.79 21.40
CA ILE C 97 -51.36 -22.12 20.51
C ILE C 97 -52.59 -22.53 21.32
N ASP C 98 -53.63 -21.69 21.27
CA ASP C 98 -54.86 -21.95 22.01
C ASP C 98 -56.01 -22.25 21.06
N VAL C 99 -56.91 -23.13 21.49
CA VAL C 99 -58.10 -23.49 20.72
C VAL C 99 -59.36 -23.10 21.50
N PRO C 100 -60.26 -22.31 20.88
CA PRO C 100 -61.48 -21.94 21.57
C PRO C 100 -62.41 -23.13 21.78
N ASN C 101 -63.43 -22.95 22.62
CA ASN C 101 -64.39 -23.99 22.95
C ASN C 101 -65.07 -24.58 21.72
N ASN C 102 -65.31 -25.90 21.76
CA ASN C 102 -66.01 -26.63 20.69
C ASN C 102 -65.37 -26.55 19.30
N SER C 103 -64.05 -26.37 19.27
CA SER C 103 -63.29 -26.34 18.02
C SER C 103 -62.08 -27.26 18.08
N GLY C 104 -61.57 -27.63 16.91
CA GLY C 104 -60.30 -28.32 16.78
C GLY C 104 -59.20 -27.34 16.37
N PRO C 105 -57.92 -27.76 16.49
CA PRO C 105 -56.83 -26.87 16.11
C PRO C 105 -56.45 -26.96 14.62
N ALA C 106 -56.11 -25.81 14.04
CA ALA C 106 -55.67 -25.71 12.64
C ALA C 106 -55.12 -24.31 12.38
N ASP C 107 -54.11 -24.18 11.53
CA ASP C 107 -53.39 -25.29 10.89
C ASP C 107 -52.01 -25.51 11.51
N GLY C 108 -51.44 -24.45 12.08
CA GLY C 108 -50.13 -24.53 12.71
C GLY C 108 -49.26 -23.33 12.38
N LEU C 109 -48.11 -23.24 13.06
CA LEU C 109 -47.11 -22.21 12.79
C LEU C 109 -45.78 -22.85 12.46
N ALA C 110 -44.93 -22.13 11.74
CA ALA C 110 -43.60 -22.63 11.40
C ALA C 110 -42.54 -21.55 11.50
N PHE C 111 -41.36 -21.94 11.97
CA PHE C 111 -40.17 -21.10 11.85
C PHE C 111 -39.61 -21.29 10.46
N VAL C 112 -39.28 -20.20 9.77
CA VAL C 112 -38.91 -20.27 8.37
C VAL C 112 -37.66 -19.49 7.99
N LEU C 113 -36.94 -20.01 6.99
CA LEU C 113 -35.88 -19.31 6.29
C LEU C 113 -36.32 -19.14 4.84
N LEU C 114 -36.45 -17.89 4.38
CA LEU C 114 -36.95 -17.60 3.04
C LEU C 114 -36.11 -16.53 2.35
N PRO C 115 -36.21 -16.40 1.00
CA PRO C 115 -35.48 -15.37 0.27
C PRO C 115 -35.89 -13.97 0.69
N VAL C 116 -34.95 -13.02 0.62
CA VAL C 116 -35.24 -11.63 0.95
C VAL C 116 -36.34 -11.11 0.03
N GLY C 117 -37.36 -10.49 0.62
CA GLY C 117 -38.47 -9.90 -0.13
C GLY C 117 -39.60 -10.85 -0.48
N SER C 118 -39.54 -12.07 0.06
CA SER C 118 -40.55 -13.10 -0.19
C SER C 118 -41.96 -12.64 0.17
N GLN C 119 -42.93 -13.08 -0.63
CA GLN C 119 -44.33 -12.79 -0.36
C GLN C 119 -45.11 -14.00 0.19
N PRO C 120 -46.18 -13.74 0.97
CA PRO C 120 -47.03 -14.84 1.42
C PRO C 120 -47.58 -15.65 0.26
N LYS C 121 -47.79 -16.94 0.48
CA LYS C 121 -48.34 -17.81 -0.55
C LYS C 121 -49.75 -18.22 -0.10
N ASP C 122 -50.19 -19.41 -0.51
CA ASP C 122 -51.54 -19.88 -0.21
C ASP C 122 -51.70 -20.25 1.26
N LYS C 123 -52.91 -20.09 1.78
CA LYS C 123 -53.21 -20.32 3.20
C LYS C 123 -53.60 -21.78 3.54
N GLY C 124 -54.17 -21.96 4.74
CA GLY C 124 -54.66 -23.26 5.18
C GLY C 124 -53.56 -24.22 5.63
N GLY C 125 -53.67 -25.48 5.21
CA GLY C 125 -52.66 -26.48 5.52
C GLY C 125 -51.36 -26.33 4.75
N LEU C 126 -51.20 -25.20 4.07
CA LEU C 126 -49.96 -24.91 3.35
C LEU C 126 -49.14 -23.83 4.06
N LEU C 127 -49.61 -23.45 5.26
CA LEU C 127 -48.88 -22.59 6.20
C LEU C 127 -48.35 -21.28 5.60
N GLY C 128 -48.94 -20.85 4.49
CA GLY C 128 -48.57 -19.61 3.83
C GLY C 128 -47.21 -19.66 3.17
N LEU C 129 -46.77 -20.87 2.82
CA LEU C 129 -45.43 -21.06 2.25
C LEU C 129 -45.46 -21.62 0.85
N PHE C 130 -46.49 -22.40 0.53
CA PHE C 130 -46.58 -23.07 -0.77
C PHE C 130 -47.93 -22.87 -1.45
N ASN C 131 -47.93 -23.04 -2.77
CA ASN C 131 -49.14 -22.95 -3.59
C ASN C 131 -49.86 -24.30 -3.67
N ASN C 132 -49.07 -25.38 -3.58
CA ASN C 132 -49.59 -26.74 -3.67
C ASN C 132 -48.76 -27.73 -2.84
N TYR C 133 -49.18 -28.99 -2.81
CA TYR C 133 -48.52 -30.02 -2.00
C TYR C 133 -47.53 -30.87 -2.80
N LYS C 134 -47.01 -30.30 -3.88
CA LYS C 134 -45.97 -30.91 -4.68
C LYS C 134 -44.63 -30.28 -4.32
N TYR C 135 -43.54 -30.96 -4.65
CA TYR C 135 -42.18 -30.43 -4.41
C TYR C 135 -41.90 -29.30 -5.39
N ASP C 136 -41.21 -28.26 -4.90
CA ASP C 136 -40.88 -27.11 -5.75
C ASP C 136 -39.47 -26.60 -5.50
N SER C 137 -38.54 -26.93 -6.40
CA SER C 137 -37.14 -26.54 -6.26
C SER C 137 -36.92 -25.04 -6.35
N ASN C 138 -37.83 -24.34 -7.02
CA ASN C 138 -37.78 -22.88 -7.12
C ASN C 138 -38.41 -22.18 -5.91
N ALA C 139 -38.82 -22.96 -4.91
CA ALA C 139 -39.47 -22.40 -3.72
C ALA C 139 -38.48 -21.80 -2.72
N HIS C 140 -37.28 -22.39 -2.64
CA HIS C 140 -36.23 -21.95 -1.73
C HIS C 140 -36.76 -21.76 -0.31
N THR C 141 -37.21 -22.85 0.29
CA THR C 141 -37.87 -22.80 1.59
C THR C 141 -37.33 -23.88 2.54
N VAL C 142 -36.74 -23.44 3.63
CA VAL C 142 -36.40 -24.33 4.74
C VAL C 142 -37.25 -23.92 5.94
N ALA C 143 -38.03 -24.87 6.46
CA ALA C 143 -38.95 -24.57 7.56
C ALA C 143 -39.10 -25.72 8.56
N VAL C 144 -39.27 -25.37 9.82
CA VAL C 144 -39.61 -26.34 10.86
C VAL C 144 -41.06 -26.10 11.24
N GLU C 145 -41.94 -27.05 10.91
CA GLU C 145 -43.38 -26.86 11.09
C GLU C 145 -43.90 -27.47 12.39
N PHE C 146 -44.93 -26.84 12.94
CA PHE C 146 -45.67 -27.40 14.08
C PHE C 146 -47.12 -27.55 13.67
N ASP C 147 -47.39 -28.72 13.11
CA ASP C 147 -48.63 -29.01 12.39
C ASP C 147 -49.70 -29.59 13.31
N THR C 148 -50.81 -28.86 13.43
CA THR C 148 -51.89 -29.22 14.35
C THR C 148 -53.06 -29.94 13.65
N LEU C 149 -53.17 -29.77 12.34
CA LEU C 149 -54.23 -30.43 11.59
C LEU C 149 -53.71 -31.39 10.52
N TYR C 150 -54.26 -32.61 10.55
CA TYR C 150 -53.91 -33.66 9.62
C TYR C 150 -54.51 -33.41 8.24
N ASN C 151 -53.63 -33.26 7.24
CA ASN C 151 -54.06 -33.12 5.86
C ASN C 151 -53.90 -34.43 5.12
N VAL C 152 -55.01 -35.02 4.72
CA VAL C 152 -55.04 -36.35 4.11
C VAL C 152 -53.94 -36.56 3.06
N HIS C 153 -53.69 -35.54 2.25
CA HIS C 153 -52.88 -35.69 1.03
C HIS C 153 -51.36 -35.80 1.23
N TRP C 154 -50.86 -35.33 2.37
CA TRP C 154 -49.41 -35.38 2.64
C TRP C 154 -49.01 -35.69 4.09
N ASP C 155 -49.74 -35.11 5.05
CA ASP C 155 -49.37 -35.23 6.47
C ASP C 155 -49.55 -36.64 7.05
N PRO C 156 -48.87 -36.94 8.17
CA PRO C 156 -49.19 -38.14 8.95
C PRO C 156 -50.41 -37.90 9.84
N LYS C 157 -51.06 -38.99 10.25
CA LYS C 157 -52.32 -38.89 10.99
C LYS C 157 -52.20 -38.16 12.35
N PRO C 158 -51.15 -38.46 13.15
CA PRO C 158 -51.00 -37.74 14.42
C PRO C 158 -50.47 -36.32 14.21
N ARG C 159 -50.69 -35.44 15.19
CA ARG C 159 -50.14 -34.09 15.16
C ARG C 159 -48.63 -34.19 15.31
N HIS C 160 -47.91 -33.39 14.53
CA HIS C 160 -46.48 -33.58 14.37
C HIS C 160 -45.63 -32.32 14.37
N ILE C 161 -44.32 -32.51 14.52
CA ILE C 161 -43.31 -31.53 14.15
C ILE C 161 -42.64 -32.08 12.89
N GLY C 162 -42.42 -31.21 11.91
CA GLY C 162 -41.81 -31.65 10.66
C GLY C 162 -40.78 -30.68 10.09
N ILE C 163 -39.82 -31.23 9.35
CA ILE C 163 -38.78 -30.45 8.70
C ILE C 163 -39.08 -30.34 7.22
N ASP C 164 -39.45 -29.14 6.79
CA ASP C 164 -39.90 -28.86 5.43
C ASP C 164 -38.79 -28.29 4.57
N VAL C 165 -38.58 -28.90 3.42
CA VAL C 165 -37.59 -28.44 2.46
C VAL C 165 -38.25 -28.39 1.08
N ASN C 166 -38.65 -27.20 0.66
CA ASN C 166 -39.26 -26.97 -0.66
C ASN C 166 -40.56 -27.74 -0.93
N SER C 167 -41.17 -28.26 0.15
CA SER C 167 -42.40 -29.03 0.08
C SER C 167 -43.09 -28.99 1.43
N ILE C 168 -44.42 -29.01 1.41
CA ILE C 168 -45.19 -29.13 2.66
C ILE C 168 -45.10 -30.58 3.18
N LYS C 169 -44.85 -31.51 2.27
CA LYS C 169 -44.52 -32.88 2.63
C LYS C 169 -43.13 -32.90 3.25
N SER C 170 -43.09 -32.91 4.58
CA SER C 170 -41.85 -32.89 5.34
C SER C 170 -40.96 -34.10 4.96
N ILE C 171 -39.65 -33.87 4.94
CA ILE C 171 -38.71 -34.96 4.70
C ILE C 171 -38.64 -35.87 5.93
N LYS C 172 -38.92 -35.30 7.10
CA LYS C 172 -38.99 -36.07 8.34
C LYS C 172 -39.98 -35.45 9.31
N THR C 173 -40.68 -36.30 10.06
CA THR C 173 -41.64 -35.86 11.07
C THR C 173 -41.43 -36.56 12.41
N THR C 174 -42.07 -36.04 13.45
CA THR C 174 -42.11 -36.70 14.76
C THR C 174 -43.42 -36.37 15.47
N THR C 175 -43.98 -37.35 16.19
CA THR C 175 -45.26 -37.17 16.88
C THR C 175 -45.19 -36.05 17.92
N TRP C 176 -46.27 -35.27 17.99
CA TRP C 176 -46.34 -34.12 18.88
C TRP C 176 -47.65 -34.13 19.67
N ASP C 177 -47.56 -34.44 20.96
CA ASP C 177 -48.73 -34.47 21.84
C ASP C 177 -49.18 -33.05 22.13
N PHE C 178 -49.96 -32.51 21.20
CA PHE C 178 -50.42 -31.13 21.26
C PHE C 178 -51.43 -30.89 22.38
N VAL C 179 -51.12 -29.90 23.23
CA VAL C 179 -52.05 -29.48 24.26
C VAL C 179 -52.30 -27.97 24.13
N LYS C 180 -53.57 -27.60 24.04
CA LYS C 180 -53.99 -26.21 23.86
C LYS C 180 -53.73 -25.38 25.11
N GLY C 181 -53.38 -24.11 24.90
CA GLY C 181 -53.23 -23.14 25.99
C GLY C 181 -51.98 -23.28 26.84
N GLU C 182 -51.11 -24.23 26.49
CA GLU C 182 -49.86 -24.43 27.22
C GLU C 182 -48.68 -23.83 26.45
N ASN C 183 -47.82 -23.12 27.17
CA ASN C 183 -46.61 -22.56 26.59
C ASN C 183 -45.67 -23.64 26.06
N ALA C 184 -45.17 -23.44 24.85
CA ALA C 184 -44.27 -24.41 24.23
C ALA C 184 -42.94 -23.77 23.88
N GLU C 185 -41.88 -24.23 24.54
CA GLU C 185 -40.52 -23.74 24.28
C GLU C 185 -39.88 -24.60 23.19
N VAL C 186 -39.27 -23.94 22.20
CA VAL C 186 -38.73 -24.60 21.02
C VAL C 186 -37.25 -24.28 20.82
N LEU C 187 -36.46 -25.29 20.50
CA LEU C 187 -35.07 -25.09 20.11
C LEU C 187 -34.79 -25.75 18.78
N ILE C 188 -34.37 -24.95 17.81
CA ILE C 188 -33.99 -25.45 16.49
C ILE C 188 -32.50 -25.15 16.27
N THR C 189 -31.70 -26.19 16.09
CA THR C 189 -30.25 -26.01 15.85
C THR C 189 -29.80 -26.57 14.49
N TYR C 190 -28.97 -25.80 13.79
CA TYR C 190 -28.36 -26.27 12.56
C TYR C 190 -26.84 -26.21 12.62
N ASP C 191 -26.20 -27.30 12.23
CA ASP C 191 -24.76 -27.47 12.27
C ASP C 191 -24.26 -27.77 10.86
N SER C 192 -23.49 -26.84 10.28
CA SER C 192 -23.12 -26.94 8.85
C SER C 192 -22.05 -27.99 8.54
N SER C 193 -21.20 -28.27 9.52
CA SER C 193 -20.20 -29.33 9.41
C SER C 193 -20.79 -30.71 9.12
N THR C 194 -21.94 -30.99 9.73
CA THR C 194 -22.61 -32.29 9.59
C THR C 194 -23.90 -32.16 8.77
N LYS C 195 -24.30 -30.92 8.49
CA LYS C 195 -25.54 -30.59 7.79
C LYS C 195 -26.82 -31.04 8.52
N LEU C 196 -26.72 -31.24 9.83
CA LEU C 196 -27.84 -31.75 10.61
C LEU C 196 -28.73 -30.64 11.17
N LEU C 197 -30.04 -30.76 10.92
CA LEU C 197 -31.04 -29.87 11.52
C LEU C 197 -31.79 -30.61 12.62
N VAL C 198 -31.82 -30.04 13.82
CA VAL C 198 -32.49 -30.66 14.96
C VAL C 198 -33.55 -29.72 15.53
N ALA C 199 -34.73 -30.27 15.83
CA ALA C 199 -35.84 -29.48 16.38
C ALA C 199 -36.49 -30.19 17.54
N SER C 200 -36.58 -29.47 18.66
CA SER C 200 -37.19 -30.00 19.87
C SER C 200 -38.27 -29.06 20.40
N LEU C 201 -39.29 -29.65 21.01
CA LEU C 201 -40.35 -28.91 21.69
C LEU C 201 -40.47 -29.43 23.11
N VAL C 202 -40.68 -28.52 24.06
CA VAL C 202 -40.93 -28.88 25.46
C VAL C 202 -42.14 -28.11 26.01
N TYR C 203 -42.93 -28.79 26.84
CA TYR C 203 -43.99 -28.15 27.62
C TYR C 203 -43.55 -28.07 29.08
N PRO C 204 -43.02 -26.91 29.51
CA PRO C 204 -42.45 -26.71 30.85
C PRO C 204 -43.34 -27.20 32.01
N SER C 205 -44.65 -26.97 31.89
CA SER C 205 -45.61 -27.34 32.93
C SER C 205 -46.04 -28.81 32.87
N LEU C 206 -46.13 -29.36 31.66
CA LEU C 206 -46.49 -30.76 31.47
C LEU C 206 -45.30 -31.71 31.57
N LYS C 207 -44.09 -31.14 31.53
CA LYS C 207 -42.82 -31.88 31.61
C LYS C 207 -42.58 -32.82 30.41
N THR C 208 -43.40 -32.66 29.37
CA THR C 208 -43.28 -33.48 28.15
C THR C 208 -42.30 -32.84 27.17
N SER C 209 -41.65 -33.67 26.35
CA SER C 209 -40.66 -33.23 25.38
C SER C 209 -40.65 -34.08 24.11
N PHE C 210 -40.31 -33.46 22.99
CA PHE C 210 -40.31 -34.13 21.69
C PHE C 210 -39.15 -33.61 20.85
N ILE C 211 -38.65 -34.45 19.95
CA ILE C 211 -37.47 -34.12 19.15
C ILE C 211 -37.49 -34.77 17.76
N VAL C 212 -36.95 -34.04 16.78
CA VAL C 212 -36.84 -34.52 15.40
C VAL C 212 -35.52 -34.05 14.80
N SER C 213 -34.89 -34.90 13.99
CA SER C 213 -33.62 -34.54 13.37
C SER C 213 -33.42 -35.17 12.01
N ASP C 214 -32.88 -34.39 11.09
CA ASP C 214 -32.52 -34.85 9.75
C ASP C 214 -31.48 -33.90 9.17
N THR C 215 -30.79 -34.32 8.10
CA THR C 215 -29.83 -33.44 7.45
C THR C 215 -30.49 -32.63 6.34
N VAL C 216 -29.99 -31.41 6.16
CA VAL C 216 -30.49 -30.47 5.17
C VAL C 216 -29.29 -29.81 4.51
N ASP C 217 -29.26 -29.76 3.18
CA ASP C 217 -28.20 -29.07 2.47
C ASP C 217 -28.65 -27.67 2.07
N LEU C 218 -28.40 -26.69 2.95
CA LEU C 218 -28.83 -25.30 2.73
C LEU C 218 -28.28 -24.70 1.44
N LYS C 219 -27.04 -25.10 1.11
CA LYS C 219 -26.28 -24.57 -0.02
C LYS C 219 -26.99 -24.77 -1.37
N SER C 220 -27.86 -25.78 -1.43
CA SER C 220 -28.58 -26.09 -2.66
C SER C 220 -30.03 -25.58 -2.65
N VAL C 221 -30.51 -25.17 -1.48
CA VAL C 221 -31.92 -24.82 -1.31
C VAL C 221 -32.16 -23.31 -1.17
N LEU C 222 -31.39 -22.66 -0.30
CA LEU C 222 -31.59 -21.24 0.00
C LEU C 222 -30.60 -20.33 -0.74
N PRO C 223 -30.97 -19.05 -0.94
CA PRO C 223 -30.01 -18.07 -1.45
C PRO C 223 -29.02 -17.69 -0.35
N GLU C 224 -27.97 -16.98 -0.73
CA GLU C 224 -26.92 -16.56 0.21
C GLU C 224 -27.49 -15.80 1.39
N TRP C 225 -28.34 -14.82 1.10
CA TRP C 225 -29.01 -14.04 2.14
C TRP C 225 -30.46 -14.46 2.24
N VAL C 226 -30.94 -14.63 3.48
CA VAL C 226 -32.32 -15.00 3.75
C VAL C 226 -32.91 -14.12 4.84
N ILE C 227 -34.24 -14.20 5.02
CA ILE C 227 -34.90 -13.61 6.18
C ILE C 227 -35.36 -14.71 7.11
N VAL C 228 -35.35 -14.42 8.41
CA VAL C 228 -35.75 -15.39 9.41
C VAL C 228 -36.93 -14.90 10.23
N GLY C 229 -37.79 -15.83 10.61
CA GLY C 229 -39.00 -15.51 11.35
C GLY C 229 -40.06 -16.57 11.21
N PHE C 230 -41.31 -16.17 11.37
CA PHE C 230 -42.41 -17.12 11.53
C PHE C 230 -43.50 -16.98 10.47
N THR C 231 -44.26 -18.06 10.31
CA THR C 231 -45.44 -18.06 9.46
C THR C 231 -46.53 -18.88 10.16
N ALA C 232 -47.78 -18.46 10.04
CA ALA C 232 -48.89 -19.18 10.66
C ALA C 232 -50.20 -19.06 9.87
N THR C 233 -51.08 -20.05 10.07
CA THR C 233 -52.41 -20.07 9.45
C THR C 233 -53.44 -20.72 10.37
N THR C 234 -54.66 -20.19 10.34
CA THR C 234 -55.82 -20.87 10.91
C THR C 234 -56.55 -21.58 9.78
N GLY C 235 -57.30 -22.63 10.11
CA GLY C 235 -58.05 -23.43 9.12
C GLY C 235 -59.14 -22.66 8.39
N ILE C 236 -59.55 -23.20 7.24
CA ILE C 236 -60.55 -22.54 6.40
C ILE C 236 -61.98 -23.00 6.66
N THR C 237 -62.12 -24.13 7.36
CA THR C 237 -63.41 -24.74 7.66
C THR C 237 -63.78 -24.57 9.14
N LYS C 238 -65.02 -24.16 9.40
CA LYS C 238 -65.52 -23.95 10.76
C LYS C 238 -65.20 -25.13 11.69
N GLY C 239 -64.83 -24.82 12.94
CA GLY C 239 -64.50 -25.84 13.92
C GLY C 239 -63.05 -26.29 13.84
N ASN C 240 -62.27 -25.59 13.01
CA ASN C 240 -60.84 -25.86 12.86
C ASN C 240 -60.09 -24.52 12.90
N VAL C 241 -59.76 -24.07 14.10
CA VAL C 241 -59.13 -22.76 14.29
C VAL C 241 -58.23 -22.76 15.53
N GLU C 242 -57.34 -21.77 15.62
CA GLU C 242 -56.44 -21.61 16.77
C GLU C 242 -55.81 -20.23 16.80
N THR C 243 -55.27 -19.87 17.96
CA THR C 243 -54.36 -18.72 18.06
C THR C 243 -52.95 -19.20 17.71
N ASN C 244 -52.14 -18.30 17.16
CA ASN C 244 -50.74 -18.59 16.86
C ASN C 244 -49.84 -17.45 17.33
N ASP C 245 -49.40 -17.55 18.58
CA ASP C 245 -48.69 -16.45 19.24
C ASP C 245 -47.22 -16.78 19.53
N ILE C 246 -46.37 -15.77 19.45
CA ILE C 246 -44.96 -15.90 19.81
C ILE C 246 -44.71 -14.97 21.01
N LEU C 247 -44.30 -15.57 22.13
CA LEU C 247 -44.10 -14.82 23.38
C LEU C 247 -42.66 -14.37 23.62
N SER C 248 -41.71 -14.99 22.92
CA SER C 248 -40.29 -14.61 23.00
C SER C 248 -39.46 -15.30 21.91
N TRP C 249 -38.37 -14.63 21.48
CA TRP C 249 -37.57 -15.13 20.36
C TRP C 249 -36.08 -14.89 20.54
N SER C 250 -35.28 -15.92 20.25
CA SER C 250 -33.82 -15.83 20.26
C SER C 250 -33.25 -16.45 19.00
N PHE C 251 -32.31 -15.75 18.37
CA PHE C 251 -31.70 -16.24 17.15
C PHE C 251 -30.23 -15.91 17.13
N ALA C 252 -29.44 -16.85 16.61
CA ALA C 252 -27.99 -16.71 16.47
C ALA C 252 -27.52 -17.50 15.26
N SER C 253 -26.68 -16.86 14.44
CA SER C 253 -26.00 -17.55 13.34
C SER C 253 -24.56 -17.07 13.18
N LYS C 254 -23.67 -18.02 12.93
CA LYS C 254 -22.23 -17.79 12.79
C LYS C 254 -21.82 -18.31 11.42
N LEU C 255 -20.99 -17.54 10.70
CA LEU C 255 -20.57 -17.88 9.34
C LEU C 255 -19.10 -17.55 9.14
N SER C 256 -18.26 -18.58 9.02
CA SER C 256 -16.81 -18.39 8.83
C SER C 256 -16.43 -17.88 7.43
N ASP C 257 -15.44 -17.00 7.38
CA ASP C 257 -14.91 -16.48 6.12
C ASP C 257 -13.41 -16.76 5.96
N GLY C 258 -12.77 -17.12 7.06
CA GLY C 258 -11.35 -17.48 7.08
C GLY C 258 -10.44 -16.35 7.55
N THR C 259 -10.85 -15.69 8.64
CA THR C 259 -10.16 -14.51 9.22
C THR C 259 -9.91 -13.41 8.18
N ALA D 22 -24.28 -11.44 35.54
CA ALA D 22 -24.08 -11.14 36.99
C ALA D 22 -22.99 -12.02 37.61
N SER D 23 -23.17 -13.34 37.53
CA SER D 23 -22.10 -14.29 37.79
C SER D 23 -22.08 -15.31 36.66
N GLN D 24 -21.37 -14.98 35.59
CA GLN D 24 -21.29 -15.83 34.41
C GLN D 24 -20.03 -16.68 34.38
N THR D 25 -20.17 -17.91 33.92
CA THR D 25 -19.05 -18.81 33.66
C THR D 25 -19.38 -19.60 32.41
N SER D 26 -18.42 -19.67 31.49
CA SER D 26 -18.59 -20.48 30.28
C SER D 26 -17.24 -20.89 29.71
N PHE D 27 -17.09 -22.18 29.45
CA PHE D 27 -15.89 -22.73 28.82
C PHE D 27 -16.25 -23.69 27.70
N SER D 28 -15.38 -23.79 26.70
CA SER D 28 -15.59 -24.64 25.55
C SER D 28 -14.27 -25.30 25.13
N PHE D 29 -14.24 -26.63 25.11
CA PHE D 29 -13.05 -27.37 24.68
C PHE D 29 -13.34 -28.35 23.56
N GLN D 30 -12.45 -28.38 22.56
CA GLN D 30 -12.50 -29.36 21.48
C GLN D 30 -11.42 -30.42 21.72
N ARG D 31 -10.35 -30.04 22.43
CA ARG D 31 -9.31 -30.97 22.88
C ARG D 31 -9.12 -30.81 24.38
N PHE D 32 -8.87 -31.93 25.05
CA PHE D 32 -8.69 -31.90 26.50
C PHE D 32 -7.21 -31.92 26.89
N ASN D 33 -6.92 -31.34 28.06
CA ASN D 33 -5.61 -31.42 28.69
C ASN D 33 -5.84 -31.53 30.19
N GLU D 34 -5.01 -32.29 30.89
CA GLU D 34 -5.21 -32.52 32.33
C GLU D 34 -4.96 -31.28 33.22
N THR D 35 -4.38 -30.23 32.62
CA THR D 35 -4.00 -29.00 33.33
C THR D 35 -5.17 -28.22 33.95
N ASN D 36 -6.32 -28.24 33.29
CA ASN D 36 -7.50 -27.55 33.84
C ASN D 36 -8.59 -28.52 34.32
N LEU D 37 -8.19 -29.75 34.60
CA LEU D 37 -9.12 -30.77 35.07
C LEU D 37 -8.70 -31.40 36.39
N ILE D 38 -9.71 -31.80 37.17
CA ILE D 38 -9.50 -32.65 38.34
C ILE D 38 -9.85 -34.08 37.90
N LEU D 39 -8.85 -34.94 37.89
CA LEU D 39 -9.04 -36.32 37.47
C LEU D 39 -9.14 -37.26 38.67
N GLN D 40 -10.01 -38.24 38.57
CA GLN D 40 -10.24 -39.18 39.66
C GLN D 40 -10.21 -40.61 39.14
N ARG D 41 -9.51 -41.47 39.87
CA ARG D 41 -9.36 -42.90 39.58
C ARG D 41 -8.87 -43.16 38.16
N ASP D 42 -9.65 -43.90 37.37
CA ASP D 42 -9.19 -44.40 36.08
C ASP D 42 -9.22 -43.38 34.93
N ALA D 43 -9.79 -42.21 35.18
CA ALA D 43 -9.94 -41.18 34.15
C ALA D 43 -8.60 -40.60 33.72
N THR D 44 -8.36 -40.61 32.41
CA THR D 44 -7.12 -40.11 31.82
C THR D 44 -7.41 -39.20 30.64
N VAL D 45 -6.42 -38.41 30.23
CA VAL D 45 -6.50 -37.67 28.97
C VAL D 45 -5.47 -38.30 28.04
N SER D 46 -5.92 -38.76 26.88
CA SER D 46 -5.04 -39.42 25.92
C SER D 46 -4.16 -38.43 25.16
N SER D 47 -3.18 -38.95 24.42
CA SER D 47 -2.25 -38.12 23.64
C SER D 47 -2.90 -37.53 22.40
N LYS D 48 -4.10 -38.00 22.07
CA LYS D 48 -4.91 -37.43 20.99
C LYS D 48 -5.70 -36.21 21.48
N GLY D 49 -5.88 -36.11 22.79
CA GLY D 49 -6.65 -35.04 23.39
C GLY D 49 -8.08 -35.46 23.68
N GLN D 50 -8.24 -36.70 24.16
CA GLN D 50 -9.56 -37.23 24.47
C GLN D 50 -9.67 -37.59 25.95
N LEU D 51 -10.74 -37.11 26.58
CA LEU D 51 -10.98 -37.41 27.98
C LEU D 51 -11.54 -38.82 28.10
N ARG D 52 -10.67 -39.75 28.48
CA ARG D 52 -11.03 -41.15 28.58
C ARG D 52 -11.34 -41.54 30.03
N LEU D 53 -12.63 -41.57 30.35
CA LEU D 53 -13.11 -41.71 31.73
C LEU D 53 -12.83 -43.06 32.39
N THR D 54 -13.02 -44.15 31.65
CA THR D 54 -12.72 -45.49 32.19
C THR D 54 -11.45 -46.04 31.58
N ASN D 55 -10.93 -47.10 32.21
CA ASN D 55 -9.63 -47.67 31.85
C ASN D 55 -9.60 -48.38 30.51
N VAL D 56 -8.51 -48.14 29.79
CA VAL D 56 -8.24 -48.77 28.51
C VAL D 56 -6.79 -49.26 28.52
N ASN D 57 -6.59 -50.57 28.36
CA ASN D 57 -5.24 -51.14 28.26
C ASN D 57 -4.51 -50.77 26.95
N ASP D 58 -3.31 -51.31 26.76
CA ASP D 58 -2.42 -50.89 25.67
C ASP D 58 -2.93 -51.21 24.27
N ASN D 59 -3.82 -52.21 24.17
CA ASN D 59 -4.35 -52.67 22.90
C ASN D 59 -5.61 -51.91 22.49
N GLY D 60 -6.05 -51.00 23.35
CA GLY D 60 -7.28 -50.26 23.13
C GLY D 60 -8.50 -51.04 23.58
N GLU D 61 -8.32 -51.88 24.60
CA GLU D 61 -9.39 -52.73 25.11
C GLU D 61 -9.90 -52.25 26.47
N PRO D 62 -11.19 -51.89 26.56
CA PRO D 62 -11.80 -51.55 27.85
C PRO D 62 -11.72 -52.70 28.84
N THR D 63 -11.45 -52.36 30.10
CA THR D 63 -11.25 -53.36 31.14
C THR D 63 -12.41 -53.34 32.12
N LEU D 64 -12.69 -54.47 32.75
CA LEU D 64 -13.82 -54.59 33.68
C LEU D 64 -13.60 -53.83 34.97
N SER D 65 -14.69 -53.62 35.71
CA SER D 65 -14.66 -53.02 37.05
C SER D 65 -13.99 -51.64 37.13
N SER D 66 -14.05 -50.88 36.04
CA SER D 66 -13.37 -49.59 35.93
C SER D 66 -14.30 -48.43 36.27
N LEU D 67 -13.76 -47.43 36.98
CA LEU D 67 -14.49 -46.24 37.39
C LEU D 67 -13.59 -45.02 37.30
N GLY D 68 -14.10 -43.98 36.65
CA GLY D 68 -13.35 -42.74 36.46
C GLY D 68 -14.25 -41.54 36.50
N ARG D 69 -13.73 -40.42 37.01
CA ARG D 69 -14.48 -39.18 37.10
C ARG D 69 -13.60 -38.01 36.68
N ALA D 70 -14.20 -37.00 36.07
CA ALA D 70 -13.46 -35.84 35.58
C ALA D 70 -14.22 -34.56 35.85
N PHE D 71 -13.51 -33.53 36.31
CA PHE D 71 -14.12 -32.26 36.65
C PHE D 71 -13.33 -31.05 36.15
N TYR D 72 -14.05 -29.96 35.90
CA TYR D 72 -13.44 -28.67 35.62
C TYR D 72 -12.92 -28.06 36.92
N SER D 73 -11.66 -27.66 36.90
CA SER D 73 -10.90 -27.31 38.12
C SER D 73 -11.45 -26.14 38.93
N ALA D 74 -12.33 -25.34 38.32
CA ALA D 74 -12.95 -24.24 39.04
C ALA D 74 -14.40 -24.56 39.39
N PRO D 75 -14.74 -24.57 40.68
CA PRO D 75 -16.13 -24.71 41.12
C PRO D 75 -17.06 -23.63 40.56
N ILE D 76 -18.34 -23.99 40.46
CA ILE D 76 -19.36 -23.11 39.91
C ILE D 76 -20.40 -22.87 41.00
N GLN D 77 -20.94 -21.64 41.07
CA GLN D 77 -21.99 -21.33 42.04
C GLN D 77 -23.38 -21.51 41.42
N ILE D 78 -24.15 -22.42 42.04
CA ILE D 78 -25.47 -22.83 41.54
C ILE D 78 -26.63 -22.01 42.13
N TRP D 79 -26.47 -21.55 43.37
CA TRP D 79 -27.46 -20.67 43.99
C TRP D 79 -26.83 -19.77 45.05
N ASP D 80 -27.56 -18.74 45.45
CA ASP D 80 -27.15 -17.85 46.52
C ASP D 80 -28.18 -17.86 47.64
N ASN D 81 -27.70 -18.09 48.87
CA ASN D 81 -28.56 -18.13 50.05
C ASN D 81 -29.16 -16.77 50.40
N THR D 82 -28.37 -15.71 50.21
CA THR D 82 -28.81 -14.33 50.48
C THR D 82 -29.90 -13.91 49.49
N THR D 83 -29.55 -13.86 48.21
CA THR D 83 -30.45 -13.41 47.15
C THR D 83 -31.56 -14.42 46.83
N GLY D 84 -31.34 -15.67 47.23
CA GLY D 84 -32.31 -16.74 46.98
C GLY D 84 -32.36 -17.23 45.54
N ALA D 85 -31.51 -16.68 44.68
CA ALA D 85 -31.52 -16.97 43.25
C ALA D 85 -30.91 -18.33 42.92
N VAL D 86 -31.38 -18.93 41.83
CA VAL D 86 -30.84 -20.19 41.32
C VAL D 86 -30.26 -19.94 39.94
N ALA D 87 -29.12 -20.55 39.64
CA ALA D 87 -28.50 -20.42 38.33
C ALA D 87 -29.23 -21.21 37.27
N SER D 88 -29.21 -20.68 36.05
CA SER D 88 -29.53 -21.47 34.86
C SER D 88 -28.21 -21.98 34.30
N PHE D 89 -28.23 -23.19 33.74
CA PHE D 89 -27.04 -23.68 33.06
C PHE D 89 -27.40 -24.50 31.83
N ALA D 90 -26.44 -24.57 30.90
CA ALA D 90 -26.51 -25.46 29.76
C ALA D 90 -25.14 -26.06 29.52
N THR D 91 -25.13 -27.32 29.08
CA THR D 91 -23.89 -27.97 28.73
C THR D 91 -24.07 -28.84 27.47
N SER D 92 -23.10 -28.77 26.57
CA SER D 92 -23.09 -29.68 25.43
C SER D 92 -21.75 -30.42 25.38
N PHE D 93 -21.81 -31.68 24.97
CA PHE D 93 -20.62 -32.51 24.80
C PHE D 93 -20.82 -33.61 23.76
N THR D 94 -19.70 -34.11 23.23
CA THR D 94 -19.70 -35.23 22.28
C THR D 94 -19.02 -36.41 22.95
N PHE D 95 -19.74 -37.53 23.07
CA PHE D 95 -19.16 -38.73 23.66
C PHE D 95 -19.18 -39.93 22.72
N ASN D 96 -18.21 -40.81 22.91
CA ASN D 96 -18.12 -42.05 22.14
C ASN D 96 -18.03 -43.28 23.02
N ILE D 97 -19.11 -44.06 23.06
CA ILE D 97 -19.09 -45.35 23.74
C ILE D 97 -18.89 -46.46 22.71
N ASP D 98 -17.79 -47.18 22.85
CA ASP D 98 -17.50 -48.31 21.99
C ASP D 98 -17.51 -49.58 22.82
N VAL D 99 -17.84 -50.70 22.16
CA VAL D 99 -17.90 -52.01 22.80
C VAL D 99 -17.07 -52.96 21.96
N PRO D 100 -16.16 -53.73 22.60
CA PRO D 100 -15.34 -54.68 21.86
C PRO D 100 -16.18 -55.85 21.37
N ASN D 101 -15.68 -56.55 20.37
CA ASN D 101 -16.38 -57.71 19.83
C ASN D 101 -16.54 -58.80 20.88
N ASN D 102 -17.71 -59.44 20.85
CA ASN D 102 -18.04 -60.56 21.74
C ASN D 102 -18.35 -60.12 23.17
N SER D 103 -18.67 -58.83 23.33
CA SER D 103 -19.14 -58.24 24.59
C SER D 103 -20.36 -57.35 24.39
N GLY D 104 -21.06 -57.07 25.49
CA GLY D 104 -22.15 -56.10 25.53
C GLY D 104 -21.71 -54.83 26.25
N PRO D 105 -22.57 -53.79 26.24
CA PRO D 105 -22.19 -52.52 26.88
C PRO D 105 -22.56 -52.44 28.36
N ALA D 106 -21.71 -51.74 29.13
CA ALA D 106 -21.92 -51.52 30.56
C ALA D 106 -20.84 -50.59 31.11
N ASP D 107 -21.17 -49.73 32.07
CA ASP D 107 -22.54 -49.58 32.61
C ASP D 107 -23.20 -48.30 32.10
N GLY D 108 -22.40 -47.40 31.53
CA GLY D 108 -22.87 -46.11 31.06
C GLY D 108 -22.07 -44.96 31.65
N LEU D 109 -22.34 -43.74 31.17
CA LEU D 109 -21.67 -42.53 31.69
C LEU D 109 -22.67 -41.42 32.00
N ALA D 110 -22.22 -40.42 32.77
CA ALA D 110 -23.12 -39.36 33.23
C ALA D 110 -22.46 -37.98 33.31
N PHE D 111 -23.25 -36.94 33.00
CA PHE D 111 -22.89 -35.57 33.37
C PHE D 111 -23.40 -35.33 34.78
N VAL D 112 -22.54 -34.80 35.64
CA VAL D 112 -22.83 -34.70 37.07
C VAL D 112 -22.60 -33.31 37.67
N LEU D 113 -23.42 -32.98 38.66
CA LEU D 113 -23.19 -31.84 39.53
C LEU D 113 -23.03 -32.38 40.95
N LEU D 114 -21.84 -32.22 41.52
CA LEU D 114 -21.53 -32.77 42.85
C LEU D 114 -20.86 -31.74 43.76
N PRO D 115 -20.90 -31.96 45.10
CA PRO D 115 -20.26 -31.03 46.04
C PRO D 115 -18.76 -30.89 45.80
N VAL D 116 -18.20 -29.76 46.21
CA VAL D 116 -16.76 -29.53 46.09
C VAL D 116 -15.99 -30.59 46.89
N GLY D 117 -14.99 -31.19 46.23
CA GLY D 117 -14.15 -32.20 46.87
C GLY D 117 -14.77 -33.59 46.90
N SER D 118 -15.92 -33.73 46.24
CA SER D 118 -16.66 -34.98 46.18
C SER D 118 -15.78 -36.15 45.72
N GLN D 119 -15.85 -37.26 46.45
CA GLN D 119 -15.09 -38.46 46.12
C GLN D 119 -15.94 -39.54 45.46
N PRO D 120 -15.33 -40.38 44.60
CA PRO D 120 -16.05 -41.47 43.93
C PRO D 120 -16.77 -42.39 44.91
N LYS D 121 -17.87 -42.99 44.45
CA LYS D 121 -18.65 -43.92 45.26
C LYS D 121 -18.55 -45.33 44.68
N ASP D 122 -19.52 -46.19 44.99
CA ASP D 122 -19.48 -47.59 44.55
C ASP D 122 -19.61 -47.69 43.03
N LYS D 123 -18.80 -48.57 42.43
CA LYS D 123 -18.70 -48.72 40.97
C LYS D 123 -19.91 -49.44 40.36
N GLY D 124 -19.74 -49.93 39.13
CA GLY D 124 -20.77 -50.72 38.46
C GLY D 124 -21.94 -49.89 37.98
N GLY D 125 -23.15 -50.46 38.08
CA GLY D 125 -24.38 -49.77 37.66
C GLY D 125 -24.79 -48.59 38.55
N LEU D 126 -24.03 -48.36 39.62
CA LEU D 126 -24.23 -47.20 40.48
C LEU D 126 -23.41 -45.99 39.99
N LEU D 127 -22.70 -46.20 38.88
CA LEU D 127 -21.98 -45.16 38.13
C LEU D 127 -21.00 -44.30 38.95
N GLY D 128 -20.64 -44.78 40.14
CA GLY D 128 -19.70 -44.08 41.02
C GLY D 128 -20.30 -42.87 41.72
N LEU D 129 -21.62 -42.87 41.84
CA LEU D 129 -22.33 -41.74 42.44
C LEU D 129 -23.07 -42.13 43.72
N PHE D 130 -23.28 -43.43 43.89
CA PHE D 130 -24.03 -43.94 45.05
C PHE D 130 -23.43 -45.22 45.62
N ASN D 131 -23.83 -45.56 46.85
CA ASN D 131 -23.38 -46.76 47.53
C ASN D 131 -24.44 -47.87 47.58
N ASN D 132 -25.65 -47.51 47.16
CA ASN D 132 -26.80 -48.42 47.07
C ASN D 132 -27.87 -47.83 46.16
N TYR D 133 -28.92 -48.60 45.89
CA TYR D 133 -30.00 -48.15 45.01
C TYR D 133 -31.19 -47.54 45.75
N LYS D 134 -30.92 -47.05 46.96
CA LYS D 134 -31.93 -46.34 47.75
C LYS D 134 -31.75 -44.83 47.62
N TYR D 135 -32.85 -44.09 47.81
CA TYR D 135 -32.80 -42.63 47.87
C TYR D 135 -31.88 -42.18 48.99
N ASP D 136 -31.07 -41.16 48.72
CA ASP D 136 -30.11 -40.64 49.68
C ASP D 136 -30.07 -39.12 49.63
N SER D 137 -30.85 -38.49 50.49
CA SER D 137 -30.93 -37.02 50.53
C SER D 137 -29.59 -36.33 50.83
N ASN D 138 -28.67 -37.06 51.44
CA ASN D 138 -27.34 -36.52 51.75
C ASN D 138 -26.30 -36.74 50.65
N ALA D 139 -26.72 -37.35 49.55
CA ALA D 139 -25.86 -37.57 48.39
C ALA D 139 -25.55 -36.27 47.64
N HIS D 140 -26.50 -35.33 47.68
CA HIS D 140 -26.40 -34.04 46.98
C HIS D 140 -25.90 -34.25 45.55
N THR D 141 -26.69 -34.99 44.77
CA THR D 141 -26.29 -35.42 43.44
C THR D 141 -27.37 -35.19 42.39
N VAL D 142 -27.05 -34.36 41.41
CA VAL D 142 -27.86 -34.18 40.21
C VAL D 142 -27.04 -34.68 39.02
N ALA D 143 -27.59 -35.60 38.25
CA ALA D 143 -26.85 -36.22 37.13
C ALA D 143 -27.74 -36.59 35.96
N VAL D 144 -27.22 -36.41 34.74
CA VAL D 144 -27.89 -36.87 33.55
C VAL D 144 -27.16 -38.13 33.09
N GLU D 145 -27.82 -39.28 33.24
CA GLU D 145 -27.17 -40.56 33.02
C GLU D 145 -27.40 -41.10 31.61
N PHE D 146 -26.40 -41.83 31.12
CA PHE D 146 -26.55 -42.54 29.85
C PHE D 146 -26.31 -44.02 30.10
N ASP D 147 -27.41 -44.70 30.43
CA ASP D 147 -27.38 -46.07 30.89
C ASP D 147 -27.34 -47.09 29.75
N THR D 148 -26.34 -47.95 29.77
CA THR D 148 -26.17 -48.96 28.72
C THR D 148 -26.46 -50.38 29.20
N LEU D 149 -26.64 -50.54 30.51
CA LEU D 149 -26.93 -51.86 31.07
C LEU D 149 -28.12 -51.86 32.02
N TYR D 150 -29.00 -52.84 31.80
CA TYR D 150 -30.20 -53.04 32.61
C TYR D 150 -29.86 -53.62 33.98
N ASN D 151 -30.24 -52.89 35.02
CA ASN D 151 -30.12 -53.37 36.39
C ASN D 151 -31.49 -53.71 36.95
N VAL D 152 -31.77 -55.01 37.07
CA VAL D 152 -33.08 -55.54 37.45
C VAL D 152 -33.81 -54.79 38.58
N HIS D 153 -33.06 -54.35 39.59
CA HIS D 153 -33.63 -53.75 40.79
C HIS D 153 -34.23 -52.35 40.60
N TRP D 154 -33.76 -51.60 39.61
CA TRP D 154 -34.20 -50.21 39.47
C TRP D 154 -34.44 -49.67 38.06
N ASP D 155 -33.64 -50.11 37.09
CA ASP D 155 -33.72 -49.58 35.72
C ASP D 155 -34.92 -50.14 34.93
N PRO D 156 -35.40 -49.36 33.94
CA PRO D 156 -36.31 -49.91 32.93
C PRO D 156 -35.53 -50.87 32.04
N LYS D 157 -36.24 -51.67 31.26
CA LYS D 157 -35.60 -52.72 30.46
C LYS D 157 -34.71 -52.22 29.30
N PRO D 158 -35.22 -51.30 28.44
CA PRO D 158 -34.36 -50.84 27.34
C PRO D 158 -33.30 -49.86 27.81
N ARG D 159 -32.25 -49.66 27.01
CA ARG D 159 -31.21 -48.69 27.32
C ARG D 159 -31.78 -47.27 27.29
N HIS D 160 -31.38 -46.44 28.25
CA HIS D 160 -32.10 -45.20 28.51
C HIS D 160 -31.22 -43.99 28.85
N ILE D 161 -31.74 -42.80 28.57
CA ILE D 161 -31.21 -41.55 29.12
C ILE D 161 -32.09 -41.20 30.32
N GLY D 162 -31.47 -40.86 31.45
CA GLY D 162 -32.22 -40.63 32.68
C GLY D 162 -31.73 -39.51 33.59
N ILE D 163 -32.68 -38.81 34.20
CA ILE D 163 -32.40 -37.70 35.12
C ILE D 163 -32.36 -38.23 36.55
N ASP D 164 -31.21 -38.09 37.20
CA ASP D 164 -30.97 -38.60 38.56
C ASP D 164 -30.95 -37.48 39.60
N VAL D 165 -31.81 -37.60 40.60
CA VAL D 165 -31.82 -36.67 41.75
C VAL D 165 -31.70 -37.45 43.05
N ASN D 166 -30.50 -37.43 43.64
CA ASN D 166 -30.19 -38.13 44.90
C ASN D 166 -30.37 -39.66 44.91
N SER D 167 -30.43 -40.28 43.73
CA SER D 167 -30.66 -41.74 43.61
C SER D 167 -30.43 -42.26 42.18
N ILE D 168 -29.91 -43.49 42.10
CA ILE D 168 -29.68 -44.16 40.81
C ILE D 168 -30.99 -44.48 40.06
N LYS D 169 -32.09 -44.59 40.79
CA LYS D 169 -33.40 -44.70 40.16
C LYS D 169 -33.80 -43.31 39.66
N SER D 170 -33.79 -43.16 38.35
CA SER D 170 -33.99 -41.87 37.72
C SER D 170 -35.45 -41.43 37.82
N ILE D 171 -35.66 -40.15 38.16
CA ILE D 171 -37.02 -39.60 38.30
C ILE D 171 -37.80 -39.67 36.99
N LYS D 172 -37.07 -39.68 35.86
CA LYS D 172 -37.66 -39.93 34.55
C LYS D 172 -36.61 -40.49 33.60
N THR D 173 -37.05 -41.33 32.67
CA THR D 173 -36.16 -41.95 31.69
C THR D 173 -36.80 -41.89 30.30
N THR D 174 -35.97 -42.02 29.27
CA THR D 174 -36.47 -42.16 27.90
C THR D 174 -35.60 -43.16 27.12
N THR D 175 -36.24 -43.94 26.25
CA THR D 175 -35.53 -44.96 25.48
C THR D 175 -34.44 -44.34 24.62
N TRP D 176 -33.24 -44.86 24.76
CA TRP D 176 -32.11 -44.44 23.96
C TRP D 176 -31.65 -45.64 23.14
N ASP D 177 -31.80 -45.52 21.83
CA ASP D 177 -31.34 -46.54 20.90
C ASP D 177 -29.83 -46.42 20.74
N PHE D 178 -29.12 -46.99 21.71
CA PHE D 178 -27.66 -46.98 21.76
C PHE D 178 -27.03 -47.72 20.58
N VAL D 179 -26.10 -47.06 19.92
CA VAL D 179 -25.30 -47.68 18.86
C VAL D 179 -23.82 -47.45 19.17
N LYS D 180 -23.06 -48.55 19.20
CA LYS D 180 -21.64 -48.50 19.56
C LYS D 180 -20.75 -47.83 18.51
N GLY D 181 -19.73 -47.13 18.99
CA GLY D 181 -18.69 -46.59 18.13
C GLY D 181 -19.10 -45.37 17.34
N GLU D 182 -20.36 -44.95 17.51
CA GLU D 182 -20.88 -43.76 16.86
C GLU D 182 -20.87 -42.56 17.82
N ASN D 183 -20.51 -41.40 17.28
CA ASN D 183 -20.47 -40.16 18.05
C ASN D 183 -21.86 -39.67 18.39
N ALA D 184 -22.10 -39.50 19.69
CA ALA D 184 -23.35 -38.94 20.18
C ALA D 184 -23.10 -37.52 20.65
N GLU D 185 -23.98 -36.60 20.25
CA GLU D 185 -23.89 -35.21 20.65
C GLU D 185 -25.00 -34.87 21.64
N VAL D 186 -24.61 -34.42 22.82
CA VAL D 186 -25.55 -34.24 23.92
C VAL D 186 -25.76 -32.75 24.22
N LEU D 187 -27.01 -32.39 24.49
CA LEU D 187 -27.33 -31.07 25.04
C LEU D 187 -28.17 -31.21 26.30
N ILE D 188 -27.67 -30.64 27.38
CA ILE D 188 -28.37 -30.61 28.65
C ILE D 188 -28.61 -29.14 29.00
N THR D 189 -29.87 -28.78 29.18
CA THR D 189 -30.25 -27.41 29.52
C THR D 189 -31.09 -27.36 30.81
N TYR D 190 -30.81 -26.37 31.66
CA TYR D 190 -31.59 -26.13 32.87
C TYR D 190 -32.05 -24.68 32.99
N ASP D 191 -33.36 -24.49 32.93
CA ASP D 191 -34.02 -23.20 33.17
C ASP D 191 -34.42 -23.14 34.63
N SER D 192 -33.88 -22.15 35.37
CA SER D 192 -34.14 -22.04 36.80
C SER D 192 -35.51 -21.43 37.09
N SER D 193 -35.97 -20.58 36.18
CA SER D 193 -37.30 -19.96 36.28
C SER D 193 -38.44 -20.98 36.22
N THR D 194 -38.27 -22.03 35.40
CA THR D 194 -39.27 -23.10 35.30
C THR D 194 -38.86 -24.35 36.09
N LYS D 195 -37.59 -24.42 36.48
CA LYS D 195 -37.00 -25.58 37.18
C LYS D 195 -36.89 -26.83 36.29
N LEU D 196 -37.02 -26.64 34.99
CA LEU D 196 -37.03 -27.75 34.04
C LEU D 196 -35.64 -28.11 33.58
N LEU D 197 -35.29 -29.39 33.70
CA LEU D 197 -34.06 -29.93 33.13
C LEU D 197 -34.37 -30.78 31.90
N VAL D 198 -33.89 -30.32 30.75
CA VAL D 198 -34.07 -31.03 29.48
C VAL D 198 -32.74 -31.62 29.02
N ALA D 199 -32.77 -32.90 28.67
CA ALA D 199 -31.58 -33.56 28.14
C ALA D 199 -31.91 -34.22 26.81
N SER D 200 -31.07 -33.98 25.80
CA SER D 200 -31.26 -34.55 24.48
C SER D 200 -29.98 -35.18 23.94
N LEU D 201 -30.13 -36.13 23.02
CA LEU D 201 -28.99 -36.78 22.38
C LEU D 201 -29.24 -36.99 20.90
N VAL D 202 -28.22 -36.70 20.09
CA VAL D 202 -28.26 -36.94 18.64
C VAL D 202 -27.02 -37.67 18.14
N TYR D 203 -27.27 -38.63 17.24
CA TYR D 203 -26.23 -39.26 16.45
C TYR D 203 -26.29 -38.60 15.07
N PRO D 204 -25.34 -37.69 14.78
CA PRO D 204 -25.37 -36.92 13.53
C PRO D 204 -25.33 -37.82 12.28
N SER D 205 -24.67 -38.96 12.40
CA SER D 205 -24.62 -39.91 11.29
C SER D 205 -25.96 -40.65 11.16
N LEU D 206 -26.40 -41.31 12.23
CA LEU D 206 -27.65 -42.10 12.24
C LEU D 206 -28.92 -41.27 12.07
N LYS D 207 -28.81 -39.96 12.27
CA LYS D 207 -29.91 -39.00 12.17
C LYS D 207 -31.01 -39.23 13.23
N THR D 208 -30.67 -39.97 14.28
CA THR D 208 -31.63 -40.27 15.34
C THR D 208 -31.50 -39.27 16.49
N SER D 209 -32.64 -38.89 17.07
CA SER D 209 -32.66 -37.97 18.20
C SER D 209 -33.55 -38.45 19.34
N PHE D 210 -33.12 -38.14 20.56
CA PHE D 210 -33.79 -38.58 21.78
C PHE D 210 -33.82 -37.41 22.76
N ILE D 211 -34.89 -37.32 23.54
CA ILE D 211 -35.06 -36.25 24.52
C ILE D 211 -35.81 -36.70 25.76
N VAL D 212 -35.44 -36.11 26.90
CA VAL D 212 -36.13 -36.35 28.17
C VAL D 212 -36.04 -35.09 29.05
N SER D 213 -37.16 -34.73 29.67
CA SER D 213 -37.23 -33.56 30.54
C SER D 213 -38.11 -33.80 31.77
N ASP D 214 -37.67 -33.25 32.90
CA ASP D 214 -38.41 -33.32 34.15
C ASP D 214 -37.90 -32.23 35.09
N THR D 215 -38.75 -31.81 36.03
CA THR D 215 -38.41 -30.76 36.99
C THR D 215 -37.40 -31.22 38.03
N VAL D 216 -36.48 -30.33 38.38
CA VAL D 216 -35.53 -30.54 39.48
C VAL D 216 -35.40 -29.24 40.27
N ASP D 217 -35.49 -29.34 41.59
CA ASP D 217 -35.24 -28.20 42.48
C ASP D 217 -33.79 -28.23 42.98
N LEU D 218 -32.94 -27.41 42.36
CA LEU D 218 -31.51 -27.40 42.66
C LEU D 218 -31.17 -26.83 44.03
N LYS D 219 -31.96 -25.85 44.46
CA LYS D 219 -31.77 -25.14 45.73
C LYS D 219 -31.85 -26.08 46.93
N SER D 220 -32.66 -27.12 46.80
CA SER D 220 -32.90 -28.08 47.88
C SER D 220 -31.98 -29.29 47.84
N VAL D 221 -31.37 -29.54 46.68
CA VAL D 221 -30.55 -30.75 46.51
C VAL D 221 -29.05 -30.46 46.49
N LEU D 222 -28.66 -29.44 45.73
CA LEU D 222 -27.25 -29.09 45.58
C LEU D 222 -26.79 -28.00 46.55
N PRO D 223 -25.54 -28.10 47.05
CA PRO D 223 -24.97 -26.99 47.83
C PRO D 223 -24.70 -25.81 46.90
N GLU D 224 -24.57 -24.61 47.47
CA GLU D 224 -24.31 -23.41 46.67
C GLU D 224 -23.23 -23.64 45.62
N TRP D 225 -22.08 -24.18 46.05
CA TRP D 225 -20.94 -24.38 45.16
C TRP D 225 -20.74 -25.84 44.79
N VAL D 226 -20.68 -26.10 43.49
CA VAL D 226 -20.55 -27.47 42.98
C VAL D 226 -19.39 -27.60 41.99
N ILE D 227 -18.89 -28.82 41.82
CA ILE D 227 -18.03 -29.15 40.71
C ILE D 227 -18.87 -29.71 39.56
N VAL D 228 -18.45 -29.45 38.33
CA VAL D 228 -19.16 -29.97 37.17
C VAL D 228 -18.27 -30.88 36.31
N GLY D 229 -18.87 -31.89 35.70
CA GLY D 229 -18.12 -32.81 34.86
C GLY D 229 -18.77 -34.16 34.67
N PHE D 230 -17.95 -35.20 34.58
CA PHE D 230 -18.41 -36.52 34.17
C PHE D 230 -18.03 -37.66 35.12
N THR D 231 -18.85 -38.71 35.11
CA THR D 231 -18.52 -39.99 35.75
C THR D 231 -18.87 -41.14 34.81
N ALA D 232 -18.12 -42.23 34.90
CA ALA D 232 -18.33 -43.40 34.06
C ALA D 232 -17.79 -44.66 34.72
N THR D 233 -18.45 -45.79 34.47
CA THR D 233 -18.01 -47.09 34.96
C THR D 233 -18.17 -48.17 33.90
N THR D 234 -17.34 -49.19 33.97
CA THR D 234 -17.54 -50.40 33.16
C THR D 234 -18.26 -51.48 33.99
N GLY D 235 -18.72 -52.52 33.30
CA GLY D 235 -19.35 -53.66 33.97
C GLY D 235 -18.35 -54.50 34.74
N ILE D 236 -18.83 -55.12 35.81
CA ILE D 236 -17.98 -55.95 36.68
C ILE D 236 -17.92 -57.42 36.22
N THR D 237 -18.95 -57.85 35.50
CA THR D 237 -19.02 -59.23 34.99
C THR D 237 -18.40 -59.28 33.60
N LYS D 238 -17.78 -60.41 33.24
CA LYS D 238 -17.23 -60.61 31.90
C LYS D 238 -18.35 -60.53 30.85
N GLY D 239 -18.04 -59.93 29.70
CA GLY D 239 -19.01 -59.80 28.62
C GLY D 239 -19.79 -58.49 28.62
N ASN D 240 -19.56 -57.66 29.65
CA ASN D 240 -20.21 -56.37 29.77
C ASN D 240 -19.18 -55.27 30.03
N VAL D 241 -18.81 -54.55 28.98
CA VAL D 241 -17.72 -53.56 29.05
C VAL D 241 -17.78 -52.58 27.89
N GLU D 242 -17.29 -51.35 28.13
CA GLU D 242 -17.32 -50.29 27.11
C GLU D 242 -16.25 -49.23 27.33
N THR D 243 -15.93 -48.48 26.28
CA THR D 243 -15.14 -47.27 26.41
C THR D 243 -16.08 -46.12 26.75
N ASN D 244 -15.59 -45.14 27.49
CA ASN D 244 -16.40 -43.99 27.84
C ASN D 244 -15.63 -42.70 27.60
N ASP D 245 -15.57 -42.28 26.34
CA ASP D 245 -14.71 -41.18 25.93
C ASP D 245 -15.48 -39.89 25.70
N ILE D 246 -14.97 -38.80 26.25
CA ILE D 246 -15.50 -37.48 25.96
C ILE D 246 -14.58 -36.79 24.96
N LEU D 247 -15.16 -36.34 23.85
CA LEU D 247 -14.40 -35.80 22.73
C LEU D 247 -14.33 -34.28 22.73
N SER D 248 -15.42 -33.64 23.16
CA SER D 248 -15.47 -32.18 23.31
C SER D 248 -16.50 -31.81 24.36
N TRP D 249 -16.33 -30.67 25.01
CA TRP D 249 -17.20 -30.27 26.10
C TRP D 249 -17.37 -28.76 26.19
N SER D 250 -18.62 -28.32 26.24
CA SER D 250 -18.98 -26.93 26.51
C SER D 250 -19.96 -26.82 27.66
N PHE D 251 -19.81 -25.75 28.44
CA PHE D 251 -20.64 -25.50 29.60
C PHE D 251 -20.79 -24.00 29.82
N ALA D 252 -21.99 -23.58 30.21
CA ALA D 252 -22.28 -22.19 30.54
C ALA D 252 -23.34 -22.10 31.63
N SER D 253 -23.11 -21.21 32.59
CA SER D 253 -24.09 -20.96 33.63
C SER D 253 -24.11 -19.49 34.04
N LYS D 254 -25.33 -18.99 34.20
CA LYS D 254 -25.57 -17.60 34.59
C LYS D 254 -26.34 -17.61 35.91
N LEU D 255 -25.92 -16.75 36.83
CA LEU D 255 -26.61 -16.59 38.11
C LEU D 255 -26.79 -15.10 38.39
N SER D 256 -28.04 -14.67 38.58
CA SER D 256 -28.36 -13.27 38.81
C SER D 256 -28.19 -12.86 40.27
N ASP D 257 -27.49 -11.75 40.49
CA ASP D 257 -27.33 -11.18 41.83
C ASP D 257 -28.19 -9.94 42.01
N GLY D 258 -28.50 -9.27 40.90
CA GLY D 258 -29.27 -8.03 40.89
C GLY D 258 -28.38 -6.79 40.81
N THR D 259 -27.62 -6.69 39.71
CA THR D 259 -26.63 -5.62 39.48
C THR D 259 -25.59 -5.52 40.61
N ALA E 22 20.98 2.12 -19.18
CA ALA E 22 20.58 1.06 -18.22
C ALA E 22 19.36 1.47 -17.38
N SER E 23 19.49 2.57 -16.63
CA SER E 23 18.35 3.21 -15.96
C SER E 23 18.57 4.73 -15.82
N GLN E 24 18.26 5.46 -16.89
CA GLN E 24 18.45 6.92 -16.92
C GLN E 24 17.16 7.68 -16.68
N THR E 25 17.25 8.76 -15.92
CA THR E 25 16.13 9.68 -15.72
C THR E 25 16.68 11.11 -15.75
N SER E 26 15.97 12.00 -16.45
CA SER E 26 16.22 13.43 -16.34
C SER E 26 14.97 14.26 -16.61
N PHE E 27 14.87 15.39 -15.94
CA PHE E 27 13.82 16.36 -16.16
C PHE E 27 14.36 17.77 -15.95
N SER E 28 13.82 18.72 -16.70
CA SER E 28 14.25 20.11 -16.59
C SER E 28 13.04 21.07 -16.66
N PHE E 29 12.87 21.89 -15.61
CA PHE E 29 11.71 22.79 -15.53
C PHE E 29 12.09 24.26 -15.32
N GLN E 30 11.64 25.12 -16.22
CA GLN E 30 11.77 26.57 -16.08
C GLN E 30 10.57 27.20 -15.38
N ARG E 31 9.39 26.58 -15.52
CA ARG E 31 8.19 26.94 -14.74
C ARG E 31 7.59 25.69 -14.11
N PHE E 32 7.12 25.82 -12.88
CA PHE E 32 6.55 24.67 -12.16
C PHE E 32 5.03 24.60 -12.25
N ASN E 33 4.51 23.38 -12.11
CA ASN E 33 3.08 23.11 -11.98
C ASN E 33 2.90 21.95 -11.02
N GLU E 34 1.83 22.00 -10.22
CA GLU E 34 1.57 20.98 -9.20
C GLU E 34 1.28 19.57 -9.77
N THR E 35 0.86 19.48 -11.02
CA THR E 35 0.49 18.20 -11.66
C THR E 35 1.55 17.11 -11.51
N ASN E 36 2.83 17.45 -11.72
CA ASN E 36 3.88 16.44 -11.65
C ASN E 36 4.71 16.48 -10.36
N LEU E 37 4.23 17.25 -9.38
CA LEU E 37 4.91 17.40 -8.09
C LEU E 37 4.14 16.76 -6.95
N ILE E 38 4.85 16.43 -5.87
CA ILE E 38 4.25 16.11 -4.59
C ILE E 38 4.56 17.25 -3.62
N LEU E 39 3.53 18.03 -3.29
CA LEU E 39 3.67 19.20 -2.42
C LEU E 39 3.19 18.89 -1.01
N GLN E 40 3.93 19.37 -0.02
CA GLN E 40 3.65 19.05 1.38
C GLN E 40 3.62 20.29 2.26
N ARG E 41 2.62 20.37 3.15
CA ARG E 41 2.40 21.53 4.03
C ARG E 41 2.29 22.86 3.29
N ASP E 42 3.16 23.80 3.63
CA ASP E 42 3.03 25.18 3.13
C ASP E 42 3.54 25.39 1.69
N ALA E 43 4.08 24.34 1.09
CA ALA E 43 4.59 24.41 -0.29
C ALA E 43 3.45 24.65 -1.29
N THR E 44 3.64 25.60 -2.20
CA THR E 44 2.64 25.90 -3.24
C THR E 44 3.28 26.29 -4.57
N VAL E 45 2.48 26.31 -5.63
CA VAL E 45 2.92 26.78 -6.92
C VAL E 45 2.14 28.05 -7.22
N SER E 46 2.86 29.16 -7.37
CA SER E 46 2.26 30.46 -7.64
C SER E 46 1.85 30.55 -9.10
N SER E 47 0.91 31.45 -9.38
CA SER E 47 0.44 31.70 -10.75
C SER E 47 1.56 32.09 -11.70
N LYS E 48 2.70 32.51 -11.15
CA LYS E 48 3.89 32.84 -11.94
C LYS E 48 4.72 31.60 -12.31
N GLY E 49 4.31 30.44 -11.83
CA GLY E 49 5.02 29.19 -12.10
C GLY E 49 6.20 28.96 -11.16
N GLN E 50 6.21 29.72 -10.07
CA GLN E 50 7.25 29.60 -9.06
C GLN E 50 6.87 28.61 -7.96
N LEU E 51 7.80 27.69 -7.68
CA LEU E 51 7.67 26.78 -6.57
C LEU E 51 8.06 27.55 -5.30
N ARG E 52 7.06 27.83 -4.47
CA ARG E 52 7.24 28.62 -3.26
C ARG E 52 7.12 27.72 -2.03
N LEU E 53 8.26 27.26 -1.54
CA LEU E 53 8.31 26.23 -0.50
C LEU E 53 7.69 26.65 0.81
N THR E 54 7.84 27.93 1.19
CA THR E 54 7.32 28.42 2.46
C THR E 54 6.13 29.38 2.27
N ASN E 55 5.44 29.70 3.35
CA ASN E 55 4.24 30.53 3.26
C ASN E 55 4.50 32.03 3.07
N VAL E 56 3.67 32.64 2.22
CA VAL E 56 3.76 34.04 1.86
C VAL E 56 2.34 34.59 1.86
N ASN E 57 2.09 35.65 2.63
CA ASN E 57 0.74 36.21 2.73
C ASN E 57 0.33 37.03 1.49
N ASP E 58 -0.86 37.64 1.55
CA ASP E 58 -1.42 38.43 0.45
C ASP E 58 -0.65 39.72 0.19
N ASN E 59 0.01 40.25 1.22
CA ASN E 59 0.90 41.39 1.07
C ASN E 59 2.21 41.00 0.41
N GLY E 60 2.46 39.70 0.32
CA GLY E 60 3.69 39.18 -0.26
C GLY E 60 4.79 38.99 0.78
N GLU E 61 4.43 39.19 2.05
CA GLU E 61 5.37 39.05 3.16
C GLU E 61 5.43 37.58 3.59
N PRO E 62 6.65 37.08 3.88
CA PRO E 62 6.77 35.72 4.42
C PRO E 62 6.39 35.65 5.91
N THR E 63 5.57 34.67 6.26
CA THR E 63 5.11 34.48 7.64
C THR E 63 6.05 33.56 8.41
N LEU E 64 6.03 33.66 9.75
CA LEU E 64 6.88 32.85 10.62
C LEU E 64 6.43 31.40 10.71
N SER E 65 7.24 30.56 11.35
CA SER E 65 6.92 29.15 11.63
C SER E 65 6.45 28.30 10.44
N SER E 66 6.80 28.73 9.22
CA SER E 66 6.39 28.02 8.01
C SER E 66 7.30 26.83 7.69
N LEU E 67 6.73 25.83 7.01
CA LEU E 67 7.46 24.65 6.54
C LEU E 67 6.81 24.11 5.27
N GLY E 68 7.65 23.79 4.30
CA GLY E 68 7.19 23.27 3.01
C GLY E 68 8.20 22.33 2.36
N ARG E 69 7.66 21.30 1.71
CA ARG E 69 8.47 20.33 0.99
C ARG E 69 7.83 20.07 -0.37
N ALA E 70 8.66 19.91 -1.40
CA ALA E 70 8.16 19.67 -2.74
C ALA E 70 9.03 18.64 -3.46
N PHE E 71 8.39 17.68 -4.11
CA PHE E 71 9.09 16.56 -4.72
C PHE E 71 8.59 16.28 -6.14
N TYR E 72 9.45 15.64 -6.94
CA TYR E 72 9.08 15.17 -8.27
C TYR E 72 8.35 13.85 -8.12
N SER E 73 7.12 13.79 -8.62
CA SER E 73 6.19 12.71 -8.29
C SER E 73 6.68 11.32 -8.65
N ALA E 74 7.67 11.21 -9.53
CA ALA E 74 8.23 9.91 -9.88
C ALA E 74 9.42 9.56 -8.98
N PRO E 75 9.37 8.38 -8.33
CA PRO E 75 10.52 7.93 -7.55
C PRO E 75 11.72 7.58 -8.41
N ILE E 76 12.91 7.76 -7.85
CA ILE E 76 14.18 7.56 -8.56
C ILE E 76 14.94 6.43 -7.88
N GLN E 77 15.43 5.48 -8.68
CA GLN E 77 16.24 4.39 -8.16
C GLN E 77 17.70 4.82 -8.06
N ILE E 78 18.24 4.76 -6.84
CA ILE E 78 19.58 5.26 -6.52
C ILE E 78 20.63 4.16 -6.49
N TRP E 79 20.28 3.00 -5.92
CA TRP E 79 21.14 1.82 -5.98
C TRP E 79 20.35 0.54 -6.07
N ASP E 80 20.98 -0.51 -6.58
CA ASP E 80 20.35 -1.83 -6.72
C ASP E 80 21.08 -2.80 -5.79
N ASN E 81 20.34 -3.49 -4.93
CA ASN E 81 20.93 -4.44 -3.99
C ASN E 81 21.28 -5.78 -4.63
N THR E 82 20.68 -6.08 -5.78
CA THR E 82 21.06 -7.24 -6.57
C THR E 82 22.40 -6.99 -7.26
N THR E 83 22.42 -6.05 -8.19
CA THR E 83 23.62 -5.73 -8.97
C THR E 83 24.70 -5.02 -8.14
N GLY E 84 24.26 -4.25 -7.15
CA GLY E 84 25.18 -3.56 -6.24
C GLY E 84 25.57 -2.18 -6.71
N ALA E 85 25.14 -1.82 -7.92
CA ALA E 85 25.53 -0.54 -8.52
C ALA E 85 24.85 0.65 -7.85
N VAL E 86 25.56 1.76 -7.79
CA VAL E 86 25.00 3.00 -7.26
C VAL E 86 24.91 4.00 -8.41
N ALA E 87 23.86 4.81 -8.39
CA ALA E 87 23.64 5.81 -9.41
C ALA E 87 24.56 7.03 -9.23
N SER E 88 24.99 7.59 -10.36
CA SER E 88 25.60 8.90 -10.38
C SER E 88 24.51 9.87 -10.78
N PHE E 89 24.31 10.92 -9.98
CA PHE E 89 23.28 11.90 -10.26
C PHE E 89 23.81 13.34 -10.22
N ALA E 90 23.11 14.23 -10.90
CA ALA E 90 23.40 15.65 -10.84
C ALA E 90 22.09 16.45 -10.86
N THR E 91 22.13 17.62 -10.23
CA THR E 91 20.98 18.52 -10.20
C THR E 91 21.43 19.97 -10.18
N SER E 92 20.75 20.79 -10.97
CA SER E 92 20.96 22.24 -10.90
C SER E 92 19.62 22.91 -10.70
N PHE E 93 19.63 23.98 -9.91
CA PHE E 93 18.43 24.77 -9.68
C PHE E 93 18.76 26.23 -9.42
N THR E 94 17.77 27.09 -9.59
CA THR E 94 17.86 28.49 -9.24
C THR E 94 16.87 28.77 -8.12
N PHE E 95 17.36 29.35 -7.03
CA PHE E 95 16.50 29.76 -5.92
C PHE E 95 16.65 31.23 -5.54
N ASN E 96 15.58 31.79 -5.01
CA ASN E 96 15.57 33.15 -4.53
C ASN E 96 15.12 33.18 -3.08
N ILE E 97 16.00 33.60 -2.19
CA ILE E 97 15.67 33.82 -0.79
C ILE E 97 15.69 35.32 -0.53
N ASP E 98 14.53 35.87 -0.19
CA ASP E 98 14.42 37.30 0.05
C ASP E 98 13.92 37.53 1.46
N VAL E 99 14.40 38.61 2.07
CA VAL E 99 14.06 38.95 3.45
C VAL E 99 13.27 40.25 3.45
N PRO E 100 12.26 40.36 4.33
CA PRO E 100 11.60 41.66 4.47
C PRO E 100 12.47 42.64 5.25
N ASN E 101 12.27 43.94 5.01
CA ASN E 101 12.94 44.97 5.78
C ASN E 101 12.68 44.77 7.27
N ASN E 102 13.67 45.13 8.08
CA ASN E 102 13.55 45.07 9.55
C ASN E 102 13.54 43.65 10.11
N SER E 103 13.98 42.68 9.30
CA SER E 103 14.08 41.29 9.71
C SER E 103 15.40 40.67 9.26
N GLY E 104 15.71 39.51 9.83
CA GLY E 104 16.86 38.72 9.40
C GLY E 104 16.38 37.41 8.80
N PRO E 105 17.24 36.76 7.99
CA PRO E 105 16.85 35.51 7.33
C PRO E 105 16.75 34.34 8.32
N ALA E 106 15.90 33.37 7.97
CA ALA E 106 15.70 32.13 8.72
C ALA E 106 14.67 31.30 7.96
N ASP E 107 14.88 29.99 7.79
CA ASP E 107 16.04 29.24 8.30
C ASP E 107 16.95 28.73 7.17
N GLY E 108 16.37 28.58 5.98
CA GLY E 108 17.09 28.07 4.83
C GLY E 108 16.29 27.07 4.04
N LEU E 109 16.87 26.58 2.94
CA LEU E 109 16.26 25.54 2.12
C LEU E 109 17.31 24.48 1.77
N ALA E 110 16.86 23.30 1.36
CA ALA E 110 17.78 22.20 1.07
C ALA E 110 17.29 21.28 -0.06
N PHE E 111 18.23 20.83 -0.89
CA PHE E 111 17.94 19.78 -1.86
C PHE E 111 18.10 18.44 -1.15
N VAL E 112 17.10 17.58 -1.26
CA VAL E 112 17.04 16.33 -0.49
C VAL E 112 16.77 15.08 -1.32
N LEU E 113 17.26 13.94 -0.82
CA LEU E 113 16.83 12.63 -1.27
C LEU E 113 16.32 11.88 -0.04
N LEU E 114 15.03 11.51 -0.07
CA LEU E 114 14.38 10.88 1.09
C LEU E 114 13.75 9.54 0.69
N PRO E 115 13.33 8.72 1.67
CA PRO E 115 12.54 7.53 1.33
C PRO E 115 11.23 7.88 0.62
N VAL E 116 10.73 6.97 -0.22
CA VAL E 116 9.42 7.15 -0.81
C VAL E 116 8.38 7.23 0.31
N GLY E 117 7.47 8.19 0.20
CA GLY E 117 6.42 8.39 1.19
C GLY E 117 6.82 9.30 2.34
N SER E 118 8.08 9.73 2.35
CA SER E 118 8.67 10.52 3.45
C SER E 118 7.80 11.71 3.82
N GLN E 119 7.52 11.83 5.11
CA GLN E 119 6.66 12.88 5.63
C GLN E 119 7.48 13.96 6.30
N PRO E 120 6.95 15.20 6.36
CA PRO E 120 7.68 16.30 6.98
C PRO E 120 8.02 16.04 8.45
N LYS E 121 9.17 16.53 8.90
CA LYS E 121 9.56 16.44 10.31
C LYS E 121 9.43 17.80 11.00
N ASP E 122 10.32 18.06 11.96
CA ASP E 122 10.24 19.29 12.77
C ASP E 122 10.72 20.52 12.01
N LYS E 123 10.02 21.64 12.23
CA LYS E 123 10.26 22.91 11.53
C LYS E 123 11.50 23.66 12.04
N GLY E 124 11.58 24.95 11.73
CA GLY E 124 12.69 25.80 12.17
C GLY E 124 14.03 25.40 11.59
N GLY E 125 15.09 25.59 12.37
CA GLY E 125 16.47 25.27 11.95
C GLY E 125 16.76 23.80 11.70
N LEU E 126 15.73 22.96 11.79
CA LEU E 126 15.86 21.54 11.49
C LEU E 126 15.40 21.24 10.06
N LEU E 127 14.87 22.26 9.38
CA LEU E 127 14.56 22.22 7.96
C LEU E 127 13.57 21.12 7.55
N GLY E 128 12.72 20.71 8.49
CA GLY E 128 11.68 19.70 8.24
C GLY E 128 12.21 18.31 7.95
N LEU E 129 13.45 18.07 8.34
CA LEU E 129 14.13 16.81 8.02
C LEU E 129 14.40 15.93 9.23
N PHE E 130 14.45 16.56 10.40
CA PHE E 130 14.80 15.85 11.63
C PHE E 130 13.88 16.20 12.81
N ASN E 131 14.10 15.56 13.95
CA ASN E 131 13.32 15.79 15.16
C ASN E 131 14.17 16.37 16.29
N ASN E 132 15.49 16.19 16.18
CA ASN E 132 16.49 16.80 17.05
C ASN E 132 17.85 16.87 16.36
N TYR E 133 18.83 17.46 17.02
CA TYR E 133 20.15 17.64 16.41
C TYR E 133 21.13 16.49 16.68
N LYS E 134 20.59 15.30 16.86
CA LYS E 134 21.39 14.08 17.07
C LYS E 134 21.49 13.31 15.75
N TYR E 135 22.54 12.49 15.64
CA TYR E 135 22.67 11.59 14.48
C TYR E 135 21.62 10.48 14.54
N ASP E 136 20.89 10.31 13.46
CA ASP E 136 19.81 9.34 13.42
C ASP E 136 19.94 8.46 12.18
N SER E 137 20.50 7.27 12.38
CA SER E 137 20.72 6.32 11.28
C SER E 137 19.42 5.87 10.60
N ASN E 138 18.29 5.96 11.31
CA ASN E 138 16.97 5.61 10.75
C ASN E 138 16.30 6.72 9.94
N ALA E 139 17.01 7.85 9.76
CA ALA E 139 16.43 9.00 9.07
C ALA E 139 16.61 8.93 7.55
N HIS E 140 17.56 8.11 7.11
CA HIS E 140 17.83 7.88 5.69
C HIS E 140 17.78 9.17 4.87
N THR E 141 18.61 10.14 5.26
CA THR E 141 18.55 11.45 4.66
C THR E 141 19.91 11.89 4.13
N VAL E 142 19.94 12.21 2.84
CA VAL E 142 21.05 12.93 2.25
C VAL E 142 20.51 14.27 1.79
N ALA E 143 21.16 15.35 2.22
CA ALA E 143 20.68 16.68 1.93
C ALA E 143 21.82 17.64 1.69
N VAL E 144 21.59 18.62 0.82
CA VAL E 144 22.52 19.72 0.63
C VAL E 144 21.82 21.00 1.11
N GLU E 145 22.19 21.43 2.32
CA GLU E 145 21.49 22.54 2.98
C GLU E 145 22.04 23.91 2.57
N PHE E 146 21.18 24.91 2.68
CA PHE E 146 21.57 26.29 2.45
C PHE E 146 21.09 27.06 3.65
N ASP E 147 21.92 27.06 4.69
CA ASP E 147 21.58 27.56 6.00
C ASP E 147 21.79 29.06 6.07
N THR E 148 20.79 29.78 6.54
CA THR E 148 20.85 31.24 6.65
C THR E 148 20.86 31.71 8.11
N LEU E 149 20.58 30.80 9.04
CA LEU E 149 20.55 31.15 10.46
C LEU E 149 21.40 30.23 11.33
N TYR E 150 22.34 30.84 12.05
CA TYR E 150 23.31 30.14 12.89
C TYR E 150 22.67 29.57 14.15
N ASN E 151 22.60 28.25 14.21
CA ASN E 151 22.06 27.55 15.37
C ASN E 151 23.18 27.07 16.28
N VAL E 152 23.34 27.76 17.41
CA VAL E 152 24.45 27.58 18.36
C VAL E 152 24.86 26.12 18.66
N HIS E 153 23.88 25.23 18.73
CA HIS E 153 24.12 23.84 19.14
C HIS E 153 24.84 22.95 18.10
N TRP E 154 24.83 23.35 16.83
CA TRP E 154 25.45 22.54 15.78
C TRP E 154 26.10 23.32 14.63
N ASP E 155 25.52 24.47 14.29
CA ASP E 155 25.97 25.23 13.12
C ASP E 155 27.29 25.97 13.34
N PRO E 156 28.11 26.09 12.28
CA PRO E 156 29.17 27.09 12.25
C PRO E 156 28.58 28.50 12.25
N LYS E 157 29.38 29.49 12.63
CA LYS E 157 28.88 30.86 12.81
C LYS E 157 28.42 31.54 11.50
N PRO E 158 29.30 31.64 10.49
CA PRO E 158 28.84 32.31 9.27
C PRO E 158 27.90 31.42 8.44
N ARG E 159 26.95 32.05 7.74
CA ARG E 159 25.98 31.34 6.90
C ARG E 159 26.69 30.41 5.90
N HIS E 160 26.19 29.18 5.81
CA HIS E 160 26.95 28.11 5.17
C HIS E 160 26.15 27.30 4.14
N ILE E 161 26.88 26.61 3.26
CA ILE E 161 26.33 25.54 2.44
C ILE E 161 26.80 24.22 3.04
N GLY E 162 25.86 23.38 3.47
CA GLY E 162 26.21 22.16 4.17
C GLY E 162 25.72 20.87 3.56
N ILE E 163 26.59 19.86 3.56
CA ILE E 163 26.21 18.50 3.19
C ILE E 163 25.72 17.77 4.44
N ASP E 164 24.46 17.30 4.41
CA ASP E 164 23.83 16.65 5.55
C ASP E 164 23.55 15.17 5.31
N VAL E 165 24.13 14.32 6.14
CA VAL E 165 23.88 12.87 6.08
C VAL E 165 23.37 12.37 7.42
N ASN E 166 22.06 12.14 7.50
CA ASN E 166 21.38 11.62 8.71
C ASN E 166 21.35 12.54 9.94
N SER E 167 22.00 13.69 9.86
CA SER E 167 21.97 14.68 10.94
C SER E 167 21.96 16.09 10.40
N ILE E 168 21.39 17.02 11.16
CA ILE E 168 21.37 18.44 10.82
C ILE E 168 22.76 19.06 10.94
N LYS E 169 23.61 18.44 11.77
CA LYS E 169 25.02 18.81 11.85
C LYS E 169 25.68 18.33 10.56
N SER E 170 26.04 19.27 9.70
CA SER E 170 26.57 18.93 8.37
C SER E 170 27.91 18.22 8.50
N ILE E 171 28.11 17.14 7.74
CA ILE E 171 29.40 16.44 7.77
C ILE E 171 30.55 17.30 7.23
N LYS E 172 30.22 18.31 6.42
CA LYS E 172 31.16 19.33 5.96
C LYS E 172 30.41 20.58 5.48
N THR E 173 30.97 21.75 5.79
CA THR E 173 30.36 23.03 5.42
C THR E 173 31.34 23.98 4.73
N THR E 174 30.83 25.10 4.22
CA THR E 174 31.65 26.16 3.66
C THR E 174 30.89 27.50 3.74
N THR E 175 31.64 28.60 3.94
CA THR E 175 31.05 29.93 4.10
C THR E 175 30.29 30.33 2.84
N TRP E 176 29.11 30.91 3.03
CA TRP E 176 28.27 31.38 1.94
C TRP E 176 27.84 32.79 2.26
N ASP E 177 28.34 33.74 1.45
CA ASP E 177 28.00 35.14 1.62
C ASP E 177 26.60 35.37 1.08
N PHE E 178 25.61 35.07 1.92
CA PHE E 178 24.21 35.19 1.54
C PHE E 178 23.82 36.64 1.28
N VAL E 179 23.21 36.88 0.13
CA VAL E 179 22.69 38.18 -0.22
C VAL E 179 21.22 38.03 -0.61
N LYS E 180 20.35 38.70 0.14
CA LYS E 180 18.91 38.60 -0.01
C LYS E 180 18.40 39.11 -1.35
N GLY E 181 17.39 38.42 -1.89
CA GLY E 181 16.67 38.90 -3.06
C GLY E 181 17.34 38.68 -4.41
N GLU E 182 18.58 38.21 -4.38
CA GLU E 182 19.33 37.90 -5.60
C GLU E 182 19.28 36.41 -5.95
N ASN E 183 19.10 36.12 -7.24
CA ASN E 183 18.98 34.74 -7.73
C ASN E 183 20.25 33.93 -7.53
N ALA E 184 20.10 32.72 -7.01
CA ALA E 184 21.23 31.83 -6.75
C ALA E 184 21.12 30.60 -7.60
N GLU E 185 22.20 30.29 -8.33
CA GLU E 185 22.26 29.12 -9.18
C GLU E 185 23.14 28.07 -8.51
N VAL E 186 22.56 26.90 -8.27
CA VAL E 186 23.20 25.80 -7.57
C VAL E 186 23.45 24.62 -8.48
N LEU E 187 24.66 24.08 -8.44
CA LEU E 187 24.95 22.81 -9.08
C LEU E 187 25.40 21.80 -8.03
N ILE E 188 24.70 20.67 -8.00
CA ILE E 188 25.08 19.56 -7.14
C ILE E 188 25.29 18.35 -8.04
N THR E 189 26.47 17.75 -7.92
CA THR E 189 26.80 16.57 -8.71
C THR E 189 27.17 15.41 -7.79
N TYR E 190 26.91 14.19 -8.23
CA TYR E 190 27.37 13.03 -7.49
C TYR E 190 28.02 12.00 -8.41
N ASP E 191 29.20 11.55 -8.00
CA ASP E 191 29.96 10.56 -8.75
C ASP E 191 30.05 9.28 -7.91
N SER E 192 29.30 8.26 -8.33
CA SER E 192 29.23 7.00 -7.58
C SER E 192 30.52 6.18 -7.70
N SER E 193 31.36 6.50 -8.68
CA SER E 193 32.67 5.87 -8.84
C SER E 193 33.69 6.34 -7.78
N THR E 194 33.54 7.58 -7.33
CA THR E 194 34.41 8.12 -6.28
C THR E 194 33.66 8.39 -4.98
N LYS E 195 32.33 8.24 -5.02
CA LYS E 195 31.43 8.56 -3.88
C LYS E 195 31.42 10.04 -3.53
N LEU E 196 31.96 10.87 -4.42
CA LEU E 196 32.15 12.30 -4.14
C LEU E 196 30.92 13.17 -4.46
N LEU E 197 30.43 13.86 -3.45
CA LEU E 197 29.32 14.80 -3.61
C LEU E 197 29.84 16.24 -3.60
N VAL E 198 29.68 16.92 -4.74
CA VAL E 198 30.09 18.31 -4.90
C VAL E 198 28.84 19.21 -4.96
N ALA E 199 28.79 20.22 -4.09
CA ALA E 199 27.73 21.22 -4.10
C ALA E 199 28.32 22.62 -4.25
N SER E 200 27.81 23.38 -5.22
CA SER E 200 28.32 24.74 -5.48
C SER E 200 27.20 25.73 -5.78
N LEU E 201 27.42 26.99 -5.42
CA LEU E 201 26.44 28.05 -5.58
C LEU E 201 27.03 29.27 -6.24
N VAL E 202 26.30 29.86 -7.18
CA VAL E 202 26.72 31.11 -7.84
C VAL E 202 25.59 32.14 -7.90
N TYR E 203 25.96 33.39 -7.63
CA TYR E 203 25.09 34.54 -7.83
C TYR E 203 25.54 35.23 -9.13
N PRO E 204 24.83 34.96 -10.24
CA PRO E 204 25.28 35.49 -11.53
C PRO E 204 25.51 37.00 -11.49
N SER E 205 24.68 37.70 -10.74
CA SER E 205 24.72 39.16 -10.67
C SER E 205 25.93 39.67 -9.88
N LEU E 206 26.17 39.11 -8.69
CA LEU E 206 27.25 39.56 -7.81
C LEU E 206 28.62 39.01 -8.20
N LYS E 207 28.64 38.06 -9.13
CA LYS E 207 29.86 37.37 -9.58
C LYS E 207 30.55 36.49 -8.50
N THR E 208 29.90 36.33 -7.33
CA THR E 208 30.46 35.51 -6.25
C THR E 208 30.16 34.02 -6.46
N SER E 209 31.07 33.15 -6.00
CA SER E 209 30.94 31.71 -6.16
C SER E 209 31.47 30.97 -4.93
N PHE E 210 30.89 29.80 -4.66
CA PHE E 210 31.17 29.03 -3.45
C PHE E 210 31.10 27.54 -3.76
N ILE E 211 31.89 26.74 -3.06
CA ILE E 211 31.96 25.30 -3.33
C ILE E 211 32.23 24.46 -2.07
N VAL E 212 31.60 23.30 -1.98
CA VAL E 212 31.83 22.33 -0.89
C VAL E 212 31.74 20.90 -1.43
N SER E 213 32.63 20.03 -0.97
CA SER E 213 32.63 18.62 -1.41
C SER E 213 33.07 17.64 -0.34
N ASP E 214 32.41 16.47 -0.32
CA ASP E 214 32.69 15.40 0.63
C ASP E 214 32.22 14.06 0.09
N THR E 215 32.81 12.96 0.55
CA THR E 215 32.33 11.64 0.15
C THR E 215 31.13 11.23 1.00
N VAL E 216 30.18 10.59 0.34
CA VAL E 216 28.96 10.10 0.96
C VAL E 216 28.67 8.74 0.33
N ASP E 217 28.50 7.72 1.17
CA ASP E 217 28.11 6.40 0.72
C ASP E 217 26.60 6.31 0.75
N LEU E 218 25.96 6.44 -0.42
CA LEU E 218 24.51 6.45 -0.51
C LEU E 218 23.93 5.08 -0.16
N LYS E 219 24.66 4.05 -0.55
CA LYS E 219 24.25 2.65 -0.40
C LYS E 219 23.82 2.30 1.04
N SER E 220 24.54 2.84 2.03
CA SER E 220 24.28 2.55 3.43
C SER E 220 23.31 3.55 4.07
N VAL E 221 23.09 4.67 3.41
CA VAL E 221 22.29 5.75 3.97
C VAL E 221 20.87 5.76 3.42
N LEU E 222 20.74 5.66 2.10
CA LEU E 222 19.43 5.76 1.46
C LEU E 222 18.89 4.40 1.05
N PRO E 223 17.56 4.28 0.89
CA PRO E 223 16.99 3.07 0.31
C PRO E 223 17.28 3.00 -1.19
N GLU E 224 16.90 1.90 -1.82
CA GLU E 224 17.08 1.73 -3.26
C GLU E 224 16.35 2.81 -4.05
N TRP E 225 15.08 3.05 -3.69
CA TRP E 225 14.26 4.06 -4.35
C TRP E 225 14.04 5.26 -3.44
N VAL E 226 14.15 6.45 -4.01
CA VAL E 226 13.97 7.68 -3.24
C VAL E 226 13.08 8.69 -3.98
N ILE E 227 12.67 9.74 -3.27
CA ILE E 227 12.01 10.88 -3.90
C ILE E 227 12.94 12.09 -3.83
N VAL E 228 13.19 12.71 -4.98
CA VAL E 228 14.05 13.92 -5.01
C VAL E 228 13.20 15.19 -4.96
N GLY E 229 13.80 16.28 -4.49
CA GLY E 229 13.09 17.55 -4.32
C GLY E 229 13.68 18.44 -3.24
N PHE E 230 12.87 19.36 -2.72
CA PHE E 230 13.34 20.40 -1.81
C PHE E 230 12.58 20.42 -0.50
N THR E 231 13.19 21.02 0.51
CA THR E 231 12.52 21.36 1.77
C THR E 231 12.99 22.74 2.26
N ALA E 232 12.18 23.40 3.08
CA ALA E 232 12.50 24.74 3.58
C ALA E 232 11.59 25.17 4.73
N THR E 233 12.13 26.03 5.60
CA THR E 233 11.43 26.51 6.78
C THR E 233 11.74 27.99 7.04
N THR E 234 10.78 28.70 7.62
CA THR E 234 11.02 30.06 8.12
C THR E 234 11.12 30.03 9.64
N GLY E 235 11.75 31.06 10.22
CA GLY E 235 12.00 31.11 11.67
C GLY E 235 10.77 31.06 12.56
N ILE E 236 10.97 30.60 13.79
CA ILE E 236 9.90 30.57 14.79
C ILE E 236 9.90 31.81 15.70
N THR E 237 10.93 32.65 15.56
CA THR E 237 11.08 33.87 16.37
C THR E 237 10.97 35.13 15.52
N LYS E 238 10.15 36.07 15.98
CA LYS E 238 9.88 37.33 15.28
C LYS E 238 11.16 38.08 14.96
N GLY E 239 11.31 38.47 13.69
CA GLY E 239 12.51 39.15 13.21
C GLY E 239 13.44 38.21 12.48
N ASN E 240 13.03 36.95 12.34
CA ASN E 240 13.78 35.92 11.62
C ASN E 240 12.91 35.19 10.59
N VAL E 241 12.84 35.73 9.37
CA VAL E 241 11.97 35.16 8.32
C VAL E 241 12.56 35.34 6.91
N GLU E 242 12.18 34.48 5.98
CA GLU E 242 12.57 34.58 4.57
C GLU E 242 11.58 33.93 3.61
N THR E 243 11.62 34.33 2.34
CA THR E 243 10.94 33.63 1.28
C THR E 243 11.84 32.50 0.82
N ASN E 244 11.28 31.42 0.29
CA ASN E 244 12.08 30.28 -0.14
C ASN E 244 11.63 29.73 -1.49
N ASP E 245 11.98 30.46 -2.55
CA ASP E 245 11.41 30.21 -3.84
C ASP E 245 12.37 29.52 -4.80
N ILE E 246 11.90 28.45 -5.42
CA ILE E 246 12.64 27.80 -6.50
C ILE E 246 12.07 28.32 -7.82
N LEU E 247 12.95 28.77 -8.70
CA LEU E 247 12.54 29.41 -9.95
C LEU E 247 12.77 28.55 -11.18
N SER E 248 13.72 27.61 -11.07
CA SER E 248 13.92 26.56 -12.11
C SER E 248 14.65 25.36 -11.52
N TRP E 249 14.42 24.18 -12.08
CA TRP E 249 15.01 22.95 -11.53
C TRP E 249 15.38 21.93 -12.61
N SER E 250 16.56 21.34 -12.45
CA SER E 250 17.06 20.32 -13.38
C SER E 250 17.69 19.17 -12.61
N PHE E 251 17.28 17.95 -12.95
CA PHE E 251 17.80 16.77 -12.30
C PHE E 251 18.02 15.67 -13.33
N ALA E 252 19.19 15.02 -13.26
CA ALA E 252 19.50 13.87 -14.10
C ALA E 252 20.25 12.84 -13.26
N SER E 253 19.91 11.57 -13.47
CA SER E 253 20.57 10.47 -12.80
C SER E 253 20.66 9.27 -13.73
N LYS E 254 21.67 8.44 -13.50
CA LYS E 254 21.97 7.29 -14.34
C LYS E 254 22.43 6.14 -13.44
N LEU E 255 21.95 4.94 -13.73
CA LEU E 255 22.25 3.77 -12.90
C LEU E 255 22.51 2.54 -13.77
N SER E 256 23.74 2.03 -13.72
CA SER E 256 24.11 0.87 -14.53
C SER E 256 23.61 -0.44 -13.93
N ASP E 257 23.26 -1.37 -14.79
CA ASP E 257 22.84 -2.72 -14.38
C ASP E 257 23.64 -3.80 -15.11
N GLY E 258 24.24 -3.43 -16.25
CA GLY E 258 25.11 -4.31 -17.02
C GLY E 258 24.46 -4.93 -18.26
N THR E 259 23.98 -4.05 -19.16
CA THR E 259 23.29 -4.47 -20.39
C THR E 259 22.09 -5.38 -20.11
N ALA F 22 12.89 24.10 -22.43
CA ALA F 22 12.14 24.88 -21.40
C ALA F 22 11.33 24.01 -20.45
N SER F 23 10.84 22.87 -20.95
CA SER F 23 10.31 21.79 -20.12
C SER F 23 10.69 20.45 -20.75
N GLN F 24 11.80 19.88 -20.30
CA GLN F 24 12.30 18.62 -20.85
C GLN F 24 12.05 17.46 -19.88
N THR F 25 11.81 16.28 -20.44
CA THR F 25 11.61 15.08 -19.64
C THR F 25 12.11 13.90 -20.45
N SER F 26 12.95 13.06 -19.85
CA SER F 26 13.41 11.85 -20.53
C SER F 26 13.79 10.72 -19.57
N PHE F 27 13.22 9.55 -19.80
CA PHE F 27 13.52 8.36 -19.01
C PHE F 27 13.86 7.14 -19.87
N SER F 28 14.76 6.30 -19.35
CA SER F 28 15.20 5.11 -20.04
C SER F 28 15.33 3.95 -19.07
N PHE F 29 14.65 2.84 -19.37
CA PHE F 29 14.73 1.63 -18.54
C PHE F 29 15.03 0.39 -19.36
N GLN F 30 16.00 -0.40 -18.91
CA GLN F 30 16.31 -1.70 -19.51
C GLN F 30 15.59 -2.83 -18.79
N ARG F 31 15.30 -2.60 -17.51
CA ARG F 31 14.50 -3.51 -16.67
C ARG F 31 13.46 -2.67 -15.94
N PHE F 32 12.26 -3.22 -15.80
CA PHE F 32 11.16 -2.52 -15.12
C PHE F 32 11.02 -2.86 -13.64
N ASN F 33 10.34 -1.98 -12.92
CA ASN F 33 10.03 -2.15 -11.50
C ASN F 33 8.72 -1.40 -11.23
N GLU F 34 7.90 -1.93 -10.33
CA GLU F 34 6.58 -1.33 -10.06
C GLU F 34 6.64 -0.01 -9.28
N THR F 35 7.80 0.32 -8.71
CA THR F 35 7.95 1.53 -7.88
C THR F 35 7.71 2.85 -8.63
N ASN F 36 8.11 2.91 -9.90
CA ASN F 36 7.97 4.15 -10.66
C ASN F 36 6.93 4.10 -11.76
N LEU F 37 6.03 3.13 -11.68
CA LEU F 37 4.96 2.99 -12.66
C LEU F 37 3.55 3.00 -12.05
N ILE F 38 2.56 3.25 -12.89
CA ILE F 38 1.16 3.05 -12.55
C ILE F 38 0.69 1.81 -13.30
N LEU F 39 0.26 0.80 -12.54
CA LEU F 39 -0.18 -0.45 -13.12
C LEU F 39 -1.68 -0.60 -13.01
N GLN F 40 -2.32 -1.00 -14.11
CA GLN F 40 -3.75 -1.18 -14.13
C GLN F 40 -4.15 -2.61 -14.53
N ARG F 41 -5.12 -3.16 -13.79
CA ARG F 41 -5.70 -4.49 -14.04
C ARG F 41 -4.68 -5.64 -14.04
N ASP F 42 -4.50 -6.29 -15.18
CA ASP F 42 -3.65 -7.49 -15.27
C ASP F 42 -2.17 -7.22 -15.55
N ALA F 43 -1.80 -5.94 -15.69
CA ALA F 43 -0.40 -5.56 -15.90
C ALA F 43 0.43 -5.89 -14.68
N THR F 44 1.54 -6.59 -14.90
CA THR F 44 2.44 -7.02 -13.83
C THR F 44 3.89 -6.86 -14.25
N VAL F 45 4.77 -6.66 -13.28
CA VAL F 45 6.19 -6.67 -13.55
C VAL F 45 6.77 -7.97 -13.01
N SER F 46 7.27 -8.81 -13.92
CA SER F 46 7.84 -10.10 -13.60
C SER F 46 9.14 -9.98 -12.79
N SER F 47 9.55 -11.09 -12.20
CA SER F 47 10.81 -11.19 -11.47
C SER F 47 12.03 -10.89 -12.34
N LYS F 48 11.91 -11.16 -13.64
CA LYS F 48 12.98 -10.92 -14.61
C LYS F 48 12.98 -9.48 -15.16
N GLY F 49 12.24 -8.60 -14.49
CA GLY F 49 12.20 -7.17 -14.84
C GLY F 49 11.42 -6.86 -16.11
N GLN F 50 10.49 -7.74 -16.45
CA GLN F 50 9.73 -7.58 -17.68
C GLN F 50 8.35 -7.03 -17.39
N LEU F 51 7.99 -5.97 -18.12
CA LEU F 51 6.66 -5.40 -18.05
C LEU F 51 5.71 -6.28 -18.85
N ARG F 52 4.98 -7.12 -18.13
CA ARG F 52 3.99 -8.01 -18.76
C ARG F 52 2.59 -7.39 -18.62
N LEU F 53 2.06 -6.90 -19.73
CA LEU F 53 0.80 -6.15 -19.74
C LEU F 53 -0.41 -7.06 -19.62
N THR F 54 -0.39 -8.19 -20.33
CA THR F 54 -1.48 -9.16 -20.28
C THR F 54 -1.13 -10.35 -19.39
N ASN F 55 -2.15 -11.01 -18.85
CA ASN F 55 -1.96 -12.09 -17.88
C ASN F 55 -1.33 -13.37 -18.43
N VAL F 56 -0.42 -13.93 -17.64
CA VAL F 56 0.23 -15.20 -17.93
C VAL F 56 0.09 -16.10 -16.68
N ASN F 57 -0.26 -17.37 -16.89
CA ASN F 57 -0.43 -18.31 -15.78
C ASN F 57 0.87 -18.95 -15.27
N ASP F 58 0.74 -19.94 -14.38
CA ASP F 58 1.90 -20.62 -13.78
C ASP F 58 2.63 -21.53 -14.77
N ASN F 59 1.98 -21.86 -15.88
CA ASN F 59 2.56 -22.72 -16.91
C ASN F 59 3.34 -21.93 -17.96
N GLY F 60 3.34 -20.60 -17.82
CA GLY F 60 3.97 -19.71 -18.80
C GLY F 60 3.08 -19.46 -20.01
N GLU F 61 1.78 -19.74 -19.85
CA GLU F 61 0.83 -19.56 -20.94
C GLU F 61 -0.01 -18.31 -20.74
N PRO F 62 -0.27 -17.56 -21.82
CA PRO F 62 -1.18 -16.42 -21.75
C PRO F 62 -2.63 -16.87 -21.66
N THR F 63 -3.44 -16.18 -20.86
CA THR F 63 -4.85 -16.54 -20.68
C THR F 63 -5.75 -15.64 -21.53
N LEU F 64 -7.00 -16.05 -21.69
CA LEU F 64 -7.97 -15.31 -22.51
C LEU F 64 -8.60 -14.14 -21.77
N SER F 65 -9.26 -13.26 -22.51
CA SER F 65 -10.01 -12.12 -21.94
C SER F 65 -9.18 -11.16 -21.08
N SER F 66 -7.89 -11.09 -21.34
CA SER F 66 -7.00 -10.30 -20.49
C SER F 66 -6.94 -8.83 -20.94
N LEU F 67 -6.59 -7.98 -19.99
CA LEU F 67 -6.38 -6.55 -20.23
C LEU F 67 -5.50 -5.98 -19.13
N GLY F 68 -4.41 -5.33 -19.54
CA GLY F 68 -3.53 -4.65 -18.60
C GLY F 68 -3.00 -3.37 -19.22
N ARG F 69 -2.70 -2.40 -18.38
CA ARG F 69 -2.16 -1.11 -18.82
C ARG F 69 -1.09 -0.63 -17.85
N ALA F 70 -0.05 -0.01 -18.37
CA ALA F 70 1.06 0.49 -17.57
C ALA F 70 1.44 1.88 -18.02
N PHE F 71 1.81 2.73 -17.06
CA PHE F 71 2.18 4.12 -17.31
C PHE F 71 3.34 4.55 -16.43
N TYR F 72 4.15 5.48 -16.94
CA TYR F 72 5.17 6.16 -16.12
C TYR F 72 4.41 6.97 -15.08
N SER F 73 4.89 6.94 -13.84
CA SER F 73 4.12 7.49 -12.70
C SER F 73 3.96 9.01 -12.70
N ALA F 74 4.87 9.72 -13.36
CA ALA F 74 4.80 11.18 -13.44
C ALA F 74 4.09 11.61 -14.71
N PRO F 75 3.16 12.57 -14.59
CA PRO F 75 2.47 13.12 -15.76
C PRO F 75 3.39 13.98 -16.63
N ILE F 76 3.09 14.02 -17.93
CA ILE F 76 3.92 14.69 -18.91
C ILE F 76 3.13 15.85 -19.51
N GLN F 77 3.74 17.03 -19.50
CA GLN F 77 3.14 18.19 -20.15
C GLN F 77 3.31 18.12 -21.66
N ILE F 78 2.20 18.13 -22.37
CA ILE F 78 2.15 17.96 -23.82
C ILE F 78 1.92 19.27 -24.57
N TRP F 79 1.16 20.18 -23.98
CA TRP F 79 1.00 21.54 -24.51
C TRP F 79 0.60 22.54 -23.41
N ASP F 80 0.83 23.83 -23.68
CA ASP F 80 0.61 24.91 -22.72
C ASP F 80 -0.37 25.92 -23.29
N ASN F 81 -1.37 26.32 -22.51
CA ASN F 81 -2.43 27.23 -22.97
C ASN F 81 -2.04 28.71 -22.98
N THR F 82 -1.06 29.07 -22.16
CA THR F 82 -0.58 30.44 -22.07
C THR F 82 0.35 30.81 -23.23
N THR F 83 1.22 29.88 -23.61
CA THR F 83 2.10 30.09 -24.76
C THR F 83 1.50 29.52 -26.04
N GLY F 84 0.66 28.49 -25.91
CA GLY F 84 0.05 27.82 -27.05
C GLY F 84 0.99 26.85 -27.74
N ALA F 85 2.16 26.61 -27.14
CA ALA F 85 3.18 25.74 -27.71
C ALA F 85 2.86 24.27 -27.47
N VAL F 86 3.17 23.44 -28.46
CA VAL F 86 3.02 21.99 -28.37
C VAL F 86 4.39 21.35 -28.15
N ALA F 87 4.39 20.17 -27.55
CA ALA F 87 5.61 19.43 -27.26
C ALA F 87 5.96 18.51 -28.42
N SER F 88 7.25 18.27 -28.59
CA SER F 88 7.74 17.22 -29.47
C SER F 88 8.23 16.08 -28.58
N PHE F 89 7.89 14.86 -28.95
CA PHE F 89 8.32 13.71 -28.16
C PHE F 89 8.78 12.56 -29.02
N ALA F 90 9.69 11.76 -28.46
CA ALA F 90 10.10 10.51 -29.08
C ALA F 90 10.01 9.39 -28.04
N THR F 91 9.69 8.19 -28.50
CA THR F 91 9.75 7.02 -27.64
C THR F 91 10.25 5.81 -28.40
N SER F 92 11.07 5.00 -27.73
CA SER F 92 11.51 3.71 -28.28
C SER F 92 11.34 2.59 -27.25
N PHE F 93 10.74 1.50 -27.69
CA PHE F 93 10.55 0.33 -26.83
C PHE F 93 10.68 -1.00 -27.59
N THR F 94 11.17 -2.02 -26.88
CA THR F 94 11.32 -3.37 -27.41
C THR F 94 10.23 -4.26 -26.84
N PHE F 95 9.38 -4.80 -27.70
CA PHE F 95 8.35 -5.72 -27.24
C PHE F 95 8.49 -7.13 -27.79
N ASN F 96 7.90 -8.08 -27.06
CA ASN F 96 7.87 -9.47 -27.47
C ASN F 96 6.48 -10.04 -27.35
N ILE F 97 5.80 -10.16 -28.48
CA ILE F 97 4.51 -10.84 -28.54
C ILE F 97 4.75 -12.29 -28.93
N ASP F 98 4.38 -13.21 -28.06
CA ASP F 98 4.51 -14.63 -28.32
C ASP F 98 3.16 -15.35 -28.29
N VAL F 99 3.08 -16.50 -28.96
CA VAL F 99 1.84 -17.27 -29.10
C VAL F 99 2.11 -18.76 -28.85
N PRO F 100 1.26 -19.41 -28.05
CA PRO F 100 1.35 -20.88 -27.89
C PRO F 100 0.89 -21.60 -29.15
N ASN F 101 1.37 -22.83 -29.36
CA ASN F 101 0.98 -23.64 -30.51
C ASN F 101 -0.52 -23.84 -30.62
N ASN F 102 -1.01 -23.99 -31.85
CA ASN F 102 -2.43 -24.17 -32.14
C ASN F 102 -3.27 -23.03 -31.56
N SER F 103 -2.86 -21.80 -31.89
CA SER F 103 -3.55 -20.58 -31.48
C SER F 103 -3.20 -19.41 -32.41
N GLY F 104 -4.11 -18.43 -32.49
CA GLY F 104 -3.87 -17.21 -33.25
C GLY F 104 -3.49 -16.04 -32.34
N PRO F 105 -2.94 -14.96 -32.92
CA PRO F 105 -2.54 -13.81 -32.11
C PRO F 105 -3.67 -12.79 -31.94
N ALA F 106 -3.99 -12.48 -30.68
CA ALA F 106 -5.01 -11.49 -30.34
C ALA F 106 -4.66 -10.82 -29.01
N ASP F 107 -4.91 -9.52 -28.87
CA ASP F 107 -5.42 -8.65 -29.92
C ASP F 107 -4.36 -7.63 -30.35
N GLY F 108 -3.37 -7.42 -29.47
CA GLY F 108 -2.24 -6.53 -29.74
C GLY F 108 -1.91 -5.61 -28.59
N LEU F 109 -0.90 -4.76 -28.78
CA LEU F 109 -0.54 -3.73 -27.80
C LEU F 109 -0.53 -2.36 -28.46
N ALA F 110 -0.39 -1.31 -27.66
CA ALA F 110 -0.35 0.06 -28.16
C ALA F 110 0.36 0.98 -27.19
N PHE F 111 1.20 1.86 -27.73
CA PHE F 111 1.76 2.96 -26.96
C PHE F 111 0.73 4.07 -26.97
N VAL F 112 0.46 4.63 -25.78
CA VAL F 112 -0.65 5.56 -25.63
C VAL F 112 -0.29 6.84 -24.89
N LEU F 113 -0.95 7.92 -25.30
CA LEU F 113 -0.99 9.15 -24.52
C LEU F 113 -2.42 9.38 -24.02
N LEU F 114 -2.59 9.39 -22.71
CA LEU F 114 -3.93 9.48 -22.10
C LEU F 114 -4.02 10.58 -21.03
N PRO F 115 -5.25 11.05 -20.74
CA PRO F 115 -5.51 11.97 -19.63
C PRO F 115 -5.01 11.43 -18.29
N VAL F 116 -4.53 12.34 -17.43
CA VAL F 116 -4.00 11.96 -16.13
C VAL F 116 -5.07 11.19 -15.37
N GLY F 117 -4.68 10.07 -14.75
CA GLY F 117 -5.63 9.18 -14.10
C GLY F 117 -6.75 8.70 -15.03
N SER F 118 -6.38 8.19 -16.19
CA SER F 118 -7.37 7.58 -17.08
C SER F 118 -7.53 6.12 -16.68
N GLN F 119 -8.72 5.58 -16.90
CA GLN F 119 -9.00 4.19 -16.55
C GLN F 119 -9.29 3.34 -17.79
N PRO F 120 -9.05 2.02 -17.70
CA PRO F 120 -9.27 1.11 -18.82
C PRO F 120 -10.72 1.09 -19.31
N LYS F 121 -10.89 0.96 -20.62
CA LYS F 121 -12.20 0.85 -21.22
C LYS F 121 -12.50 -0.63 -21.52
N ASP F 122 -13.12 -0.90 -22.65
CA ASP F 122 -13.52 -2.27 -23.02
C ASP F 122 -12.33 -3.09 -23.52
N LYS F 123 -12.37 -4.40 -23.30
CA LYS F 123 -11.28 -5.30 -23.68
C LYS F 123 -11.36 -5.77 -25.15
N GLY F 124 -10.60 -6.82 -25.46
CA GLY F 124 -10.60 -7.42 -26.79
C GLY F 124 -9.93 -6.56 -27.85
N GLY F 125 -10.64 -6.32 -28.95
CA GLY F 125 -10.12 -5.55 -30.08
C GLY F 125 -10.13 -4.04 -29.85
N LEU F 126 -10.70 -3.63 -28.72
CA LEU F 126 -10.79 -2.22 -28.36
C LEU F 126 -9.58 -1.79 -27.53
N LEU F 127 -8.68 -2.74 -27.29
CA LEU F 127 -7.35 -2.52 -26.69
C LEU F 127 -7.36 -1.79 -25.34
N GLY F 128 -8.50 -1.77 -24.67
CA GLY F 128 -8.63 -1.09 -23.37
C GLY F 128 -8.66 0.42 -23.50
N LEU F 129 -8.99 0.91 -24.68
CA LEU F 129 -8.96 2.34 -24.97
C LEU F 129 -10.31 2.92 -25.31
N PHE F 130 -11.19 2.09 -25.89
CA PHE F 130 -12.50 2.56 -26.34
C PHE F 130 -13.66 1.71 -25.85
N ASN F 131 -14.87 2.27 -25.90
CA ASN F 131 -16.10 1.56 -25.51
C ASN F 131 -16.86 0.99 -26.70
N ASN F 132 -16.70 1.64 -27.85
CA ASN F 132 -17.29 1.19 -29.12
C ASN F 132 -16.27 1.40 -30.25
N TYR F 133 -16.70 1.16 -31.50
CA TYR F 133 -15.80 1.36 -32.64
C TYR F 133 -16.11 2.61 -33.47
N LYS F 134 -16.89 3.52 -32.89
CA LYS F 134 -17.17 4.81 -33.52
C LYS F 134 -16.35 5.92 -32.85
N TYR F 135 -16.05 6.96 -33.64
CA TYR F 135 -15.29 8.12 -33.16
C TYR F 135 -15.88 8.73 -31.87
N ASP F 136 -15.01 9.26 -31.02
CA ASP F 136 -15.43 9.85 -29.76
C ASP F 136 -14.50 10.99 -29.37
N SER F 137 -14.83 12.21 -29.79
CA SER F 137 -13.98 13.37 -29.57
C SER F 137 -13.62 13.62 -28.09
N ASN F 138 -14.39 13.04 -27.18
CA ASN F 138 -14.10 13.16 -25.74
C ASN F 138 -13.23 12.03 -25.17
N ALA F 139 -12.66 11.21 -26.05
CA ALA F 139 -11.78 10.13 -25.62
C ALA F 139 -10.39 10.66 -25.27
N HIS F 140 -10.00 11.77 -25.89
CA HIS F 140 -8.70 12.40 -25.70
C HIS F 140 -7.56 11.37 -25.79
N THR F 141 -7.64 10.51 -26.79
CA THR F 141 -6.74 9.38 -26.93
C THR F 141 -5.92 9.46 -28.21
N VAL F 142 -4.60 9.38 -28.06
CA VAL F 142 -3.67 9.28 -29.17
C VAL F 142 -2.78 8.06 -28.94
N ALA F 143 -2.91 7.07 -29.82
CA ALA F 143 -2.22 5.80 -29.67
C ALA F 143 -1.51 5.38 -30.95
N VAL F 144 -0.48 4.53 -30.80
CA VAL F 144 0.09 3.82 -31.95
C VAL F 144 -0.04 2.33 -31.68
N GLU F 145 -0.93 1.69 -32.44
CA GLU F 145 -1.36 0.32 -32.16
C GLU F 145 -0.57 -0.72 -32.94
N PHE F 146 -0.39 -1.88 -32.33
CA PHE F 146 0.23 -3.01 -33.00
C PHE F 146 -0.76 -4.17 -33.03
N ASP F 147 -1.68 -4.08 -33.99
CA ASP F 147 -2.82 -4.96 -34.12
C ASP F 147 -2.41 -6.33 -34.68
N THR F 148 -2.87 -7.39 -34.02
CA THR F 148 -2.53 -8.75 -34.41
C THR F 148 -3.77 -9.54 -34.83
N LEU F 149 -4.95 -9.03 -34.47
CA LEU F 149 -6.21 -9.63 -34.90
C LEU F 149 -7.07 -8.69 -35.72
N TYR F 150 -7.31 -9.07 -36.97
CA TYR F 150 -8.23 -8.36 -37.87
C TYR F 150 -9.66 -8.37 -37.33
N ASN F 151 -10.22 -7.17 -37.16
CA ASN F 151 -11.61 -7.01 -36.75
C ASN F 151 -12.43 -6.45 -37.91
N VAL F 152 -13.38 -7.26 -38.38
CA VAL F 152 -14.14 -6.99 -39.62
C VAL F 152 -14.74 -5.58 -39.72
N HIS F 153 -15.27 -5.08 -38.61
CA HIS F 153 -16.02 -3.82 -38.58
C HIS F 153 -15.18 -2.54 -38.74
N TRP F 154 -13.86 -2.64 -38.61
CA TRP F 154 -12.99 -1.45 -38.72
C TRP F 154 -11.56 -1.68 -39.23
N ASP F 155 -10.99 -2.83 -38.90
CA ASP F 155 -9.58 -3.12 -39.23
C ASP F 155 -9.39 -3.52 -40.69
N PRO F 156 -8.20 -3.21 -41.24
CA PRO F 156 -7.80 -3.79 -42.53
C PRO F 156 -7.42 -5.26 -42.33
N LYS F 157 -7.45 -6.03 -43.41
CA LYS F 157 -7.30 -7.48 -43.36
C LYS F 157 -5.95 -7.96 -42.78
N PRO F 158 -4.82 -7.42 -43.30
CA PRO F 158 -3.53 -7.87 -42.73
C PRO F 158 -3.27 -7.31 -41.34
N ARG F 159 -2.31 -7.89 -40.63
CA ARG F 159 -1.87 -7.35 -39.34
C ARG F 159 -1.15 -6.03 -39.58
N HIS F 160 -1.46 -5.04 -38.75
CA HIS F 160 -1.06 -3.67 -39.05
C HIS F 160 -0.46 -2.87 -37.88
N ILE F 161 0.20 -1.78 -38.25
CA ILE F 161 0.56 -0.72 -37.31
C ILE F 161 -0.36 0.45 -37.64
N GLY F 162 -1.19 0.84 -36.67
CA GLY F 162 -2.12 1.94 -36.88
C GLY F 162 -1.84 3.14 -36.00
N ILE F 163 -2.14 4.33 -36.52
CA ILE F 163 -2.15 5.55 -35.72
C ILE F 163 -3.60 5.82 -35.34
N ASP F 164 -3.88 5.84 -34.05
CA ASP F 164 -5.26 6.03 -33.56
C ASP F 164 -5.45 7.42 -32.93
N VAL F 165 -6.46 8.15 -33.40
CA VAL F 165 -6.77 9.47 -32.83
C VAL F 165 -8.26 9.57 -32.46
N ASN F 166 -8.56 9.30 -31.19
CA ASN F 166 -9.95 9.23 -30.66
C ASN F 166 -10.85 8.18 -31.29
N SER F 167 -10.26 7.20 -31.96
CA SER F 167 -11.02 6.13 -32.63
C SER F 167 -10.15 4.90 -32.88
N ILE F 168 -10.72 3.71 -32.62
CA ILE F 168 -10.05 2.43 -32.88
C ILE F 168 -9.82 2.21 -34.38
N LYS F 169 -10.61 2.87 -35.21
CA LYS F 169 -10.38 2.88 -36.65
C LYS F 169 -9.24 3.85 -36.92
N SER F 170 -8.05 3.28 -37.10
CA SER F 170 -6.82 4.07 -37.29
C SER F 170 -6.98 5.03 -38.47
N ILE F 171 -6.41 6.23 -38.30
CA ILE F 171 -6.43 7.24 -39.36
C ILE F 171 -5.49 6.90 -40.51
N LYS F 172 -4.46 6.08 -40.22
CA LYS F 172 -3.57 5.54 -41.23
C LYS F 172 -2.89 4.27 -40.73
N THR F 173 -2.77 3.27 -41.61
CA THR F 173 -2.13 1.99 -41.27
C THR F 173 -1.07 1.57 -42.30
N THR F 174 -0.10 0.78 -41.84
CA THR F 174 0.87 0.13 -42.72
C THR F 174 0.85 -1.37 -42.46
N THR F 175 1.22 -2.18 -43.45
CA THR F 175 1.23 -3.63 -43.27
C THR F 175 2.40 -4.02 -42.35
N TRP F 176 2.10 -4.86 -41.36
CA TRP F 176 3.11 -5.35 -40.44
C TRP F 176 3.18 -6.87 -40.44
N ASP F 177 4.27 -7.39 -41.01
CA ASP F 177 4.49 -8.85 -41.11
C ASP F 177 4.88 -9.45 -39.76
N PHE F 178 3.86 -9.71 -38.95
CA PHE F 178 4.02 -10.17 -37.58
C PHE F 178 4.64 -11.56 -37.51
N VAL F 179 5.71 -11.66 -36.72
CA VAL F 179 6.37 -12.94 -36.44
C VAL F 179 6.41 -13.15 -34.92
N LYS F 180 5.71 -14.17 -34.45
CA LYS F 180 5.59 -14.46 -33.02
C LYS F 180 6.93 -14.76 -32.33
N GLY F 181 7.04 -14.28 -31.10
CA GLY F 181 8.16 -14.63 -30.22
C GLY F 181 9.48 -13.99 -30.60
N GLU F 182 9.43 -12.99 -31.46
CA GLU F 182 10.64 -12.24 -31.85
C GLU F 182 10.61 -10.82 -31.29
N ASN F 183 11.74 -10.42 -30.68
CA ASN F 183 11.90 -9.06 -30.19
C ASN F 183 11.68 -8.03 -31.29
N ALA F 184 10.78 -7.08 -31.03
CA ALA F 184 10.49 -6.00 -31.99
C ALA F 184 10.86 -4.64 -31.42
N GLU F 185 11.67 -3.89 -32.15
CA GLU F 185 12.13 -2.57 -31.72
C GLU F 185 11.33 -1.45 -32.37
N VAL F 186 10.69 -0.63 -31.53
CA VAL F 186 9.79 0.41 -32.00
C VAL F 186 10.39 1.79 -31.80
N LEU F 187 10.15 2.66 -32.77
CA LEU F 187 10.47 4.08 -32.63
C LEU F 187 9.28 4.91 -33.07
N ILE F 188 8.71 5.65 -32.13
CA ILE F 188 7.60 6.54 -32.40
C ILE F 188 8.07 7.97 -32.11
N THR F 189 8.03 8.82 -33.13
CA THR F 189 8.44 10.22 -32.96
C THR F 189 7.30 11.18 -33.30
N TYR F 190 7.30 12.35 -32.65
CA TYR F 190 6.34 13.40 -32.98
C TYR F 190 7.03 14.75 -33.04
N ASP F 191 6.90 15.41 -34.19
CA ASP F 191 7.48 16.72 -34.42
C ASP F 191 6.36 17.74 -34.31
N SER F 192 6.43 18.62 -33.31
CA SER F 192 5.36 19.60 -33.07
C SER F 192 5.28 20.66 -34.18
N SER F 193 6.43 20.99 -34.76
CA SER F 193 6.49 21.97 -35.84
C SER F 193 5.76 21.49 -37.11
N THR F 194 5.93 20.22 -37.47
CA THR F 194 5.30 19.68 -38.67
C THR F 194 3.98 18.95 -38.37
N LYS F 195 3.67 18.78 -37.08
CA LYS F 195 2.51 17.99 -36.59
C LYS F 195 2.51 16.52 -37.04
N LEU F 196 3.66 16.06 -37.53
CA LEU F 196 3.78 14.72 -38.10
C LEU F 196 4.19 13.66 -37.07
N LEU F 197 3.35 12.65 -36.90
CA LEU F 197 3.69 11.49 -36.07
C LEU F 197 4.17 10.35 -36.96
N VAL F 198 5.37 9.83 -36.66
CA VAL F 198 5.94 8.71 -37.40
C VAL F 198 6.27 7.52 -36.47
N ALA F 199 5.77 6.34 -36.82
CA ALA F 199 6.05 5.13 -36.07
C ALA F 199 6.74 4.09 -36.95
N SER F 200 7.70 3.37 -36.38
CA SER F 200 8.45 2.37 -37.12
C SER F 200 8.76 1.14 -36.29
N LEU F 201 8.61 -0.04 -36.91
CA LEU F 201 8.96 -1.30 -36.29
C LEU F 201 10.10 -1.97 -37.06
N VAL F 202 11.12 -2.44 -36.32
CA VAL F 202 12.16 -3.29 -36.90
C VAL F 202 12.28 -4.59 -36.11
N TYR F 203 12.54 -5.69 -36.82
CA TYR F 203 12.91 -6.97 -36.23
C TYR F 203 14.41 -7.18 -36.45
N PRO F 204 15.23 -7.08 -35.39
CA PRO F 204 16.69 -7.20 -35.58
C PRO F 204 17.11 -8.59 -36.05
N SER F 205 16.32 -9.60 -35.71
CA SER F 205 16.63 -10.99 -36.10
C SER F 205 16.25 -11.32 -37.54
N LEU F 206 15.24 -10.63 -38.06
CA LEU F 206 14.73 -10.90 -39.42
C LEU F 206 15.16 -9.87 -40.44
N LYS F 207 15.72 -8.75 -39.95
CA LYS F 207 16.17 -7.62 -40.78
C LYS F 207 15.03 -6.92 -41.56
N THR F 208 13.79 -7.18 -41.15
CA THR F 208 12.62 -6.56 -41.78
C THR F 208 12.23 -5.24 -41.08
N SER F 209 11.68 -4.31 -41.84
CA SER F 209 11.32 -2.98 -41.34
C SER F 209 9.98 -2.49 -41.89
N PHE F 210 9.23 -1.78 -41.04
CA PHE F 210 7.92 -1.21 -41.38
C PHE F 210 7.77 0.22 -40.87
N ILE F 211 6.96 1.02 -41.54
CA ILE F 211 6.79 2.42 -41.17
C ILE F 211 5.41 2.97 -41.53
N VAL F 212 4.92 3.91 -40.72
CA VAL F 212 3.66 4.59 -40.96
C VAL F 212 3.76 6.01 -40.41
N SER F 213 3.10 6.96 -41.07
CA SER F 213 3.17 8.37 -40.68
C SER F 213 1.96 9.17 -41.13
N ASP F 214 1.43 9.98 -40.21
CA ASP F 214 0.31 10.89 -40.49
C ASP F 214 0.41 12.14 -39.61
N THR F 215 -0.35 13.18 -39.94
CA THR F 215 -0.38 14.38 -39.10
C THR F 215 -1.45 14.29 -38.01
N VAL F 216 -1.06 14.68 -36.79
CA VAL F 216 -1.96 14.72 -35.65
C VAL F 216 -1.86 16.08 -34.95
N ASP F 217 -3.02 16.68 -34.69
CA ASP F 217 -3.08 17.89 -33.88
C ASP F 217 -3.37 17.53 -32.43
N LEU F 218 -2.33 17.58 -31.60
CA LEU F 218 -2.43 17.14 -30.21
C LEU F 218 -3.20 18.12 -29.32
N LYS F 219 -3.09 19.41 -29.65
CA LYS F 219 -3.71 20.48 -28.87
C LYS F 219 -5.23 20.39 -28.89
N SER F 220 -5.79 19.83 -29.97
CA SER F 220 -7.24 19.67 -30.08
C SER F 220 -7.74 18.26 -29.73
N VAL F 221 -6.83 17.40 -29.26
CA VAL F 221 -7.20 16.04 -28.85
C VAL F 221 -6.82 15.72 -27.40
N LEU F 222 -5.60 16.11 -26.99
CA LEU F 222 -5.09 15.78 -25.67
C LEU F 222 -5.16 16.98 -24.72
N PRO F 223 -5.35 16.73 -23.41
CA PRO F 223 -5.30 17.83 -22.45
C PRO F 223 -3.85 18.20 -22.15
N GLU F 224 -3.63 19.42 -21.68
CA GLU F 224 -2.27 19.89 -21.40
C GLU F 224 -1.36 18.86 -20.73
N TRP F 225 -1.89 18.11 -19.76
CA TRP F 225 -1.09 17.10 -19.05
C TRP F 225 -1.59 15.70 -19.35
N VAL F 226 -0.66 14.81 -19.72
CA VAL F 226 -1.01 13.41 -20.02
C VAL F 226 -0.15 12.40 -19.26
N ILE F 227 -0.62 11.15 -19.22
CA ILE F 227 0.21 10.02 -18.79
C ILE F 227 0.62 9.19 -20.00
N VAL F 228 1.92 8.88 -20.11
CA VAL F 228 2.42 8.06 -21.21
C VAL F 228 2.64 6.62 -20.76
N GLY F 229 2.38 5.69 -21.67
CA GLY F 229 2.56 4.27 -21.38
C GLY F 229 1.98 3.35 -22.42
N PHE F 230 1.54 2.18 -21.96
CA PHE F 230 1.16 1.10 -22.86
C PHE F 230 -0.20 0.52 -22.49
N THR F 231 -0.87 -0.06 -23.49
CA THR F 231 -2.07 -0.87 -23.27
C THR F 231 -2.05 -2.12 -24.15
N ALA F 232 -2.52 -3.24 -23.62
CA ALA F 232 -2.59 -4.49 -24.37
C ALA F 232 -3.75 -5.39 -23.92
N THR F 233 -4.25 -6.20 -24.87
CA THR F 233 -5.39 -7.08 -24.64
C THR F 233 -5.24 -8.42 -25.36
N THR F 234 -5.72 -9.49 -24.75
CA THR F 234 -5.80 -10.80 -25.40
C THR F 234 -7.22 -11.03 -25.90
N GLY F 235 -7.38 -11.96 -26.83
CA GLY F 235 -8.68 -12.29 -27.40
C GLY F 235 -9.65 -12.94 -26.43
N ILE F 236 -10.95 -12.78 -26.72
CA ILE F 236 -12.00 -13.35 -25.87
C ILE F 236 -12.40 -14.77 -26.28
N THR F 237 -12.13 -15.13 -27.53
CA THR F 237 -12.46 -16.45 -28.08
C THR F 237 -11.24 -17.39 -28.02
N LYS F 238 -11.49 -18.63 -27.65
CA LYS F 238 -10.46 -19.67 -27.58
C LYS F 238 -9.73 -19.81 -28.93
N GLY F 239 -8.41 -20.02 -28.86
CA GLY F 239 -7.58 -20.12 -30.05
C GLY F 239 -7.11 -18.77 -30.57
N ASN F 240 -7.26 -17.74 -29.75
CA ASN F 240 -6.80 -16.38 -30.06
C ASN F 240 -6.19 -15.68 -28.85
N VAL F 241 -4.90 -15.93 -28.61
CA VAL F 241 -4.23 -15.40 -27.43
C VAL F 241 -2.77 -15.07 -27.72
N GLU F 242 -2.19 -14.19 -26.89
CA GLU F 242 -0.76 -13.83 -27.01
C GLU F 242 -0.21 -13.24 -25.71
N THR F 243 1.11 -13.33 -25.54
CA THR F 243 1.79 -12.56 -24.52
C THR F 243 2.01 -11.16 -25.09
N ASN F 244 2.11 -10.16 -24.21
CA ASN F 244 2.33 -8.79 -24.63
C ASN F 244 3.37 -8.12 -23.74
N ASP F 245 4.59 -8.62 -23.82
CA ASP F 245 5.66 -8.17 -22.93
C ASP F 245 6.42 -6.97 -23.49
N ILE F 246 6.74 -6.03 -22.60
CA ILE F 246 7.63 -4.92 -22.91
C ILE F 246 8.94 -5.21 -22.19
N LEU F 247 10.05 -5.16 -22.94
CA LEU F 247 11.35 -5.53 -22.40
C LEU F 247 12.20 -4.33 -21.99
N SER F 248 12.10 -3.24 -22.75
CA SER F 248 12.81 -2.00 -22.44
C SER F 248 12.01 -0.80 -22.96
N TRP F 249 12.28 0.39 -22.41
CA TRP F 249 11.51 1.59 -22.79
C TRP F 249 12.27 2.89 -22.54
N SER F 250 12.30 3.72 -23.57
CA SER F 250 12.84 5.08 -23.50
C SER F 250 11.86 6.08 -24.07
N PHE F 251 11.69 7.18 -23.36
CA PHE F 251 10.77 8.25 -23.76
C PHE F 251 11.37 9.60 -23.44
N ALA F 252 11.25 10.53 -24.38
CA ALA F 252 11.73 11.90 -24.20
C ALA F 252 10.71 12.89 -24.78
N SER F 253 10.62 14.06 -24.16
CA SER F 253 9.75 15.12 -24.64
C SER F 253 10.33 16.51 -24.38
N LYS F 254 10.00 17.45 -25.26
CA LYS F 254 10.51 18.81 -25.20
C LYS F 254 9.37 19.82 -25.43
N LEU F 255 9.20 20.76 -24.50
CA LEU F 255 8.17 21.79 -24.59
C LEU F 255 8.76 23.16 -24.28
N SER F 256 8.77 24.04 -25.28
CA SER F 256 9.33 25.39 -25.11
C SER F 256 8.28 26.42 -24.66
N ASP F 257 8.62 27.17 -23.62
CA ASP F 257 7.78 28.26 -23.14
C ASP F 257 8.37 29.63 -23.55
N GLY F 258 9.65 29.63 -23.90
CA GLY F 258 10.32 30.83 -24.41
C GLY F 258 11.17 31.57 -23.39
N THR F 259 12.31 30.97 -23.03
CA THR F 259 13.26 31.53 -22.05
C THR F 259 12.57 32.07 -20.79
N ALA G 22 19.59 23.91 -32.04
CA ALA G 22 19.82 24.83 -33.21
C ALA G 22 21.23 24.68 -33.79
N SER G 23 22.25 24.79 -32.93
CA SER G 23 23.63 24.42 -33.28
C SER G 23 24.36 23.86 -32.06
N GLN G 24 24.20 22.56 -31.84
CA GLN G 24 24.75 21.89 -30.67
C GLN G 24 25.94 21.03 -31.05
N THR G 25 26.96 21.03 -30.20
CA THR G 25 28.14 20.19 -30.40
C THR G 25 28.65 19.71 -29.04
N SER G 26 28.84 18.40 -28.92
CA SER G 26 29.43 17.80 -27.73
C SER G 26 30.26 16.56 -28.04
N PHE G 27 31.34 16.39 -27.29
CA PHE G 27 32.18 15.21 -27.40
C PHE G 27 32.75 14.84 -26.04
N SER G 28 33.00 13.54 -25.85
CA SER G 28 33.47 13.02 -24.58
C SER G 28 34.55 11.96 -24.82
N PHE G 29 35.71 12.14 -24.19
CA PHE G 29 36.84 11.23 -24.37
C PHE G 29 37.46 10.82 -23.03
N GLN G 30 37.55 9.52 -22.80
CA GLN G 30 38.24 8.97 -21.64
C GLN G 30 39.69 8.59 -21.99
N ARG G 31 39.90 8.23 -23.26
CA ARG G 31 41.24 7.94 -23.79
C ARG G 31 41.47 8.73 -25.08
N PHE G 32 42.65 9.34 -25.17
CA PHE G 32 42.99 10.19 -26.31
C PHE G 32 43.70 9.44 -27.44
N ASN G 33 43.59 10.00 -28.65
CA ASN G 33 44.25 9.51 -29.84
C ASN G 33 44.43 10.70 -30.78
N GLU G 34 45.59 10.77 -31.44
CA GLU G 34 45.96 11.95 -32.24
C GLU G 34 45.21 12.10 -33.57
N THR G 35 44.32 11.15 -33.87
CA THR G 35 43.54 11.16 -35.12
C THR G 35 42.54 12.32 -35.19
N ASN G 36 41.92 12.64 -34.07
CA ASN G 36 40.94 13.73 -34.00
C ASN G 36 41.49 14.99 -33.35
N LEU G 37 42.81 15.05 -33.17
CA LEU G 37 43.45 16.19 -32.50
C LEU G 37 44.40 16.99 -33.39
N ILE G 38 44.59 18.26 -33.02
CA ILE G 38 45.57 19.13 -33.66
C ILE G 38 46.63 19.47 -32.62
N LEU G 39 47.70 18.66 -32.63
CA LEU G 39 48.81 18.80 -31.70
C LEU G 39 49.81 19.83 -32.19
N GLN G 40 50.35 20.59 -31.25
CA GLN G 40 51.33 21.62 -31.57
C GLN G 40 52.53 21.52 -30.63
N ARG G 41 53.72 21.59 -31.22
CA ARG G 41 54.99 21.45 -30.49
C ARG G 41 55.05 20.15 -29.69
N ASP G 42 55.33 20.24 -28.39
CA ASP G 42 55.58 19.07 -27.54
C ASP G 42 54.31 18.31 -27.12
N ALA G 43 53.20 18.58 -27.81
CA ALA G 43 51.93 17.90 -27.54
C ALA G 43 51.97 16.47 -28.09
N THR G 44 51.91 15.50 -27.18
CA THR G 44 52.01 14.08 -27.55
C THR G 44 50.93 13.22 -26.89
N VAL G 45 50.39 12.30 -27.67
CA VAL G 45 49.48 11.27 -27.15
C VAL G 45 50.31 10.01 -26.91
N SER G 46 50.38 9.59 -25.64
CA SER G 46 51.14 8.40 -25.26
C SER G 46 50.46 7.09 -25.69
N SER G 47 51.13 5.98 -25.42
CA SER G 47 50.62 4.64 -25.77
C SER G 47 49.49 4.19 -24.85
N LYS G 48 49.40 4.82 -23.67
CA LYS G 48 48.32 4.55 -22.72
C LYS G 48 46.99 5.22 -23.10
N GLY G 49 47.06 6.25 -23.95
CA GLY G 49 45.88 7.00 -24.36
C GLY G 49 45.69 8.26 -23.55
N GLN G 50 46.80 8.80 -23.05
CA GLN G 50 46.78 10.04 -22.27
C GLN G 50 47.35 11.19 -23.09
N LEU G 51 46.90 12.40 -22.77
CA LEU G 51 47.35 13.60 -23.47
C LEU G 51 48.46 14.30 -22.69
N ARG G 52 49.70 14.09 -23.14
CA ARG G 52 50.87 14.74 -22.54
C ARG G 52 51.22 15.99 -23.34
N LEU G 53 50.86 17.14 -22.78
CA LEU G 53 50.98 18.42 -23.47
C LEU G 53 52.43 18.90 -23.51
N THR G 54 53.11 18.79 -22.38
CA THR G 54 54.53 19.08 -22.30
C THR G 54 55.33 17.81 -22.61
N ASN G 55 56.66 17.95 -22.73
CA ASN G 55 57.54 16.84 -23.08
C ASN G 55 58.01 16.02 -21.87
N VAL G 56 58.08 14.71 -22.05
CA VAL G 56 58.58 13.78 -21.02
C VAL G 56 59.55 12.79 -21.67
N ASN G 57 60.75 12.66 -21.08
CA ASN G 57 61.77 11.72 -21.54
C ASN G 57 61.45 10.24 -21.24
N ASP G 58 62.32 9.35 -21.71
CA ASP G 58 62.13 7.90 -21.57
C ASP G 58 62.18 7.38 -20.13
N ASN G 59 62.69 8.21 -19.21
CA ASN G 59 62.73 7.86 -17.79
C ASN G 59 61.48 8.28 -17.01
N GLY G 60 60.56 8.95 -17.69
CA GLY G 60 59.32 9.44 -17.07
C GLY G 60 59.52 10.76 -16.34
N GLU G 61 60.49 11.54 -16.81
CA GLU G 61 60.82 12.82 -16.19
C GLU G 61 60.47 14.01 -17.10
N PRO G 62 59.88 15.08 -16.53
CA PRO G 62 59.51 16.25 -17.31
C PRO G 62 60.72 17.12 -17.64
N THR G 63 60.80 17.56 -18.90
CA THR G 63 61.91 18.38 -19.38
C THR G 63 61.58 19.87 -19.40
N LEU G 64 62.56 20.70 -19.08
CA LEU G 64 62.41 22.16 -19.00
C LEU G 64 62.06 22.82 -20.35
N SER G 65 61.71 24.11 -20.29
CA SER G 65 61.39 24.92 -21.48
C SER G 65 60.51 24.21 -22.51
N SER G 66 59.42 23.62 -22.03
CA SER G 66 58.50 22.88 -22.89
C SER G 66 57.25 23.69 -23.23
N LEU G 67 56.62 23.31 -24.33
CA LEU G 67 55.38 23.92 -24.78
C LEU G 67 54.65 22.96 -25.72
N GLY G 68 53.38 22.74 -25.43
CA GLY G 68 52.53 21.91 -26.28
C GLY G 68 51.09 22.39 -26.23
N ARG G 69 50.38 22.22 -27.34
CA ARG G 69 48.99 22.64 -27.42
C ARG G 69 48.17 21.62 -28.22
N ALA G 70 47.11 21.12 -27.61
CA ALA G 70 46.23 20.16 -28.25
C ALA G 70 44.84 20.74 -28.35
N PHE G 71 44.23 20.58 -29.52
CA PHE G 71 42.90 21.10 -29.79
C PHE G 71 42.04 20.05 -30.43
N TYR G 72 40.73 20.23 -30.32
CA TYR G 72 39.78 19.39 -31.03
C TYR G 72 39.83 19.83 -32.49
N SER G 73 39.93 18.86 -33.40
CA SER G 73 40.15 19.11 -34.83
C SER G 73 39.04 19.92 -35.50
N ALA G 74 37.82 19.80 -34.99
CA ALA G 74 36.72 20.62 -35.50
C ALA G 74 36.66 21.97 -34.79
N PRO G 75 36.48 23.05 -35.56
CA PRO G 75 36.31 24.38 -34.98
C PRO G 75 34.90 24.56 -34.40
N ILE G 76 34.82 25.34 -33.33
CA ILE G 76 33.57 25.57 -32.62
C ILE G 76 33.08 26.99 -32.89
N GLN G 77 31.82 27.12 -33.29
CA GLN G 77 31.19 28.43 -33.46
C GLN G 77 30.75 28.98 -32.11
N ILE G 78 31.29 30.15 -31.76
CA ILE G 78 30.96 30.78 -30.49
C ILE G 78 29.83 31.81 -30.63
N TRP G 79 29.87 32.64 -31.66
CA TRP G 79 28.78 33.58 -31.92
C TRP G 79 28.46 33.73 -33.40
N ASP G 80 27.30 34.31 -33.69
CA ASP G 80 26.83 34.48 -35.06
C ASP G 80 26.63 35.96 -35.34
N ASN G 81 27.36 36.49 -36.33
CA ASN G 81 27.26 37.92 -36.67
C ASN G 81 25.89 38.30 -37.21
N THR G 82 25.22 37.34 -37.84
CA THR G 82 23.89 37.57 -38.40
C THR G 82 22.82 37.69 -37.30
N THR G 83 22.71 36.67 -36.46
CA THR G 83 21.65 36.62 -35.44
C THR G 83 22.03 37.31 -34.13
N GLY G 84 23.34 37.49 -33.90
CA GLY G 84 23.84 38.15 -32.69
C GLY G 84 24.02 37.21 -31.52
N ALA G 85 23.72 35.93 -31.75
CA ALA G 85 23.69 34.91 -30.70
C ALA G 85 25.07 34.50 -30.20
N VAL G 86 25.23 34.49 -28.87
CA VAL G 86 26.47 34.02 -28.24
C VAL G 86 26.21 32.65 -27.60
N ALA G 87 27.05 31.68 -27.93
CA ALA G 87 26.87 30.30 -27.47
C ALA G 87 27.18 30.12 -25.98
N SER G 88 26.43 29.21 -25.35
CA SER G 88 26.76 28.75 -24.01
C SER G 88 27.58 27.50 -24.16
N PHE G 89 28.52 27.29 -23.24
CA PHE G 89 29.32 26.06 -23.28
C PHE G 89 29.72 25.56 -21.90
N ALA G 90 30.06 24.27 -21.85
CA ALA G 90 30.65 23.67 -20.67
C ALA G 90 31.73 22.72 -21.09
N THR G 91 32.68 22.49 -20.17
CA THR G 91 33.79 21.58 -20.40
C THR G 91 34.28 21.02 -19.06
N SER G 92 34.43 19.70 -19.02
CA SER G 92 34.97 19.01 -17.86
C SER G 92 36.14 18.15 -18.30
N PHE G 93 37.21 18.19 -17.51
CA PHE G 93 38.41 17.40 -17.80
C PHE G 93 39.16 17.04 -16.52
N THR G 94 39.85 15.90 -16.57
CA THR G 94 40.71 15.47 -15.48
C THR G 94 42.18 15.63 -15.90
N PHE G 95 42.94 16.35 -15.09
CA PHE G 95 44.35 16.57 -15.36
C PHE G 95 45.26 16.13 -14.22
N ASN G 96 46.47 15.70 -14.58
CA ASN G 96 47.47 15.31 -13.62
C ASN G 96 48.76 16.12 -13.80
N ILE G 97 49.12 16.87 -12.76
CA ILE G 97 50.36 17.63 -12.75
C ILE G 97 51.28 17.07 -11.66
N ASP G 98 52.28 16.30 -12.08
CA ASP G 98 53.20 15.68 -11.14
C ASP G 98 54.55 16.40 -11.12
N VAL G 99 55.13 16.51 -9.93
CA VAL G 99 56.39 17.22 -9.73
C VAL G 99 57.48 16.25 -9.25
N PRO G 100 58.61 16.18 -9.97
CA PRO G 100 59.76 15.38 -9.53
C PRO G 100 60.40 15.99 -8.30
N ASN G 101 61.01 15.14 -7.47
CA ASN G 101 61.56 15.58 -6.18
C ASN G 101 62.72 16.56 -6.30
N ASN G 102 62.85 17.40 -5.26
CA ASN G 102 63.86 18.47 -5.19
C ASN G 102 63.63 19.61 -6.19
N SER G 103 62.40 19.71 -6.66
CA SER G 103 62.01 20.73 -7.63
C SER G 103 60.74 21.45 -7.19
N GLY G 104 60.36 22.46 -7.97
CA GLY G 104 59.08 23.14 -7.82
C GLY G 104 58.23 22.92 -9.07
N PRO G 105 56.92 23.25 -8.99
CA PRO G 105 56.10 23.15 -10.18
C PRO G 105 56.22 24.38 -11.08
N ALA G 106 56.04 24.17 -12.39
CA ALA G 106 56.05 25.22 -13.42
C ALA G 106 55.72 24.65 -14.80
N ASP G 107 54.96 25.37 -15.63
CA ASP G 107 54.37 26.68 -15.29
C ASP G 107 52.86 26.60 -15.11
N GLY G 108 52.25 25.58 -15.69
CA GLY G 108 50.83 25.34 -15.55
C GLY G 108 50.16 24.89 -16.83
N LEU G 109 48.86 24.61 -16.74
CA LEU G 109 48.04 24.33 -17.91
C LEU G 109 46.79 25.18 -17.91
N ALA G 110 46.18 25.33 -19.09
CA ALA G 110 44.98 26.14 -19.24
C ALA G 110 44.06 25.56 -20.31
N PHE G 111 42.76 25.67 -20.08
CA PHE G 111 41.77 25.38 -21.13
C PHE G 111 41.62 26.64 -21.98
N VAL G 112 41.65 26.48 -23.30
CA VAL G 112 41.71 27.65 -24.18
C VAL G 112 40.68 27.71 -25.30
N LEU G 113 40.20 28.92 -25.57
CA LEU G 113 39.40 29.22 -26.75
C LEU G 113 40.18 30.24 -27.56
N LEU G 114 40.57 29.83 -28.78
CA LEU G 114 41.47 30.60 -29.63
C LEU G 114 40.97 30.67 -31.09
N PRO G 115 41.51 31.61 -31.91
CA PRO G 115 41.08 31.66 -33.30
C PRO G 115 41.56 30.44 -34.10
N VAL G 116 40.82 30.11 -35.16
CA VAL G 116 41.14 28.99 -36.04
C VAL G 116 42.56 29.12 -36.57
N GLY G 117 43.33 28.03 -36.48
CA GLY G 117 44.70 28.01 -36.97
C GLY G 117 45.68 28.88 -36.18
N SER G 118 45.34 29.19 -34.94
CA SER G 118 46.22 29.91 -34.03
C SER G 118 47.54 29.15 -33.86
N GLN G 119 48.63 29.88 -33.70
CA GLN G 119 49.97 29.29 -33.54
C GLN G 119 50.57 29.62 -32.17
N PRO G 120 51.40 28.71 -31.62
CA PRO G 120 51.90 28.87 -30.24
C PRO G 120 52.71 30.14 -30.02
N LYS G 121 52.43 30.84 -28.93
CA LYS G 121 53.16 32.05 -28.56
C LYS G 121 54.32 31.68 -27.64
N ASP G 122 54.74 32.62 -26.81
CA ASP G 122 55.94 32.43 -25.98
C ASP G 122 55.71 31.50 -24.79
N LYS G 123 56.66 30.60 -24.58
CA LYS G 123 56.67 29.64 -23.47
C LYS G 123 56.90 30.31 -22.11
N GLY G 124 57.00 29.48 -21.06
CA GLY G 124 57.20 29.97 -19.69
C GLY G 124 55.90 30.31 -19.00
N GLY G 125 55.96 31.28 -18.10
CA GLY G 125 54.78 31.77 -17.36
C GLY G 125 53.67 32.33 -18.25
N LEU G 126 53.97 32.50 -19.53
CA LEU G 126 52.99 33.00 -20.51
C LEU G 126 52.11 31.88 -21.08
N LEU G 127 52.43 30.63 -20.71
CA LEU G 127 51.66 29.44 -21.08
C LEU G 127 51.45 29.26 -22.60
N GLY G 128 52.30 29.89 -23.40
CA GLY G 128 52.22 29.79 -24.85
C GLY G 128 51.01 30.46 -25.46
N LEU G 129 50.49 31.46 -24.77
CA LEU G 129 49.30 32.17 -25.21
C LEU G 129 49.58 33.64 -25.52
N PHE G 130 50.62 34.18 -24.88
CA PHE G 130 50.96 35.59 -25.04
C PHE G 130 52.47 35.80 -25.21
N ASN G 131 52.83 36.94 -25.80
CA ASN G 131 54.23 37.31 -26.01
C ASN G 131 54.78 38.20 -24.90
N ASN G 132 53.89 38.97 -24.28
CA ASN G 132 54.23 39.75 -23.08
C ASN G 132 53.12 39.74 -22.02
N TYR G 133 53.37 40.41 -20.90
CA TYR G 133 52.39 40.47 -19.80
C TYR G 133 51.57 41.76 -19.82
N LYS G 134 51.43 42.35 -21.00
CA LYS G 134 50.58 43.52 -21.21
C LYS G 134 49.28 43.09 -21.89
N TYR G 135 48.20 43.85 -21.67
CA TYR G 135 46.92 43.58 -22.31
C TYR G 135 47.00 43.70 -23.84
N ASP G 136 46.40 42.74 -24.54
CA ASP G 136 46.43 42.71 -26.00
C ASP G 136 45.03 42.45 -26.58
N SER G 137 44.37 43.52 -27.03
CA SER G 137 43.02 43.43 -27.62
C SER G 137 42.99 42.65 -28.94
N ASN G 138 44.16 42.44 -29.55
CA ASN G 138 44.27 41.63 -30.76
C ASN G 138 44.63 40.18 -30.47
N ALA G 139 44.67 39.83 -29.19
CA ALA G 139 44.95 38.45 -28.77
C ALA G 139 43.82 37.50 -29.14
N HIS G 140 42.59 37.91 -28.83
CA HIS G 140 41.38 37.09 -29.03
C HIS G 140 41.47 35.78 -28.23
N THR G 141 41.84 35.91 -26.96
CA THR G 141 42.12 34.76 -26.10
C THR G 141 41.27 34.75 -24.83
N VAL G 142 40.44 33.72 -24.70
CA VAL G 142 39.75 33.42 -23.46
C VAL G 142 40.31 32.09 -22.95
N ALA G 143 40.83 32.11 -21.73
CA ALA G 143 41.46 30.93 -21.14
C ALA G 143 41.24 30.85 -19.64
N VAL G 144 41.08 29.62 -19.15
CA VAL G 144 40.99 29.36 -17.72
C VAL G 144 42.29 28.67 -17.33
N GLU G 145 43.06 29.32 -16.46
CA GLU G 145 44.41 28.87 -16.14
C GLU G 145 44.52 28.16 -14.80
N PHE G 146 45.48 27.25 -14.72
CA PHE G 146 45.85 26.60 -13.47
C PHE G 146 47.33 26.85 -13.22
N ASP G 147 47.60 27.93 -12.50
CA ASP G 147 48.94 28.48 -12.34
C ASP G 147 49.65 27.85 -11.15
N THR G 148 50.77 27.20 -11.43
CA THR G 148 51.55 26.50 -10.43
C THR G 148 52.76 27.29 -9.99
N LEU G 149 53.15 28.29 -10.79
CA LEU G 149 54.32 29.12 -10.51
C LEU G 149 53.98 30.60 -10.40
N TYR G 150 54.48 31.23 -9.33
CA TYR G 150 54.29 32.65 -9.11
C TYR G 150 55.22 33.48 -10.00
N ASN G 151 54.63 34.36 -10.80
CA ASN G 151 55.39 35.32 -11.59
C ASN G 151 55.22 36.72 -11.01
N VAL G 152 56.33 37.28 -10.54
CA VAL G 152 56.34 38.53 -9.79
C VAL G 152 55.65 39.70 -10.52
N HIS G 153 55.75 39.71 -11.84
CA HIS G 153 55.29 40.84 -12.65
C HIS G 153 53.77 40.91 -12.89
N TRP G 154 53.05 39.81 -12.64
CA TRP G 154 51.60 39.80 -12.84
C TRP G 154 50.75 39.01 -11.84
N ASP G 155 51.19 37.79 -11.52
CA ASP G 155 50.45 36.87 -10.65
C ASP G 155 50.33 37.36 -9.20
N PRO G 156 49.32 36.86 -8.46
CA PRO G 156 49.31 36.93 -7.00
C PRO G 156 50.14 35.79 -6.42
N LYS G 157 50.49 35.90 -5.14
CA LYS G 157 51.52 35.03 -4.52
C LYS G 157 51.17 33.53 -4.41
N PRO G 158 49.94 33.17 -3.95
CA PRO G 158 49.59 31.74 -3.91
C PRO G 158 49.32 31.14 -5.30
N ARG G 159 49.41 29.81 -5.39
CA ARG G 159 49.05 29.11 -6.61
C ARG G 159 47.56 29.27 -6.83
N HIS G 160 47.16 29.47 -8.09
CA HIS G 160 45.81 29.98 -8.37
C HIS G 160 45.14 29.43 -9.63
N ILE G 161 43.80 29.39 -9.59
CA ILE G 161 42.97 29.28 -10.78
C ILE G 161 42.60 30.70 -11.20
N GLY G 162 42.61 30.97 -12.50
CA GLY G 162 42.34 32.31 -13.01
C GLY G 162 41.67 32.35 -14.37
N ILE G 163 40.91 33.42 -14.59
CA ILE G 163 40.22 33.62 -15.85
C ILE G 163 41.00 34.65 -16.68
N ASP G 164 41.52 34.21 -17.81
CA ASP G 164 42.36 35.05 -18.68
C ASP G 164 41.57 35.59 -19.86
N VAL G 165 41.43 36.91 -19.91
CA VAL G 165 40.80 37.59 -21.04
C VAL G 165 41.80 38.56 -21.66
N ASN G 166 42.33 38.17 -22.83
CA ASN G 166 43.28 38.99 -23.61
C ASN G 166 44.56 39.41 -22.87
N SER G 167 44.89 38.69 -21.80
CA SER G 167 46.07 38.99 -20.97
C SER G 167 46.44 37.81 -20.08
N ILE G 168 47.73 37.59 -19.90
CA ILE G 168 48.22 36.57 -18.96
C ILE G 168 47.92 36.95 -17.51
N LYS G 169 47.70 38.23 -17.27
CA LYS G 169 47.20 38.71 -15.99
C LYS G 169 45.71 38.39 -15.96
N SER G 170 45.30 37.59 -14.98
CA SER G 170 43.90 37.17 -14.90
C SER G 170 43.03 38.31 -14.41
N ILE G 171 41.79 38.34 -14.90
CA ILE G 171 40.81 39.35 -14.45
C ILE G 171 40.29 39.03 -13.04
N LYS G 172 40.22 37.72 -12.73
CA LYS G 172 39.89 37.25 -11.39
C LYS G 172 40.59 35.93 -11.11
N THR G 173 40.91 35.70 -9.83
CA THR G 173 41.62 34.49 -9.41
C THR G 173 41.08 33.95 -8.08
N THR G 174 41.34 32.67 -7.83
CA THR G 174 41.05 32.05 -6.54
C THR G 174 42.26 31.24 -6.09
N THR G 175 42.48 31.17 -4.78
CA THR G 175 43.56 30.36 -4.21
C THR G 175 43.29 28.88 -4.48
N TRP G 176 44.31 28.18 -4.99
CA TRP G 176 44.21 26.78 -5.32
C TRP G 176 45.32 25.99 -4.62
N ASP G 177 44.93 25.18 -3.64
CA ASP G 177 45.89 24.36 -2.90
C ASP G 177 46.40 23.23 -3.78
N PHE G 178 47.51 23.49 -4.47
CA PHE G 178 48.07 22.57 -5.45
C PHE G 178 48.80 21.40 -4.79
N VAL G 179 48.37 20.19 -5.15
CA VAL G 179 49.01 18.98 -4.69
C VAL G 179 49.49 18.20 -5.91
N LYS G 180 50.75 17.79 -5.88
CA LYS G 180 51.40 17.06 -6.97
C LYS G 180 50.88 15.63 -7.09
N GLY G 181 50.87 15.11 -8.31
CA GLY G 181 50.49 13.71 -8.56
C GLY G 181 49.01 13.40 -8.46
N GLU G 182 48.30 14.15 -7.61
CA GLU G 182 46.85 13.99 -7.39
C GLU G 182 46.02 14.30 -8.63
N ASN G 183 45.10 13.39 -8.96
CA ASN G 183 44.14 13.62 -10.03
C ASN G 183 43.20 14.76 -9.70
N ALA G 184 43.06 15.71 -10.64
CA ALA G 184 42.21 16.88 -10.46
C ALA G 184 41.06 16.89 -11.47
N GLU G 185 39.85 17.12 -10.98
CA GLU G 185 38.67 17.19 -11.84
C GLU G 185 38.15 18.62 -11.97
N VAL G 186 38.02 19.08 -13.22
CA VAL G 186 37.69 20.48 -13.53
C VAL G 186 36.31 20.61 -14.18
N LEU G 187 35.58 21.65 -13.79
CA LEU G 187 34.37 22.03 -14.52
C LEU G 187 34.39 23.51 -14.88
N ILE G 188 34.35 23.79 -16.18
CA ILE G 188 34.21 25.15 -16.68
C ILE G 188 32.88 25.25 -17.43
N THR G 189 32.03 26.16 -16.96
CA THR G 189 30.75 26.43 -17.60
C THR G 189 30.68 27.90 -17.97
N TYR G 190 30.05 28.18 -19.10
CA TYR G 190 29.77 29.55 -19.53
C TYR G 190 28.30 29.72 -19.88
N ASP G 191 27.66 30.67 -19.20
CA ASP G 191 26.28 31.03 -19.46
C ASP G 191 26.28 32.34 -20.24
N SER G 192 25.81 32.28 -21.48
CA SER G 192 25.86 33.44 -22.37
C SER G 192 24.78 34.48 -22.07
N SER G 193 23.67 34.06 -21.48
CA SER G 193 22.64 35.00 -21.05
C SER G 193 23.13 35.93 -19.93
N THR G 194 23.86 35.38 -18.96
CA THR G 194 24.43 36.16 -17.85
C THR G 194 25.87 36.60 -18.12
N LYS G 195 26.49 36.01 -19.14
CA LYS G 195 27.89 36.26 -19.50
C LYS G 195 28.89 35.74 -18.47
N LEU G 196 28.42 34.86 -17.59
CA LEU G 196 29.20 34.37 -16.46
C LEU G 196 30.04 33.14 -16.81
N LEU G 197 31.34 33.23 -16.55
CA LEU G 197 32.24 32.09 -16.69
C LEU G 197 32.63 31.58 -15.31
N VAL G 198 32.23 30.35 -15.01
CA VAL G 198 32.53 29.71 -13.73
C VAL G 198 33.54 28.61 -13.96
N ALA G 199 34.57 28.55 -13.12
CA ALA G 199 35.57 27.48 -13.18
C ALA G 199 35.79 26.89 -11.81
N SER G 200 35.73 25.56 -11.73
CA SER G 200 35.88 24.86 -10.46
C SER G 200 36.82 23.65 -10.58
N LEU G 201 37.51 23.35 -9.49
CA LEU G 201 38.41 22.20 -9.45
C LEU G 201 38.21 21.42 -8.15
N VAL G 202 38.20 20.09 -8.27
CA VAL G 202 38.07 19.20 -7.12
C VAL G 202 39.09 18.06 -7.12
N TYR G 203 39.61 17.75 -5.93
CA TYR G 203 40.46 16.58 -5.71
C TYR G 203 39.61 15.47 -5.06
N PRO G 204 39.21 14.46 -5.85
CA PRO G 204 38.33 13.39 -5.38
C PRO G 204 38.85 12.70 -4.12
N SER G 205 40.16 12.45 -4.06
CA SER G 205 40.76 11.67 -2.99
C SER G 205 41.27 12.50 -1.81
N LEU G 206 41.21 13.82 -1.94
CA LEU G 206 41.55 14.73 -0.85
C LEU G 206 40.31 15.44 -0.31
N LYS G 207 39.23 15.38 -1.08
CA LYS G 207 37.94 16.05 -0.78
C LYS G 207 38.02 17.58 -0.75
N THR G 208 38.98 18.14 -1.48
CA THR G 208 39.16 19.60 -1.55
C THR G 208 38.56 20.19 -2.83
N SER G 209 37.98 21.38 -2.72
CA SER G 209 37.25 21.99 -3.82
C SER G 209 37.49 23.50 -3.90
N PHE G 210 37.69 23.98 -5.13
CA PHE G 210 37.96 25.40 -5.38
C PHE G 210 37.09 25.89 -6.54
N ILE G 211 36.73 27.17 -6.51
CA ILE G 211 35.84 27.76 -7.52
C ILE G 211 36.12 29.25 -7.76
N VAL G 212 35.94 29.69 -9.01
CA VAL G 212 36.09 31.10 -9.39
C VAL G 212 35.08 31.47 -10.48
N SER G 213 34.48 32.66 -10.35
CA SER G 213 33.52 33.15 -11.34
C SER G 213 33.63 34.64 -11.62
N ASP G 214 33.51 35.00 -12.89
CA ASP G 214 33.53 36.39 -13.34
C ASP G 214 32.82 36.49 -14.69
N THR G 215 32.41 37.69 -15.06
CA THR G 215 31.77 37.88 -16.36
C THR G 215 32.80 38.10 -17.48
N VAL G 216 32.54 37.45 -18.61
CA VAL G 216 33.35 37.60 -19.82
C VAL G 216 32.40 37.83 -21.01
N ASP G 217 32.65 38.92 -21.74
CA ASP G 217 31.89 39.18 -22.96
C ASP G 217 32.62 38.55 -24.14
N LEU G 218 32.15 37.38 -24.59
CA LEU G 218 32.83 36.63 -25.65
C LEU G 218 32.76 37.32 -27.00
N LYS G 219 31.57 37.83 -27.34
CA LYS G 219 31.31 38.46 -28.63
C LYS G 219 32.34 39.53 -29.01
N SER G 220 32.80 40.30 -28.02
CA SER G 220 33.76 41.37 -28.25
C SER G 220 35.22 40.92 -28.16
N VAL G 221 35.44 39.66 -27.78
CA VAL G 221 36.78 39.11 -27.59
C VAL G 221 37.15 38.06 -28.65
N LEU G 222 36.35 36.99 -28.74
CA LEU G 222 36.61 35.89 -29.66
C LEU G 222 35.97 36.10 -31.04
N PRO G 223 36.59 35.55 -32.10
CA PRO G 223 35.92 35.55 -33.41
C PRO G 223 34.73 34.60 -33.43
N GLU G 224 33.93 34.65 -34.49
CA GLU G 224 32.77 33.79 -34.63
C GLU G 224 33.11 32.32 -34.40
N TRP G 225 34.17 31.86 -35.06
CA TRP G 225 34.63 30.48 -34.96
C TRP G 225 35.97 30.40 -34.23
N VAL G 226 36.05 29.49 -33.27
CA VAL G 226 37.26 29.30 -32.46
C VAL G 226 37.67 27.83 -32.40
N ILE G 227 38.81 27.56 -31.78
CA ILE G 227 39.22 26.19 -31.48
C ILE G 227 39.35 26.01 -29.97
N VAL G 228 38.87 24.86 -29.50
CA VAL G 228 38.89 24.56 -28.08
C VAL G 228 39.89 23.44 -27.78
N GLY G 229 40.62 23.61 -26.69
CA GLY G 229 41.61 22.64 -26.26
C GLY G 229 42.44 23.14 -25.11
N PHE G 230 43.69 22.67 -25.04
CA PHE G 230 44.56 22.94 -23.91
C PHE G 230 45.91 23.48 -24.36
N THR G 231 46.62 24.07 -23.42
CA THR G 231 48.01 24.48 -23.61
C THR G 231 48.73 24.34 -22.27
N ALA G 232 50.01 23.97 -22.32
CA ALA G 232 50.80 23.81 -21.10
C ALA G 232 52.29 24.03 -21.35
N THR G 233 52.94 24.66 -20.38
CA THR G 233 54.36 24.95 -20.46
C THR G 233 55.09 24.55 -19.17
N THR G 234 56.35 24.15 -19.33
CA THR G 234 57.24 23.91 -18.19
C THR G 234 58.12 25.13 -17.93
N GLY G 235 58.80 25.13 -16.80
CA GLY G 235 59.73 26.19 -16.44
C GLY G 235 60.97 26.21 -17.31
N ILE G 236 61.60 27.37 -17.38
CA ILE G 236 62.83 27.56 -18.17
C ILE G 236 64.08 27.44 -17.31
N THR G 237 63.91 27.63 -16.00
CA THR G 237 65.02 27.55 -15.03
C THR G 237 64.96 26.21 -14.27
N LYS G 238 66.14 25.68 -13.94
CA LYS G 238 66.25 24.43 -13.17
C LYS G 238 65.67 24.62 -11.77
N GLY G 239 64.90 23.63 -11.33
CA GLY G 239 64.25 23.67 -10.02
C GLY G 239 62.76 23.98 -10.13
N ASN G 240 62.28 24.17 -11.36
CA ASN G 240 60.88 24.46 -11.65
C ASN G 240 60.38 23.74 -12.91
N VAL G 241 59.77 22.57 -12.72
CA VAL G 241 59.26 21.76 -13.81
C VAL G 241 58.08 20.90 -13.34
N GLU G 242 57.24 20.45 -14.29
CA GLU G 242 56.10 19.59 -13.99
C GLU G 242 55.66 18.78 -15.22
N THR G 243 54.89 17.72 -14.98
CA THR G 243 54.18 17.03 -16.05
C THR G 243 52.83 17.72 -16.21
N ASN G 244 52.30 17.69 -17.43
CA ASN G 244 51.02 18.34 -17.71
C ASN G 244 50.11 17.44 -18.54
N ASP G 245 49.48 16.49 -17.87
CA ASP G 245 48.74 15.43 -18.54
C ASP G 245 47.22 15.61 -18.42
N ILE G 246 46.53 15.35 -19.52
CA ILE G 246 45.08 15.36 -19.55
C ILE G 246 44.61 13.92 -19.71
N LEU G 247 43.85 13.44 -18.74
CA LEU G 247 43.41 12.04 -18.71
C LEU G 247 42.08 11.79 -19.43
N SER G 248 41.13 12.71 -19.26
CA SER G 248 39.84 12.65 -19.97
C SER G 248 39.30 14.06 -20.23
N TRP G 249 38.39 14.18 -21.20
CA TRP G 249 37.89 15.48 -21.60
C TRP G 249 36.46 15.39 -22.15
N SER G 250 35.58 16.22 -21.59
CA SER G 250 34.21 16.37 -22.10
C SER G 250 33.91 17.83 -22.36
N PHE G 251 33.37 18.11 -23.54
CA PHE G 251 33.05 19.46 -23.95
C PHE G 251 31.67 19.50 -24.57
N ALA G 252 30.93 20.57 -24.30
CA ALA G 252 29.60 20.82 -24.90
C ALA G 252 29.41 22.29 -25.23
N SER G 253 28.73 22.56 -26.34
CA SER G 253 28.40 23.93 -26.74
C SER G 253 27.03 23.99 -27.43
N LYS G 254 26.25 25.02 -27.09
CA LYS G 254 24.92 25.23 -27.64
C LYS G 254 24.74 26.67 -28.13
N LEU G 255 24.18 26.82 -29.33
CA LEU G 255 23.97 28.11 -29.96
C LEU G 255 22.60 28.19 -30.64
N SER G 256 21.76 29.13 -30.21
CA SER G 256 20.43 29.30 -30.80
C SER G 256 20.47 30.15 -32.08
N ASP G 257 19.89 29.62 -33.16
CA ASP G 257 19.73 30.37 -34.41
C ASP G 257 18.28 30.82 -34.62
N GLY G 258 17.38 30.28 -33.80
CA GLY G 258 15.96 30.63 -33.82
C GLY G 258 15.11 29.82 -34.79
N THR G 259 15.22 28.49 -34.68
CA THR G 259 14.53 27.52 -35.57
C THR G 259 14.73 27.84 -37.06
N ALA H 22 32.52 6.86 -21.95
CA ALA H 22 33.66 6.13 -22.56
C ALA H 22 34.26 6.90 -23.75
N SER H 23 33.55 6.90 -24.88
CA SER H 23 33.90 7.73 -26.03
C SER H 23 32.66 8.14 -26.83
N GLN H 24 32.31 9.43 -26.74
CA GLN H 24 31.09 9.96 -27.35
C GLN H 24 31.36 11.17 -28.24
N THR H 25 30.54 11.31 -29.27
CA THR H 25 30.58 12.48 -30.16
C THR H 25 29.20 12.73 -30.76
N SER H 26 28.73 13.97 -30.68
CA SER H 26 27.51 14.40 -31.38
C SER H 26 27.52 15.87 -31.76
N PHE H 27 27.01 16.16 -32.96
CA PHE H 27 26.85 17.53 -33.44
C PHE H 27 25.51 17.70 -34.15
N SER H 28 25.00 18.92 -34.12
CA SER H 28 23.73 19.25 -34.74
C SER H 28 23.82 20.63 -35.37
N PHE H 29 23.46 20.74 -36.64
CA PHE H 29 23.53 22.02 -37.34
C PHE H 29 22.26 22.27 -38.16
N GLN H 30 21.63 23.42 -37.90
CA GLN H 30 20.52 23.89 -38.71
C GLN H 30 21.05 24.70 -39.90
N ARG H 31 22.18 25.37 -39.70
CA ARG H 31 22.84 26.16 -40.76
C ARG H 31 24.31 25.75 -40.87
N PHE H 32 24.77 25.61 -42.11
CA PHE H 32 26.14 25.16 -42.36
C PHE H 32 27.09 26.33 -42.60
N ASN H 33 28.38 26.10 -42.41
CA ASN H 33 29.43 27.06 -42.73
C ASN H 33 30.70 26.29 -43.09
N GLU H 34 31.49 26.84 -44.00
CA GLU H 34 32.70 26.15 -44.48
C GLU H 34 33.77 25.87 -43.41
N THR H 35 33.68 26.57 -42.28
CA THR H 35 34.71 26.51 -41.22
C THR H 35 34.93 25.10 -40.67
N ASN H 36 33.84 24.40 -40.37
CA ASN H 36 33.90 23.07 -39.72
C ASN H 36 33.67 21.91 -40.68
N LEU H 37 33.71 22.20 -41.97
CA LEU H 37 33.51 21.17 -42.98
C LEU H 37 34.72 21.02 -43.89
N ILE H 38 34.95 19.80 -44.34
CA ILE H 38 35.93 19.53 -45.39
C ILE H 38 35.15 19.43 -46.70
N LEU H 39 35.42 20.39 -47.59
CA LEU H 39 34.70 20.46 -48.86
C LEU H 39 35.56 19.98 -50.04
N GLN H 40 34.91 19.27 -50.97
CA GLN H 40 35.59 18.68 -52.11
C GLN H 40 34.83 18.90 -53.41
N ARG H 41 35.57 19.26 -54.46
CA ARG H 41 35.03 19.49 -55.81
C ARG H 41 33.95 20.57 -55.87
N ASP H 42 32.72 20.17 -56.18
CA ASP H 42 31.64 21.11 -56.44
C ASP H 42 30.79 21.48 -55.22
N ALA H 43 31.25 21.07 -54.04
CA ALA H 43 30.50 21.25 -52.78
C ALA H 43 30.71 22.64 -52.18
N THR H 44 29.62 23.40 -52.08
CA THR H 44 29.64 24.76 -51.53
C THR H 44 28.55 25.03 -50.49
N VAL H 45 28.81 26.01 -49.63
CA VAL H 45 27.85 26.47 -48.64
C VAL H 45 27.32 27.85 -49.05
N SER H 46 26.05 27.89 -49.47
CA SER H 46 25.43 29.14 -49.93
C SER H 46 25.23 30.15 -48.80
N SER H 47 24.93 31.39 -49.19
CA SER H 47 24.76 32.52 -48.24
C SER H 47 23.71 32.23 -47.18
N LYS H 48 22.62 31.58 -47.60
CA LYS H 48 21.51 31.20 -46.72
C LYS H 48 21.90 30.17 -45.67
N GLY H 49 22.89 29.34 -45.99
CA GLY H 49 23.34 28.28 -45.09
C GLY H 49 22.80 26.91 -45.45
N GLN H 50 22.66 26.66 -46.75
CA GLN H 50 22.29 25.34 -47.28
C GLN H 50 23.53 24.67 -47.85
N LEU H 51 23.73 23.39 -47.51
CA LEU H 51 24.86 22.63 -48.03
C LEU H 51 24.56 22.14 -49.44
N ARG H 52 25.10 22.86 -50.43
CA ARG H 52 24.88 22.53 -51.85
C ARG H 52 26.01 21.64 -52.33
N LEU H 53 25.66 20.41 -52.66
CA LEU H 53 26.65 19.41 -53.03
C LEU H 53 26.99 19.47 -54.53
N THR H 54 25.96 19.37 -55.36
CA THR H 54 26.13 19.52 -56.81
C THR H 54 26.10 21.00 -57.22
N ASN H 55 26.81 21.31 -58.30
CA ASN H 55 26.94 22.69 -58.79
C ASN H 55 25.60 23.31 -59.22
N VAL H 56 25.39 24.55 -58.79
CA VAL H 56 24.22 25.34 -59.18
C VAL H 56 24.69 26.76 -59.56
N ASN H 57 24.34 27.19 -60.77
CA ASN H 57 24.73 28.50 -61.30
C ASN H 57 23.85 29.67 -60.81
N ASP H 58 24.10 30.85 -61.36
CA ASP H 58 23.45 32.10 -60.92
C ASP H 58 21.93 32.13 -61.09
N ASN H 59 21.43 31.32 -62.02
CA ASN H 59 19.99 31.16 -62.23
C ASN H 59 19.28 30.55 -61.01
N GLY H 60 19.97 29.63 -60.34
CA GLY H 60 19.35 28.77 -59.35
C GLY H 60 19.01 27.45 -59.99
N GLU H 61 19.83 27.06 -60.97
CA GLU H 61 19.60 25.85 -61.76
C GLU H 61 20.77 24.88 -61.67
N PRO H 62 20.48 23.55 -61.67
CA PRO H 62 21.53 22.54 -61.54
C PRO H 62 22.24 22.21 -62.85
N THR H 63 23.58 22.22 -62.81
CA THR H 63 24.39 21.92 -63.98
C THR H 63 24.61 20.40 -64.10
N LEU H 64 25.01 19.95 -65.30
CA LEU H 64 25.29 18.53 -65.53
C LEU H 64 26.71 18.18 -65.09
N SER H 65 27.03 16.88 -65.10
CA SER H 65 28.36 16.36 -64.74
C SER H 65 28.98 17.01 -63.50
N SER H 66 28.25 16.97 -62.39
CA SER H 66 28.75 17.54 -61.13
C SER H 66 29.00 16.49 -60.06
N LEU H 67 29.96 16.77 -59.19
CA LEU H 67 30.33 15.89 -58.08
C LEU H 67 30.81 16.71 -56.89
N GLY H 68 30.10 16.56 -55.77
CA GLY H 68 30.44 17.27 -54.54
C GLY H 68 30.43 16.35 -53.33
N ARG H 69 31.47 16.48 -52.51
CA ARG H 69 31.56 15.73 -51.27
C ARG H 69 31.81 16.69 -50.10
N ALA H 70 31.12 16.41 -48.98
CA ALA H 70 31.22 17.24 -47.77
C ALA H 70 31.32 16.35 -46.53
N PHE H 71 32.27 16.67 -45.66
CA PHE H 71 32.50 15.88 -44.45
C PHE H 71 32.75 16.78 -43.24
N TYR H 72 32.35 16.29 -42.06
CA TYR H 72 32.66 16.96 -40.80
C TYR H 72 34.17 16.92 -40.59
N SER H 73 34.74 18.04 -40.13
CA SER H 73 36.20 18.20 -40.08
C SER H 73 36.88 17.43 -38.96
N ALA H 74 36.13 16.63 -38.22
CA ALA H 74 36.73 15.70 -37.27
C ALA H 74 36.48 14.26 -37.71
N PRO H 75 37.50 13.40 -37.58
CA PRO H 75 37.33 11.97 -37.80
C PRO H 75 36.63 11.34 -36.61
N ILE H 76 35.78 10.35 -36.90
CA ILE H 76 35.00 9.65 -35.88
C ILE H 76 35.47 8.20 -35.76
N GLN H 77 35.72 7.75 -34.53
CA GLN H 77 36.08 6.37 -34.30
C GLN H 77 34.85 5.46 -34.41
N ILE H 78 34.93 4.45 -35.27
CA ILE H 78 33.86 3.48 -35.47
C ILE H 78 34.11 2.17 -34.72
N TRP H 79 35.38 1.81 -34.56
CA TRP H 79 35.79 0.69 -33.70
C TRP H 79 37.23 0.80 -33.19
N ASP H 80 37.56 -0.07 -32.22
CA ASP H 80 38.89 -0.18 -31.63
C ASP H 80 39.34 -1.64 -31.77
N ASN H 81 40.60 -1.85 -32.18
CA ASN H 81 41.13 -3.21 -32.37
C ASN H 81 41.51 -3.88 -31.07
N THR H 82 42.04 -3.11 -30.13
CA THR H 82 42.41 -3.60 -28.80
C THR H 82 41.20 -4.15 -28.03
N THR H 83 40.12 -3.36 -27.98
CA THR H 83 38.92 -3.75 -27.24
C THR H 83 37.94 -4.60 -28.06
N GLY H 84 37.96 -4.44 -29.39
CA GLY H 84 37.07 -5.20 -30.27
C GLY H 84 35.68 -4.61 -30.39
N ALA H 85 35.45 -3.51 -29.66
CA ALA H 85 34.15 -2.86 -29.57
C ALA H 85 33.82 -2.02 -30.80
N VAL H 86 32.64 -2.25 -31.36
CA VAL H 86 32.12 -1.48 -32.50
C VAL H 86 31.17 -0.40 -31.95
N ALA H 87 31.22 0.79 -32.54
CA ALA H 87 30.39 1.92 -32.10
C ALA H 87 28.98 1.88 -32.66
N SER H 88 28.03 2.34 -31.86
CA SER H 88 26.67 2.59 -32.31
C SER H 88 26.61 4.06 -32.70
N PHE H 89 25.88 4.36 -33.77
CA PHE H 89 25.71 5.74 -34.19
C PHE H 89 24.31 6.00 -34.74
N ALA H 90 23.95 7.27 -34.78
CA ALA H 90 22.72 7.70 -35.43
C ALA H 90 22.93 9.03 -36.12
N THR H 91 22.21 9.23 -37.20
CA THR H 91 22.27 10.49 -37.93
C THR H 91 20.92 10.84 -38.56
N SER H 92 20.54 12.11 -38.42
CA SER H 92 19.34 12.63 -39.05
C SER H 92 19.69 13.88 -39.83
N PHE H 93 19.13 13.97 -41.02
CA PHE H 93 19.34 15.12 -41.88
C PHE H 93 18.14 15.38 -42.77
N THR H 94 17.92 16.64 -43.13
CA THR H 94 16.86 16.99 -44.06
C THR H 94 17.46 17.47 -45.37
N PHE H 95 17.01 16.91 -46.49
CA PHE H 95 17.50 17.32 -47.80
C PHE H 95 16.40 17.73 -48.78
N ASN H 96 16.76 18.63 -49.69
CA ASN H 96 15.87 18.99 -50.79
C ASN H 96 16.47 18.64 -52.15
N ILE H 97 15.72 17.85 -52.92
CA ILE H 97 16.06 17.51 -54.31
C ILE H 97 14.94 18.00 -55.22
N ASP H 98 15.29 18.96 -56.08
CA ASP H 98 14.36 19.58 -57.01
C ASP H 98 14.83 19.41 -58.46
N VAL H 99 13.88 19.19 -59.36
CA VAL H 99 14.14 19.00 -60.78
C VAL H 99 13.52 20.13 -61.60
N PRO H 100 14.32 20.79 -62.47
CA PRO H 100 13.77 21.79 -63.39
C PRO H 100 12.85 21.17 -64.44
N ASN H 101 11.99 21.99 -65.03
CA ASN H 101 11.01 21.53 -66.02
C ASN H 101 11.60 20.79 -67.22
N ASN H 102 10.83 19.84 -67.74
CA ASN H 102 11.22 19.01 -68.90
C ASN H 102 12.51 18.21 -68.70
N SER H 103 12.79 17.84 -67.44
CA SER H 103 13.97 17.06 -67.09
C SER H 103 13.63 15.96 -66.06
N GLY H 104 14.46 14.92 -66.04
CA GLY H 104 14.37 13.89 -65.02
C GLY H 104 15.44 14.08 -63.96
N PRO H 105 15.25 13.47 -62.78
CA PRO H 105 16.27 13.56 -61.72
C PRO H 105 17.45 12.63 -61.97
N ALA H 106 18.64 13.07 -61.56
CA ALA H 106 19.86 12.26 -61.64
C ALA H 106 21.01 12.95 -60.91
N ASP H 107 21.82 12.20 -60.17
CA ASP H 107 21.62 10.77 -59.95
C ASP H 107 21.08 10.49 -58.54
N GLY H 108 21.67 11.16 -57.56
CA GLY H 108 21.26 11.02 -56.17
C GLY H 108 22.32 11.47 -55.19
N LEU H 109 21.96 11.53 -53.92
CA LEU H 109 22.89 11.83 -52.84
C LEU H 109 23.02 10.64 -51.90
N ALA H 110 24.03 10.68 -51.03
CA ALA H 110 24.26 9.59 -50.08
C ALA H 110 24.98 10.05 -48.82
N PHE H 111 24.53 9.53 -47.68
CA PHE H 111 25.27 9.67 -46.42
C PHE H 111 26.34 8.58 -46.41
N VAL H 112 27.56 8.95 -46.03
CA VAL H 112 28.70 8.04 -46.14
C VAL H 112 29.61 7.97 -44.90
N LEU H 113 30.31 6.85 -44.76
CA LEU H 113 31.44 6.75 -43.86
C LEU H 113 32.66 6.35 -44.69
N LEU H 114 33.73 7.14 -44.62
CA LEU H 114 34.90 6.94 -45.47
C LEU H 114 36.21 7.04 -44.68
N PRO H 115 37.30 6.42 -45.20
CA PRO H 115 38.57 6.46 -44.48
C PRO H 115 39.16 7.86 -44.46
N VAL H 116 39.95 8.16 -43.43
CA VAL H 116 40.58 9.46 -43.27
C VAL H 116 41.51 9.76 -44.45
N GLY H 117 41.15 10.76 -45.24
CA GLY H 117 41.93 11.18 -46.41
C GLY H 117 41.35 10.77 -47.74
N SER H 118 40.16 10.16 -47.72
CA SER H 118 39.49 9.68 -48.93
C SER H 118 39.23 10.78 -49.96
N GLN H 119 39.33 10.42 -51.23
CA GLN H 119 39.24 11.38 -52.33
C GLN H 119 38.16 10.99 -53.33
N PRO H 120 37.47 11.99 -53.92
CA PRO H 120 36.32 11.77 -54.83
C PRO H 120 36.63 10.82 -55.99
N LYS H 121 35.73 9.87 -56.22
CA LYS H 121 35.91 8.87 -57.28
C LYS H 121 35.13 9.26 -58.54
N ASP H 122 34.69 8.26 -59.30
CA ASP H 122 33.99 8.51 -60.58
C ASP H 122 32.58 9.05 -60.37
N LYS H 123 32.22 10.05 -61.19
CA LYS H 123 30.91 10.71 -61.14
C LYS H 123 29.78 9.84 -61.72
N GLY H 124 28.64 10.47 -61.98
CA GLY H 124 27.50 9.80 -62.60
C GLY H 124 26.71 8.93 -61.63
N GLY H 125 26.41 7.70 -62.04
CA GLY H 125 25.69 6.75 -61.20
C GLY H 125 26.58 6.08 -60.16
N LEU H 126 27.84 6.49 -60.10
CA LEU H 126 28.79 5.96 -59.12
C LEU H 126 28.95 6.85 -57.88
N LEU H 127 28.19 7.95 -57.86
CA LEU H 127 28.04 8.84 -56.70
C LEU H 127 29.35 9.37 -56.10
N GLY H 128 30.44 9.26 -56.84
CA GLY H 128 31.76 9.70 -56.37
C GLY H 128 32.31 8.86 -55.25
N LEU H 129 31.93 7.58 -55.24
CA LEU H 129 32.40 6.64 -54.22
C LEU H 129 33.14 5.46 -54.84
N PHE H 130 32.76 5.11 -56.06
CA PHE H 130 33.31 3.93 -56.75
C PHE H 130 33.82 4.25 -58.16
N ASN H 131 34.53 3.29 -58.75
CA ASN H 131 35.07 3.42 -60.11
C ASN H 131 34.36 2.52 -61.12
N ASN H 132 33.79 1.42 -60.63
CA ASN H 132 33.05 0.47 -61.46
C ASN H 132 31.91 -0.17 -60.68
N TYR H 133 30.99 -0.83 -61.37
CA TYR H 133 29.86 -1.49 -60.71
C TYR H 133 30.15 -2.93 -60.26
N LYS H 134 31.38 -3.17 -59.82
CA LYS H 134 31.78 -4.45 -59.28
C LYS H 134 32.24 -4.28 -57.84
N TYR H 135 31.96 -5.28 -57.01
CA TYR H 135 32.36 -5.26 -55.60
C TYR H 135 33.85 -4.99 -55.46
N ASP H 136 34.21 -4.12 -54.52
CA ASP H 136 35.61 -3.78 -54.25
C ASP H 136 35.87 -3.76 -52.74
N SER H 137 36.47 -4.84 -52.23
CA SER H 137 36.75 -4.94 -50.80
C SER H 137 37.84 -3.99 -50.31
N ASN H 138 38.47 -3.28 -51.24
CA ASN H 138 39.48 -2.27 -50.91
C ASN H 138 38.91 -0.85 -50.84
N ALA H 139 37.60 -0.72 -51.11
CA ALA H 139 36.93 0.57 -51.09
C ALA H 139 36.71 1.12 -49.68
N HIS H 140 36.45 0.21 -48.73
CA HIS H 140 36.14 0.56 -47.34
C HIS H 140 34.99 1.56 -47.25
N THR H 141 33.84 1.19 -47.78
CA THR H 141 32.72 2.11 -47.95
C THR H 141 31.35 1.56 -47.46
N VAL H 142 30.85 2.15 -46.39
CA VAL H 142 29.47 1.95 -45.94
C VAL H 142 28.72 3.26 -46.15
N ALA H 143 27.56 3.18 -46.80
CA ALA H 143 26.83 4.37 -47.19
C ALA H 143 25.35 4.09 -47.37
N VAL H 144 24.53 5.11 -47.11
CA VAL H 144 23.10 5.03 -47.37
C VAL H 144 22.76 5.94 -48.54
N GLU H 145 22.29 5.32 -49.63
CA GLU H 145 22.07 6.03 -50.90
C GLU H 145 20.61 6.39 -51.16
N PHE H 146 20.42 7.52 -51.83
CA PHE H 146 19.12 7.98 -52.28
C PHE H 146 19.16 8.16 -53.79
N ASP H 147 18.62 7.18 -54.50
CA ASP H 147 18.82 7.02 -55.94
C ASP H 147 17.59 7.47 -56.71
N THR H 148 17.78 8.45 -57.60
CA THR H 148 16.69 9.04 -58.37
C THR H 148 16.72 8.62 -59.85
N LEU H 149 17.87 8.13 -60.31
CA LEU H 149 17.97 7.59 -61.66
C LEU H 149 18.35 6.11 -61.67
N TYR H 150 17.53 5.32 -62.36
CA TYR H 150 17.74 3.89 -62.53
C TYR H 150 18.89 3.62 -63.50
N ASN H 151 19.86 2.84 -63.05
CA ASN H 151 20.94 2.35 -63.90
C ASN H 151 20.69 0.88 -64.23
N VAL H 152 20.74 0.54 -65.51
CA VAL H 152 20.36 -0.80 -65.98
C VAL H 152 21.23 -1.93 -65.41
N HIS H 153 22.48 -1.59 -65.05
CA HIS H 153 23.47 -2.60 -64.71
C HIS H 153 23.55 -3.02 -63.23
N TRP H 154 22.90 -2.28 -62.33
CA TRP H 154 22.94 -2.64 -60.90
C TRP H 154 21.74 -2.24 -60.04
N ASP H 155 21.07 -1.14 -60.40
CA ASP H 155 19.92 -0.63 -59.65
C ASP H 155 18.63 -1.37 -59.99
N PRO H 156 17.69 -1.44 -59.02
CA PRO H 156 16.33 -1.88 -59.35
C PRO H 156 15.56 -0.78 -60.10
N LYS H 157 14.44 -1.15 -60.70
CA LYS H 157 13.73 -0.26 -61.62
C LYS H 157 13.14 1.03 -60.98
N PRO H 158 12.35 0.91 -59.89
CA PRO H 158 11.86 2.13 -59.24
C PRO H 158 12.95 2.86 -58.45
N ARG H 159 12.74 4.15 -58.20
CA ARG H 159 13.66 4.97 -57.41
C ARG H 159 13.74 4.44 -55.99
N HIS H 160 14.92 4.44 -55.40
CA HIS H 160 15.15 3.65 -54.19
C HIS H 160 16.05 4.27 -53.13
N ILE H 161 15.82 3.84 -51.89
CA ILE H 161 16.75 4.02 -50.79
C ILE H 161 17.50 2.70 -50.66
N GLY H 162 18.83 2.75 -50.70
CA GLY H 162 19.64 1.55 -50.61
C GLY H 162 20.75 1.62 -49.58
N ILE H 163 21.23 0.45 -49.17
CA ILE H 163 22.36 0.34 -48.24
C ILE H 163 23.61 -0.16 -48.97
N ASP H 164 24.63 0.68 -49.03
CA ASP H 164 25.84 0.37 -49.77
C ASP H 164 26.93 -0.16 -48.85
N VAL H 165 27.47 -1.32 -49.21
CA VAL H 165 28.64 -1.88 -48.54
C VAL H 165 29.68 -2.28 -49.58
N ASN H 166 30.74 -1.47 -49.70
CA ASN H 166 31.86 -1.69 -50.63
C ASN H 166 31.49 -1.88 -52.12
N SER H 167 30.30 -1.40 -52.51
CA SER H 167 29.79 -1.58 -53.89
C SER H 167 28.58 -0.70 -54.17
N ILE H 168 28.56 -0.11 -55.37
CA ILE H 168 27.42 0.70 -55.83
C ILE H 168 26.12 -0.13 -55.96
N LYS H 169 26.28 -1.46 -55.99
CA LYS H 169 25.14 -2.35 -55.87
C LYS H 169 24.81 -2.48 -54.38
N SER H 170 23.57 -2.16 -54.04
CA SER H 170 23.14 -2.15 -52.64
C SER H 170 22.81 -3.54 -52.16
N ILE H 171 23.12 -3.83 -50.90
CA ILE H 171 22.80 -5.13 -50.31
C ILE H 171 21.30 -5.28 -50.01
N LYS H 172 20.62 -4.16 -49.77
CA LYS H 172 19.16 -4.13 -49.65
C LYS H 172 18.60 -2.76 -50.06
N THR H 173 17.42 -2.76 -50.68
CA THR H 173 16.73 -1.53 -51.06
C THR H 173 15.22 -1.60 -50.80
N THR H 174 14.61 -0.42 -50.68
CA THR H 174 13.15 -0.29 -50.63
C THR H 174 12.68 0.75 -51.64
N THR H 175 11.45 0.58 -52.13
CA THR H 175 10.87 1.52 -53.09
C THR H 175 10.75 2.90 -52.42
N TRP H 176 11.06 3.95 -53.18
CA TRP H 176 11.00 5.33 -52.70
C TRP H 176 10.25 6.25 -53.67
N ASP H 177 9.02 6.61 -53.31
CA ASP H 177 8.20 7.51 -54.12
C ASP H 177 8.72 8.94 -54.06
N PHE H 178 9.73 9.21 -54.88
CA PHE H 178 10.39 10.51 -54.94
C PHE H 178 9.49 11.57 -55.57
N VAL H 179 9.39 12.72 -54.89
CA VAL H 179 8.72 13.90 -55.41
C VAL H 179 9.71 15.05 -55.39
N LYS H 180 9.84 15.75 -56.52
CA LYS H 180 10.81 16.85 -56.65
C LYS H 180 10.45 18.07 -55.81
N GLY H 181 11.47 18.73 -55.29
CA GLY H 181 11.30 19.99 -54.55
C GLY H 181 10.63 19.89 -53.19
N GLU H 182 10.53 18.67 -52.67
CA GLU H 182 9.97 18.44 -51.34
C GLU H 182 11.05 18.16 -50.31
N ASN H 183 10.86 18.71 -49.12
CA ASN H 183 11.76 18.48 -48.00
C ASN H 183 11.64 17.05 -47.51
N ALA H 184 12.78 16.37 -47.40
CA ALA H 184 12.82 14.98 -47.00
C ALA H 184 13.65 14.80 -45.74
N GLU H 185 13.01 14.26 -44.69
CA GLU H 185 13.67 14.03 -43.40
C GLU H 185 14.17 12.58 -43.31
N VAL H 186 15.47 12.43 -43.09
CA VAL H 186 16.10 11.12 -43.07
C VAL H 186 16.63 10.77 -41.68
N LEU H 187 16.34 9.54 -41.26
CA LEU H 187 16.89 8.99 -40.02
C LEU H 187 17.63 7.67 -40.27
N ILE H 188 18.91 7.66 -39.90
CA ILE H 188 19.77 6.48 -40.04
C ILE H 188 20.33 6.03 -38.68
N THR H 189 19.90 4.86 -38.22
CA THR H 189 20.39 4.28 -36.97
C THR H 189 21.19 3.01 -37.18
N TYR H 190 22.30 2.89 -36.45
CA TYR H 190 23.09 1.68 -36.42
C TYR H 190 23.29 1.16 -34.99
N ASP H 191 22.89 -0.09 -34.78
CA ASP H 191 23.10 -0.78 -33.50
C ASP H 191 24.23 -1.82 -33.64
N SER H 192 25.36 -1.55 -32.98
CA SER H 192 26.54 -2.42 -33.10
C SER H 192 26.36 -3.80 -32.47
N SER H 193 25.49 -3.90 -31.47
CA SER H 193 25.21 -5.19 -30.81
C SER H 193 24.43 -6.12 -31.73
N THR H 194 23.51 -5.57 -32.52
CA THR H 194 22.75 -6.37 -33.49
C THR H 194 23.31 -6.24 -34.90
N LYS H 195 24.29 -5.33 -35.08
CA LYS H 195 24.90 -5.01 -36.37
C LYS H 195 23.91 -4.48 -37.42
N LEU H 196 22.71 -4.11 -36.97
CA LEU H 196 21.62 -3.71 -37.85
C LEU H 196 21.65 -2.21 -38.17
N LEU H 197 21.52 -1.90 -39.47
CA LEU H 197 21.55 -0.53 -39.98
C LEU H 197 20.22 -0.20 -40.63
N VAL H 198 19.45 0.65 -39.96
CA VAL H 198 18.12 1.03 -40.43
C VAL H 198 18.16 2.44 -41.00
N ALA H 199 17.44 2.66 -42.10
CA ALA H 199 17.34 3.98 -42.71
C ALA H 199 15.91 4.29 -43.10
N SER H 200 15.42 5.45 -42.67
CA SER H 200 14.06 5.89 -42.98
C SER H 200 14.02 7.30 -43.54
N LEU H 201 13.06 7.54 -44.41
CA LEU H 201 12.85 8.85 -45.01
C LEU H 201 11.37 9.21 -44.97
N VAL H 202 11.08 10.41 -44.48
CA VAL H 202 9.70 10.92 -44.49
C VAL H 202 9.58 12.22 -45.31
N TYR H 203 8.40 12.42 -45.89
CA TYR H 203 8.02 13.70 -46.49
C TYR H 203 7.00 14.33 -45.56
N PRO H 204 7.44 15.25 -44.68
CA PRO H 204 6.57 15.88 -43.69
C PRO H 204 5.22 16.36 -44.26
N SER H 205 5.27 17.20 -45.30
CA SER H 205 4.04 17.76 -45.89
C SER H 205 3.24 16.76 -46.74
N LEU H 206 3.91 15.74 -47.26
CA LEU H 206 3.22 14.71 -48.05
C LEU H 206 2.79 13.50 -47.22
N LYS H 207 3.14 13.51 -45.93
CA LYS H 207 2.75 12.45 -44.98
C LYS H 207 3.18 11.02 -45.40
N THR H 208 4.25 10.91 -46.19
CA THR H 208 4.72 9.61 -46.66
C THR H 208 5.99 9.16 -45.93
N SER H 209 6.24 7.86 -45.93
CA SER H 209 7.34 7.27 -45.17
C SER H 209 7.91 6.00 -45.82
N PHE H 210 9.24 5.86 -45.75
CA PHE H 210 9.96 4.73 -46.35
C PHE H 210 11.11 4.27 -45.48
N ILE H 211 11.28 2.95 -45.37
CA ILE H 211 12.23 2.36 -44.43
C ILE H 211 12.87 1.08 -44.97
N VAL H 212 14.20 1.01 -44.86
CA VAL H 212 14.95 -0.21 -45.19
C VAL H 212 15.99 -0.51 -44.09
N SER H 213 16.28 -1.79 -43.88
CA SER H 213 17.18 -2.22 -42.82
C SER H 213 17.94 -3.48 -43.20
N ASP H 214 19.20 -3.53 -42.77
CA ASP H 214 20.07 -4.67 -43.03
C ASP H 214 21.21 -4.70 -42.03
N THR H 215 21.76 -5.89 -41.80
CA THR H 215 22.96 -6.04 -40.97
C THR H 215 24.18 -5.69 -41.78
N VAL H 216 25.11 -4.99 -41.15
CA VAL H 216 26.36 -4.57 -41.77
C VAL H 216 27.45 -4.70 -40.73
N ASP H 217 28.43 -5.58 -40.98
CA ASP H 217 29.53 -5.78 -40.06
C ASP H 217 30.59 -4.71 -40.28
N LEU H 218 30.55 -3.68 -39.44
CA LEU H 218 31.42 -2.51 -39.63
C LEU H 218 32.89 -2.76 -39.31
N LYS H 219 33.16 -3.82 -38.53
CA LYS H 219 34.53 -4.14 -38.13
C LYS H 219 35.35 -4.71 -39.30
N SER H 220 34.66 -5.37 -40.23
CA SER H 220 35.31 -5.96 -41.40
C SER H 220 35.46 -4.99 -42.56
N VAL H 221 34.59 -3.97 -42.62
CA VAL H 221 34.53 -3.09 -43.78
C VAL H 221 35.29 -1.78 -43.59
N LEU H 222 34.94 -1.02 -42.55
CA LEU H 222 35.52 0.29 -42.29
C LEU H 222 36.77 0.23 -41.41
N PRO H 223 37.72 1.16 -41.62
CA PRO H 223 38.86 1.31 -40.71
C PRO H 223 38.44 1.84 -39.35
N GLU H 224 39.31 1.64 -38.36
CA GLU H 224 39.13 2.14 -36.99
C GLU H 224 38.45 3.51 -36.93
N TRP H 225 38.99 4.45 -37.70
CA TRP H 225 38.48 5.82 -37.75
C TRP H 225 37.96 6.12 -39.15
N VAL H 226 36.94 6.97 -39.21
CA VAL H 226 36.32 7.36 -40.48
C VAL H 226 35.95 8.85 -40.50
N ILE H 227 35.58 9.35 -41.67
CA ILE H 227 35.00 10.68 -41.78
C ILE H 227 33.54 10.58 -42.20
N VAL H 228 32.66 11.18 -41.40
CA VAL H 228 31.22 11.17 -41.69
C VAL H 228 30.81 12.38 -42.51
N GLY H 229 29.92 12.16 -43.47
CA GLY H 229 29.46 13.24 -44.34
C GLY H 229 28.59 12.80 -45.51
N PHE H 230 28.61 13.61 -46.57
CA PHE H 230 27.71 13.44 -47.70
C PHE H 230 28.41 13.47 -49.05
N THR H 231 27.72 12.95 -50.06
CA THR H 231 28.18 12.97 -51.45
C THR H 231 26.98 13.00 -52.38
N ALA H 232 27.14 13.68 -53.52
CA ALA H 232 26.08 13.75 -54.53
C ALA H 232 26.63 13.98 -55.95
N THR H 233 25.89 13.49 -56.94
CA THR H 233 26.27 13.61 -58.34
C THR H 233 25.07 13.86 -59.25
N THR H 234 25.28 14.72 -60.25
CA THR H 234 24.28 14.97 -61.29
C THR H 234 24.54 14.13 -62.54
N GLY H 235 23.50 14.00 -63.37
CA GLY H 235 23.59 13.27 -64.63
C GLY H 235 24.57 13.89 -65.62
N ILE H 236 25.17 13.03 -66.44
CA ILE H 236 26.13 13.46 -67.46
C ILE H 236 25.44 13.71 -68.81
N THR H 237 24.21 13.22 -68.93
CA THR H 237 23.43 13.36 -70.16
C THR H 237 22.32 14.41 -69.98
N LYS H 238 22.01 15.13 -71.04
CA LYS H 238 20.99 16.19 -71.01
C LYS H 238 19.58 15.61 -70.78
N GLY H 239 18.81 16.29 -69.95
CA GLY H 239 17.46 15.83 -69.57
C GLY H 239 17.45 15.00 -68.30
N ASN H 240 18.60 14.93 -67.63
CA ASN H 240 18.74 14.18 -66.38
C ASN H 240 19.55 14.95 -65.33
N VAL H 241 18.88 15.85 -64.62
CA VAL H 241 19.55 16.74 -63.69
C VAL H 241 18.69 17.00 -62.44
N GLU H 242 19.36 17.30 -61.32
CA GLU H 242 18.70 17.61 -60.04
C GLU H 242 19.58 18.45 -59.12
N THR H 243 18.93 19.07 -58.13
CA THR H 243 19.64 19.77 -57.06
C THR H 243 19.85 18.82 -55.88
N ASN H 244 20.94 19.01 -55.15
CA ASN H 244 21.26 18.19 -53.98
C ASN H 244 21.69 19.03 -52.78
N ASP H 245 20.69 19.46 -52.01
CA ASP H 245 20.90 20.40 -50.91
C ASP H 245 20.59 19.78 -49.55
N ILE H 246 21.57 19.81 -48.65
CA ILE H 246 21.38 19.40 -47.26
C ILE H 246 21.04 20.65 -46.43
N LEU H 247 19.87 20.64 -45.79
CA LEU H 247 19.37 21.81 -45.07
C LEU H 247 19.76 21.81 -43.58
N SER H 248 19.67 20.64 -42.94
CA SER H 248 20.08 20.48 -41.53
C SER H 248 20.62 19.08 -41.29
N TRP H 249 21.63 18.97 -40.42
CA TRP H 249 22.31 17.70 -40.19
C TRP H 249 22.60 17.47 -38.70
N SER H 250 22.26 16.27 -38.22
CA SER H 250 22.54 15.84 -36.85
C SER H 250 23.19 14.47 -36.85
N PHE H 251 24.26 14.32 -36.06
CA PHE H 251 24.98 13.06 -35.97
C PHE H 251 25.39 12.77 -34.53
N ALA H 252 25.16 11.53 -34.09
CA ALA H 252 25.60 11.05 -32.79
C ALA H 252 26.24 9.68 -32.90
N SER H 253 27.31 9.45 -32.13
CA SER H 253 27.97 8.14 -32.08
C SER H 253 28.61 7.85 -30.73
N LYS H 254 28.49 6.60 -30.30
CA LYS H 254 28.97 6.17 -28.99
C LYS H 254 29.79 4.89 -29.11
N LEU H 255 30.97 4.89 -28.49
CA LEU H 255 31.88 3.74 -28.49
C LEU H 255 32.37 3.44 -27.08
N SER H 256 32.20 2.19 -26.65
CA SER H 256 32.61 1.75 -25.32
C SER H 256 34.07 1.30 -25.27
N ASP H 257 34.79 1.73 -24.23
CA ASP H 257 36.17 1.30 -23.99
C ASP H 257 36.30 0.44 -22.73
N GLY H 258 35.20 0.28 -22.00
CA GLY H 258 35.18 -0.47 -20.75
C GLY H 258 35.64 0.34 -19.56
N THR H 259 35.16 1.58 -19.47
CA THR H 259 35.54 2.55 -18.42
C THR H 259 37.02 2.95 -18.48
#